data_7L7I
#
_entry.id   7L7I
#
loop_
_entity.id
_entity.type
_entity.pdbx_description
1 polymer 'Peptidyl-prolyl cis-trans isomerase FKBP5'
2 polymer 'Heat shock protein HSP 90-alpha'
3 polymer 'Prostaglandin E synthase 3'
4 non-polymer 'PHOSPHOAMINOPHOSPHONIC ACID-ADENYLATE ESTER'
#
loop_
_entity_poly.entity_id
_entity_poly.type
_entity_poly.pdbx_seq_one_letter_code
_entity_poly.pdbx_strand_id
1 'polypeptide(L)'
;MTTDEGAKNNEESPTATVAEQGEDITSKKDRGVLKIVKRVGNGEETPMIGDKVYVHYKGKLSNGKKFDSSHDRNEPFVFS
LGKGQVIKAWDIGVATMKKGEICHLLCKPEYAYGSAGSLPKIPSNATLFFEIELLDFKGEDLFEDGGIIRRTKRKGEGYS
NPNEGATVEIHLEGRCGGRMFDCRDVAFTVGEGEDHDIPIGIDKALEKMQREEQCILYLGPRYGFGEAGKPKFGIEPNAE
LIYEVTLKSFEKAKESWEMDTKEKLEQAAIVKEKGTVYFKGGKYMQAVIQYGKIVSWLEMEYGLSEKESKASESFLLAAF
LNLAMCYLKLREYTKAVECCDKALGLDSANEKGLYRRGEAQLLMNEFESAKGDFEKVLEVNPQNKAARLQISMCQKKAKE
HNERDRRIYANMFKKFAEQDAKEEANKAMGKKTSEGVTNEKGTDSQAMEEEKPEGHV
;
C
2 'polypeptide(L)'
;MPEETQTQDQPMEEEEVETFAFQAEIAQLMSLIINTFYSNKEIFLRELISNSSDALDKIRYESLTDPSKLDSGKELHINL
IPNKQDRTLTIVDTGIGMTKADLINNLGTIAKSGTKAFMEALQAGADISMIGQFGVGFYSAYLVAEKVTVITKHNDDEQY
AWESSAGGSFTVRTDTGEPMGRGTKVILHLKEDQTEYLEERRIKEIVKKHSQFIGYPITLFVEKERDKEVSDDEAEEKED
KEEEKEKEEKESEDKPEIEDVGSDEEEEKKDGDKKKKKKIKEKYIDQEELNKTKPIWTRNPDDITNEEYGEFYKSLTNDW
EDHLAVKHFSVEGQLEFRALLFVPRRAPFDLFENRKKKNNIKLYVRRVFIMDNCEELIPEYLNFIRGVVDSEDLPLNISR
EMLQQSKILKVIRKNLVKKCLELFTELAEDKENYKKFYEQFSKNIKLGIHEDSQNRKKLSELLRYYTSASGDEMVSLKDY
CTRMKENQKHIYYITGETKDQVANSAFVERLRKHGLEVIYMIEPIDEYCVQQLKEFEGKTLVSVTKEGLELPEDEEEKKK
QEEKKTKFENLCKIMKDILEKKVEKVVVSNRLVTSPCCIVTSTYGWTANMERIMKAQALRDNSTMGYMAAKKHLEINPDH
SIIETLRQKAEADKNDKSVKDLVILLYETALLSSGFSLEDPQTHANRIYRMIKLGLGIDEDDPTADDTSAAVTEEMPPLE
GDDDTSRMEEVD
;
A,B
3 'polypeptide(L)'
;MQPASAKWYDRRDYVFIEFCVEDSKDVNVNFEKSKLTFSCLGGSDNFKHLNEIDLFHCIDPNDSKHKRTDRSILCCLRKG
ESGQSWPRLTKERAKLNWLSVDFNNWKDWEDDSDEDMSNFDRFSEMMNNMGGDEDVDLPEVDGADDDSQDSDDEKMPDLE
;
E
#
loop_
_chem_comp.id
_chem_comp.type
_chem_comp.name
_chem_comp.formula
ANP non-polymer 'PHOSPHOAMINOPHOSPHONIC ACID-ADENYLATE ESTER' 'C10 H17 N6 O12 P3'
#
# COMPACT_ATOMS: atom_id res chain seq x y z
N SER A 13 -33.58 -7.63 5.56
CA SER A 13 -33.05 -7.31 4.23
C SER A 13 -33.56 -5.95 3.74
N PRO A 14 -32.91 -4.83 4.13
CA PRO A 14 -33.41 -3.48 3.80
C PRO A 14 -33.39 -3.20 2.30
N THR A 15 -32.34 -3.65 1.62
CA THR A 15 -32.18 -3.54 0.15
C THR A 15 -33.22 -4.36 -0.61
N ALA A 16 -33.64 -5.52 -0.11
CA ALA A 16 -34.77 -6.26 -0.69
C ALA A 16 -36.13 -5.60 -0.40
N THR A 17 -36.27 -4.93 0.76
CA THR A 17 -37.54 -4.31 1.20
C THR A 17 -37.88 -3.06 0.37
N VAL A 18 -36.89 -2.24 0.04
CA VAL A 18 -37.09 -0.99 -0.73
C VAL A 18 -37.53 -1.23 -2.18
N ALA A 19 -37.47 -2.48 -2.68
CA ALA A 19 -38.01 -2.87 -3.98
C ALA A 19 -39.52 -2.56 -4.17
N GLU A 20 -40.30 -2.47 -3.08
CA GLU A 20 -41.76 -2.29 -3.12
C GLU A 20 -42.32 -1.31 -2.06
N GLN A 21 -41.47 -0.55 -1.36
CA GLN A 21 -41.85 0.32 -0.24
C GLN A 21 -41.06 1.63 -0.20
N GLY A 22 -41.65 2.67 0.41
CA GLY A 22 -41.04 3.98 0.63
C GLY A 22 -41.81 5.16 0.02
N GLU A 23 -41.33 6.38 0.26
CA GLU A 23 -41.81 7.60 -0.41
C GLU A 23 -41.31 7.63 -1.87
N ASP A 24 -42.20 7.93 -2.83
CA ASP A 24 -41.78 8.18 -4.22
C ASP A 24 -41.18 9.58 -4.35
N ILE A 25 -39.87 9.59 -4.55
CA ILE A 25 -39.03 10.77 -4.65
C ILE A 25 -38.67 11.13 -6.10
N THR A 26 -39.15 10.38 -7.10
CA THR A 26 -38.91 10.70 -8.52
C THR A 26 -39.59 12.00 -8.97
N SER A 27 -38.91 12.75 -9.84
CA SER A 27 -39.44 13.92 -10.56
C SER A 27 -40.66 13.58 -11.42
N LYS A 28 -40.75 12.34 -11.91
CA LYS A 28 -41.84 11.78 -12.73
C LYS A 28 -43.00 11.16 -11.93
N LYS A 29 -42.84 10.94 -10.62
CA LYS A 29 -43.75 10.15 -9.75
C LYS A 29 -44.06 8.75 -10.32
N ASP A 30 -43.00 8.08 -10.78
CA ASP A 30 -43.00 6.85 -11.57
C ASP A 30 -42.73 5.56 -10.76
N ARG A 31 -42.55 5.71 -9.45
CA ARG A 31 -42.07 4.65 -8.52
C ARG A 31 -40.66 4.06 -8.87
N GLY A 32 -39.88 4.76 -9.72
CA GLY A 32 -38.53 4.37 -10.16
C GLY A 32 -37.44 4.49 -9.09
N VAL A 33 -37.68 5.32 -8.08
CA VAL A 33 -36.77 5.62 -6.96
C VAL A 33 -37.65 5.82 -5.72
N LEU A 34 -37.49 4.96 -4.73
CA LEU A 34 -38.23 4.99 -3.47
C LEU A 34 -37.25 5.10 -2.29
N LYS A 35 -37.66 5.78 -1.21
CA LYS A 35 -36.90 5.79 0.05
C LYS A 35 -37.71 5.29 1.26
N ILE A 36 -37.18 4.33 2.02
CA ILE A 36 -37.71 3.94 3.35
C ILE A 36 -36.92 4.70 4.40
N VAL A 37 -37.50 5.76 4.99
CA VAL A 37 -36.80 6.57 5.98
C VAL A 37 -36.86 5.92 7.38
N LYS A 38 -35.69 5.63 7.96
CA LYS A 38 -35.53 5.08 9.32
C LYS A 38 -35.18 6.14 10.38
N ARG A 39 -34.71 7.31 9.93
CA ARG A 39 -34.43 8.48 10.76
C ARG A 39 -34.65 9.76 9.90
N VAL A 40 -35.71 10.55 10.17
CA VAL A 40 -35.93 11.78 9.38
C VAL A 40 -34.92 12.86 9.80
N GLY A 41 -34.27 13.49 8.83
CA GLY A 41 -33.22 14.49 9.07
C GLY A 41 -33.72 15.88 9.48
N ASN A 42 -32.77 16.76 9.79
CA ASN A 42 -32.96 18.16 10.18
C ASN A 42 -33.08 19.11 8.98
N GLY A 43 -33.85 20.19 9.16
CA GLY A 43 -34.19 21.18 8.13
C GLY A 43 -35.30 20.70 7.17
N GLU A 44 -36.16 21.60 6.70
CA GLU A 44 -37.18 21.30 5.68
C GLU A 44 -36.65 21.37 4.24
N GLU A 45 -35.52 22.04 4.01
CA GLU A 45 -34.84 22.03 2.72
C GLU A 45 -34.24 20.66 2.41
N THR A 46 -34.39 20.18 1.17
CA THR A 46 -33.63 19.05 0.61
C THR A 46 -32.93 19.52 -0.68
N PRO A 47 -31.77 18.95 -1.05
CA PRO A 47 -30.88 19.56 -2.03
C PRO A 47 -31.49 19.93 -3.39
N MET A 48 -30.88 20.96 -3.98
CA MET A 48 -31.29 21.68 -5.17
C MET A 48 -30.25 21.54 -6.28
N ILE A 49 -30.64 21.79 -7.53
CA ILE A 49 -29.72 21.74 -8.67
C ILE A 49 -28.56 22.73 -8.47
N GLY A 50 -27.33 22.27 -8.72
CA GLY A 50 -26.09 23.00 -8.46
C GLY A 50 -25.53 22.94 -7.03
N ASP A 51 -26.22 22.35 -6.05
CA ASP A 51 -25.65 22.12 -4.71
C ASP A 51 -24.51 21.09 -4.72
N LYS A 52 -23.46 21.31 -3.92
CA LYS A 52 -22.52 20.26 -3.50
C LYS A 52 -23.11 19.48 -2.33
N VAL A 53 -23.26 18.16 -2.44
CA VAL A 53 -23.95 17.32 -1.43
C VAL A 53 -23.17 16.07 -1.07
N TYR A 54 -23.16 15.71 0.21
CA TYR A 54 -22.29 14.69 0.79
C TYR A 54 -23.14 13.58 1.42
N VAL A 55 -23.01 12.34 0.94
CA VAL A 55 -23.87 11.22 1.36
C VAL A 55 -23.08 9.93 1.60
N HIS A 56 -23.34 9.25 2.72
CA HIS A 56 -22.94 7.86 2.94
C HIS A 56 -23.87 6.89 2.19
N TYR A 57 -23.26 5.97 1.46
CA TYR A 57 -23.91 4.91 0.69
C TYR A 57 -23.20 3.59 0.98
N LYS A 58 -23.97 2.51 1.09
CA LYS A 58 -23.57 1.11 0.90
C LYS A 58 -24.58 0.46 -0.06
N GLY A 59 -24.15 -0.39 -0.99
CA GLY A 59 -24.97 -0.77 -2.15
C GLY A 59 -24.88 -2.23 -2.60
N LYS A 60 -26.02 -2.74 -3.06
CA LYS A 60 -26.27 -4.12 -3.52
C LYS A 60 -27.14 -4.11 -4.79
N LEU A 61 -27.23 -5.25 -5.48
CA LEU A 61 -27.68 -5.34 -6.87
C LEU A 61 -28.64 -6.51 -7.12
N SER A 62 -29.40 -6.45 -8.22
CA SER A 62 -30.36 -7.49 -8.62
C SER A 62 -29.74 -8.83 -9.02
N ASN A 63 -28.42 -8.90 -9.24
CA ASN A 63 -27.64 -10.14 -9.39
C ASN A 63 -27.06 -10.67 -8.05
N GLY A 64 -27.41 -10.05 -6.92
CA GLY A 64 -26.92 -10.38 -5.57
C GLY A 64 -25.50 -9.88 -5.25
N LYS A 65 -24.92 -9.01 -6.09
CA LYS A 65 -23.55 -8.51 -5.94
C LYS A 65 -23.50 -7.09 -5.35
N LYS A 66 -22.31 -6.68 -4.90
CA LYS A 66 -22.03 -5.34 -4.34
C LYS A 66 -21.89 -4.27 -5.42
N PHE A 67 -22.40 -3.07 -5.18
CA PHE A 67 -22.19 -1.90 -6.06
C PHE A 67 -20.86 -1.17 -5.72
N ASP A 68 -20.93 -0.19 -4.83
CA ASP A 68 -19.86 0.69 -4.38
C ASP A 68 -20.30 1.37 -3.06
N SER A 69 -19.36 1.87 -2.28
CA SER A 69 -19.63 2.42 -0.94
C SER A 69 -18.74 3.61 -0.57
N SER A 70 -19.36 4.67 -0.05
CA SER A 70 -18.69 5.77 0.66
C SER A 70 -18.60 5.48 2.16
N HIS A 71 -19.50 4.65 2.69
CA HIS A 71 -19.52 4.22 4.08
C HIS A 71 -18.24 3.42 4.43
N ASP A 72 -17.76 2.59 3.51
CA ASP A 72 -16.55 1.77 3.66
C ASP A 72 -15.25 2.58 3.75
N ARG A 73 -15.20 3.79 3.16
CA ARG A 73 -14.04 4.70 3.28
C ARG A 73 -14.17 5.72 4.42
N ASN A 74 -15.28 5.69 5.16
CA ASN A 74 -15.66 6.64 6.21
C ASN A 74 -15.69 8.13 5.76
N GLU A 75 -15.88 8.36 4.45
CA GLU A 75 -16.06 9.71 3.88
C GLU A 75 -17.16 9.68 2.80
N PRO A 76 -18.13 10.61 2.81
CA PRO A 76 -19.25 10.65 1.88
C PRO A 76 -18.85 10.71 0.40
N PHE A 77 -19.71 10.19 -0.47
CA PHE A 77 -19.69 10.49 -1.90
C PHE A 77 -20.23 11.92 -2.12
N VAL A 78 -19.63 12.66 -3.04
CA VAL A 78 -19.97 14.07 -3.32
C VAL A 78 -20.71 14.23 -4.65
N PHE A 79 -21.82 14.95 -4.64
CA PHE A 79 -22.77 15.10 -5.76
C PHE A 79 -22.95 16.56 -6.18
N SER A 80 -23.25 16.81 -7.46
CA SER A 80 -23.61 18.11 -8.02
C SER A 80 -24.91 17.97 -8.85
N LEU A 81 -26.05 18.33 -8.25
CA LEU A 81 -27.36 17.98 -8.80
C LEU A 81 -27.66 18.70 -10.13
N GLY A 82 -28.41 18.02 -11.01
CA GLY A 82 -28.66 18.45 -12.40
C GLY A 82 -27.58 18.02 -13.39
N LYS A 83 -26.30 17.93 -12.95
CA LYS A 83 -25.22 17.25 -13.69
C LYS A 83 -25.02 15.80 -13.23
N GLY A 84 -25.30 15.54 -11.95
CA GLY A 84 -25.27 14.22 -11.32
C GLY A 84 -23.85 13.70 -11.04
N GLN A 85 -23.75 12.44 -10.61
CA GLN A 85 -22.46 11.77 -10.34
C GLN A 85 -22.28 10.44 -11.08
N VAL A 86 -23.20 9.48 -10.91
CA VAL A 86 -22.98 8.07 -11.33
C VAL A 86 -24.26 7.24 -11.53
N ILE A 87 -25.33 7.51 -10.78
CA ILE A 87 -26.63 6.83 -10.87
C ILE A 87 -27.74 7.90 -10.75
N LYS A 88 -28.74 7.91 -11.64
CA LYS A 88 -29.85 8.89 -11.58
C LYS A 88 -30.70 8.72 -10.33
N ALA A 89 -30.91 7.49 -9.86
CA ALA A 89 -31.52 7.24 -8.55
C ALA A 89 -30.67 7.73 -7.36
N TRP A 90 -29.34 7.79 -7.46
CA TRP A 90 -28.52 8.44 -6.43
C TRP A 90 -28.70 9.96 -6.48
N ASP A 91 -28.79 10.56 -7.66
CA ASP A 91 -29.06 12.00 -7.81
C ASP A 91 -30.44 12.38 -7.21
N ILE A 92 -31.48 11.59 -7.50
CA ILE A 92 -32.82 11.74 -6.91
C ILE A 92 -32.81 11.44 -5.39
N GLY A 93 -32.12 10.38 -4.96
CA GLY A 93 -31.95 10.00 -3.56
C GLY A 93 -31.21 11.06 -2.74
N VAL A 94 -30.27 11.77 -3.35
CA VAL A 94 -29.58 12.94 -2.78
C VAL A 94 -30.55 14.12 -2.67
N ALA A 95 -31.20 14.52 -3.77
CA ALA A 95 -32.02 15.73 -3.87
C ALA A 95 -33.23 15.80 -2.89
N THR A 96 -33.61 14.66 -2.30
CA THR A 96 -34.83 14.50 -1.50
C THR A 96 -34.59 14.07 -0.06
N MET A 97 -33.35 14.19 0.47
CA MET A 97 -33.01 13.88 1.87
C MET A 97 -32.66 15.13 2.69
N LYS A 98 -33.09 15.15 3.95
CA LYS A 98 -32.76 16.15 4.98
C LYS A 98 -31.41 15.83 5.66
N LYS A 99 -30.79 16.78 6.38
CA LYS A 99 -29.47 16.55 7.01
C LYS A 99 -29.52 15.54 8.15
N GLY A 100 -28.66 14.52 8.10
CA GLY A 100 -28.68 13.40 9.05
C GLY A 100 -29.83 12.41 8.84
N GLU A 101 -30.57 12.49 7.72
CA GLU A 101 -31.60 11.52 7.37
C GLU A 101 -30.99 10.14 7.05
N ILE A 102 -31.51 9.06 7.63
CA ILE A 102 -31.13 7.66 7.33
C ILE A 102 -32.26 6.98 6.58
N CYS A 103 -31.97 6.33 5.46
CA CYS A 103 -32.97 5.60 4.69
C CYS A 103 -32.41 4.42 3.89
N HIS A 104 -33.30 3.56 3.39
CA HIS A 104 -32.99 2.60 2.34
C HIS A 104 -33.48 3.15 0.99
N LEU A 105 -32.74 2.94 -0.11
CA LEU A 105 -33.02 3.55 -1.42
C LEU A 105 -33.09 2.51 -2.57
N LEU A 106 -34.14 2.60 -3.39
CA LEU A 106 -34.32 1.83 -4.64
C LEU A 106 -33.77 2.55 -5.88
N CYS A 107 -33.34 1.79 -6.87
CA CYS A 107 -32.97 2.28 -8.21
C CYS A 107 -33.45 1.33 -9.31
N LYS A 108 -34.60 1.61 -9.94
CA LYS A 108 -35.10 0.85 -11.10
C LYS A 108 -34.26 1.10 -12.37
N PRO A 109 -34.28 0.22 -13.38
CA PRO A 109 -33.36 0.22 -14.53
C PRO A 109 -33.17 1.56 -15.25
N GLU A 110 -34.25 2.28 -15.55
CA GLU A 110 -34.21 3.59 -16.22
C GLU A 110 -33.50 4.68 -15.38
N TYR A 111 -33.43 4.47 -14.07
CA TYR A 111 -32.78 5.34 -13.08
C TYR A 111 -31.39 4.82 -12.67
N ALA A 112 -31.05 3.59 -13.06
CA ALA A 112 -29.73 2.99 -12.93
C ALA A 112 -28.81 3.47 -14.07
N TYR A 113 -28.96 2.81 -15.23
CA TYR A 113 -28.08 2.91 -16.40
C TYR A 113 -28.80 2.64 -17.74
N GLY A 114 -30.08 2.28 -17.71
CA GLY A 114 -30.76 1.65 -18.84
C GLY A 114 -30.00 0.40 -19.29
N SER A 115 -29.83 0.24 -20.61
CA SER A 115 -29.09 -0.86 -21.21
C SER A 115 -27.57 -0.87 -20.95
N ALA A 116 -26.97 0.23 -20.48
CA ALA A 116 -25.51 0.39 -20.53
C ALA A 116 -24.70 -0.50 -19.56
N GLY A 117 -25.28 -0.94 -18.44
CA GLY A 117 -24.53 -1.59 -17.35
C GLY A 117 -23.49 -0.67 -16.68
N SER A 118 -22.74 -1.18 -15.70
CA SER A 118 -21.72 -0.42 -14.96
C SER A 118 -20.71 -1.32 -14.23
N LEU A 119 -19.59 -0.76 -13.79
CA LEU A 119 -18.49 -1.47 -13.10
C LEU A 119 -18.63 -1.40 -11.57
N PRO A 120 -18.24 -2.47 -10.82
CA PRO A 120 -17.56 -3.67 -11.31
C PRO A 120 -18.50 -4.76 -11.86
N LYS A 121 -19.72 -4.91 -11.32
CA LYS A 121 -20.60 -6.07 -11.57
C LYS A 121 -22.08 -5.69 -11.74
N ILE A 122 -22.39 -4.66 -12.55
CA ILE A 122 -23.78 -4.21 -12.80
C ILE A 122 -24.20 -4.58 -14.24
N PRO A 123 -25.16 -5.50 -14.43
CA PRO A 123 -25.62 -5.91 -15.76
C PRO A 123 -26.52 -4.87 -16.46
N SER A 124 -26.77 -5.06 -17.76
CA SER A 124 -27.74 -4.27 -18.53
C SER A 124 -29.14 -4.33 -17.90
N ASN A 125 -29.78 -3.17 -17.72
CA ASN A 125 -31.09 -3.03 -17.06
C ASN A 125 -31.15 -3.66 -15.64
N ALA A 126 -30.05 -3.60 -14.88
CA ALA A 126 -30.04 -3.97 -13.46
C ALA A 126 -31.01 -3.10 -12.62
N THR A 127 -31.50 -3.66 -11.52
CA THR A 127 -32.05 -2.87 -10.41
C THR A 127 -30.98 -2.78 -9.32
N LEU A 128 -30.80 -1.60 -8.73
CA LEU A 128 -29.80 -1.34 -7.71
C LEU A 128 -30.49 -0.96 -6.39
N PHE A 129 -29.88 -1.25 -5.25
CA PHE A 129 -30.47 -1.08 -3.92
C PHE A 129 -29.42 -0.63 -2.90
N PHE A 130 -29.80 0.22 -1.93
CA PHE A 130 -28.81 0.86 -1.05
C PHE A 130 -29.29 1.08 0.40
N GLU A 131 -28.33 1.10 1.33
CA GLU A 131 -28.48 1.62 2.69
C GLU A 131 -27.71 2.95 2.79
N ILE A 132 -28.37 4.04 3.18
CA ILE A 132 -27.82 5.41 2.97
C ILE A 132 -28.12 6.38 4.11
N GLU A 133 -27.27 7.41 4.23
CA GLU A 133 -27.39 8.49 5.21
C GLU A 133 -26.84 9.80 4.61
N LEU A 134 -27.66 10.86 4.54
CA LEU A 134 -27.20 12.17 4.04
C LEU A 134 -26.49 12.96 5.14
N LEU A 135 -25.26 13.41 4.86
CA LEU A 135 -24.41 14.12 5.82
C LEU A 135 -24.60 15.64 5.74
N ASP A 136 -24.35 16.28 4.60
CA ASP A 136 -24.33 17.76 4.48
C ASP A 136 -24.50 18.25 3.03
N PHE A 137 -24.77 19.55 2.85
CA PHE A 137 -24.71 20.24 1.55
C PHE A 137 -24.37 21.73 1.62
N LYS A 138 -23.85 22.27 0.51
CA LYS A 138 -23.47 23.68 0.29
C LYS A 138 -24.05 24.18 -1.04
N GLY A 139 -24.57 25.42 -1.07
CA GLY A 139 -25.06 26.06 -2.31
C GLY A 139 -23.95 26.42 -3.30
N GLU A 140 -24.31 26.79 -4.54
CA GLU A 140 -23.35 27.30 -5.51
C GLU A 140 -23.01 28.76 -5.19
N ASP A 141 -21.80 29.03 -4.71
CA ASP A 141 -21.27 30.40 -4.73
C ASP A 141 -20.91 30.76 -6.19
N LEU A 142 -21.55 31.80 -6.74
CA LEU A 142 -21.36 32.20 -8.13
C LEU A 142 -19.98 32.79 -8.43
N PHE A 143 -19.17 33.09 -7.41
CA PHE A 143 -17.83 33.70 -7.55
C PHE A 143 -16.74 33.04 -6.68
N GLU A 144 -17.13 32.24 -5.68
CA GLU A 144 -16.28 31.81 -4.55
C GLU A 144 -15.78 33.01 -3.70
N ASP A 145 -16.67 33.97 -3.43
CA ASP A 145 -16.36 35.13 -2.56
C ASP A 145 -17.56 35.61 -1.68
N GLY A 146 -18.58 34.77 -1.51
CA GLY A 146 -19.79 35.09 -0.74
C GLY A 146 -20.72 36.12 -1.42
N GLY A 147 -20.38 36.59 -2.63
CA GLY A 147 -21.12 37.63 -3.32
C GLY A 147 -22.55 37.25 -3.67
N ILE A 148 -22.74 36.13 -4.35
CA ILE A 148 -24.06 35.56 -4.61
C ILE A 148 -24.02 34.05 -4.35
N ILE A 149 -25.05 33.53 -3.69
CA ILE A 149 -25.32 32.09 -3.64
C ILE A 149 -26.49 31.80 -4.57
N ARG A 150 -26.40 30.73 -5.35
CA ARG A 150 -27.52 30.40 -6.13
C ARG A 150 -27.83 28.91 -5.93
N ARG A 151 -29.10 28.58 -5.75
CA ARG A 151 -29.61 27.21 -5.71
C ARG A 151 -30.76 27.06 -6.70
N THR A 152 -30.78 25.97 -7.47
CA THR A 152 -31.61 25.88 -8.68
C THR A 152 -32.78 24.91 -8.50
N LYS A 153 -33.99 25.33 -8.86
CA LYS A 153 -35.24 24.55 -8.80
C LYS A 153 -35.50 23.76 -10.09
N ARG A 154 -35.04 24.31 -11.21
CA ARG A 154 -35.15 23.67 -12.49
C ARG A 154 -33.97 24.07 -13.43
N LYS A 155 -33.28 23.11 -14.04
CA LYS A 155 -32.20 23.37 -15.00
C LYS A 155 -32.79 23.82 -16.35
N GLY A 156 -32.23 24.88 -16.93
CA GLY A 156 -32.61 25.39 -18.25
C GLY A 156 -31.81 24.83 -19.43
N GLU A 157 -32.13 25.30 -20.63
CA GLU A 157 -31.48 24.91 -21.90
C GLU A 157 -30.52 26.00 -22.43
N GLY A 158 -29.30 25.59 -22.82
CA GLY A 158 -28.33 26.45 -23.50
C GLY A 158 -26.86 26.27 -23.07
N TYR A 159 -25.94 26.48 -24.01
CA TYR A 159 -24.48 26.53 -23.80
C TYR A 159 -23.93 27.97 -23.61
N SER A 160 -24.71 29.00 -23.97
CA SER A 160 -24.35 30.42 -23.89
C SER A 160 -25.41 31.19 -23.10
N ASN A 161 -24.97 32.14 -22.28
CA ASN A 161 -25.77 32.80 -21.23
C ASN A 161 -25.81 34.32 -21.43
N PRO A 162 -26.91 35.00 -21.03
CA PRO A 162 -27.05 36.44 -21.14
C PRO A 162 -26.25 37.19 -20.04
N ASN A 163 -24.95 37.30 -20.28
CA ASN A 163 -24.05 38.23 -19.60
C ASN A 163 -24.36 39.70 -19.98
N GLU A 164 -23.64 40.67 -19.45
CA GLU A 164 -23.89 42.10 -19.72
C GLU A 164 -23.88 42.44 -21.23
N GLY A 165 -24.79 43.32 -21.64
CA GLY A 165 -25.07 43.64 -23.05
C GLY A 165 -26.21 42.83 -23.68
N ALA A 166 -26.68 41.76 -23.02
CA ALA A 166 -27.85 40.98 -23.45
C ALA A 166 -29.15 41.75 -23.21
N THR A 167 -30.18 41.47 -24.02
CA THR A 167 -31.58 41.81 -23.65
C THR A 167 -32.27 40.53 -23.20
N VAL A 168 -32.91 40.53 -22.04
CA VAL A 168 -33.53 39.33 -21.47
C VAL A 168 -34.97 39.58 -21.04
N GLU A 169 -35.76 38.50 -21.03
CA GLU A 169 -37.07 38.41 -20.40
C GLU A 169 -36.98 37.48 -19.18
N ILE A 170 -37.34 37.96 -17.99
CA ILE A 170 -37.30 37.16 -16.75
C ILE A 170 -38.56 37.35 -15.90
N HIS A 171 -38.97 36.30 -15.20
CA HIS A 171 -39.76 36.40 -13.97
C HIS A 171 -38.81 36.74 -12.82
N LEU A 172 -39.10 37.81 -12.07
CA LEU A 172 -38.26 38.29 -10.97
C LEU A 172 -39.13 38.61 -9.74
N GLU A 173 -38.94 37.88 -8.66
CA GLU A 173 -39.61 38.16 -7.37
C GLU A 173 -38.55 38.45 -6.31
N GLY A 174 -38.65 39.61 -5.66
CA GLY A 174 -37.56 40.25 -4.91
C GLY A 174 -37.86 40.51 -3.44
N ARG A 175 -36.86 40.23 -2.51
CA ARG A 175 -36.94 40.31 -1.15
C ARG A 175 -35.79 41.12 -0.55
N CYS A 176 -36.15 42.04 0.34
CA CYS A 176 -35.18 42.89 1.03
C CYS A 176 -34.91 42.36 2.44
N GLY A 177 -33.71 41.84 2.71
CA GLY A 177 -33.40 41.15 3.98
C GLY A 177 -34.34 39.98 4.33
N GLY A 178 -35.04 39.42 3.34
CA GLY A 178 -36.11 38.41 3.49
C GLY A 178 -37.54 38.90 3.22
N ARG A 179 -37.83 40.20 3.37
CA ARG A 179 -39.15 40.82 3.12
C ARG A 179 -39.47 40.92 1.62
N MET A 180 -40.43 40.14 1.10
CA MET A 180 -40.89 40.25 -0.29
C MET A 180 -41.50 41.64 -0.57
N PHE A 181 -41.16 42.25 -1.71
CA PHE A 181 -41.62 43.59 -2.09
C PHE A 181 -42.05 43.72 -3.57
N ASP A 182 -41.57 42.86 -4.47
CA ASP A 182 -41.96 42.86 -5.90
C ASP A 182 -42.09 41.44 -6.43
N CYS A 183 -43.07 41.19 -7.31
CA CYS A 183 -43.40 39.86 -7.84
C CYS A 183 -43.89 39.95 -9.30
N ARG A 184 -42.97 40.08 -10.25
CA ARG A 184 -43.40 40.29 -11.61
C ARG A 184 -42.40 39.95 -12.72
N ASP A 185 -42.91 39.88 -13.95
CA ASP A 185 -42.00 39.76 -15.09
C ASP A 185 -41.38 41.12 -15.45
N VAL A 186 -40.11 41.11 -15.83
CA VAL A 186 -39.34 42.28 -16.28
C VAL A 186 -38.45 41.92 -17.48
N ALA A 187 -38.43 42.79 -18.48
CA ALA A 187 -37.49 42.75 -19.59
C ALA A 187 -36.46 43.88 -19.45
N PHE A 188 -35.18 43.59 -19.70
CA PHE A 188 -34.10 44.57 -19.46
C PHE A 188 -32.83 44.30 -20.27
N THR A 189 -31.99 45.34 -20.39
CA THR A 189 -30.61 45.25 -20.85
C THR A 189 -29.69 44.95 -19.67
N VAL A 190 -28.93 43.85 -19.73
CA VAL A 190 -28.09 43.37 -18.64
C VAL A 190 -26.87 44.28 -18.43
N GLY A 191 -26.64 44.70 -17.18
CA GLY A 191 -25.53 45.58 -16.81
C GLY A 191 -25.93 47.07 -16.77
N GLU A 192 -27.15 47.35 -16.33
CA GLU A 192 -27.80 48.67 -16.24
C GLU A 192 -28.91 48.70 -15.16
N GLY A 193 -29.06 47.64 -14.37
CA GLY A 193 -30.33 47.23 -13.77
C GLY A 193 -31.06 48.22 -12.86
N GLU A 194 -30.37 49.18 -12.22
CA GLU A 194 -31.02 50.20 -11.40
C GLU A 194 -32.00 51.06 -12.23
N ASP A 195 -31.68 51.25 -13.50
CA ASP A 195 -32.49 51.93 -14.52
C ASP A 195 -33.70 51.07 -14.98
N HIS A 196 -33.75 49.78 -14.60
CA HIS A 196 -34.76 48.78 -14.99
C HIS A 196 -35.49 48.14 -13.79
N ASP A 197 -35.25 48.63 -12.57
CA ASP A 197 -35.77 48.10 -11.28
C ASP A 197 -35.18 46.74 -10.84
N ILE A 198 -33.89 46.52 -11.12
CA ILE A 198 -33.19 45.24 -10.94
C ILE A 198 -31.83 45.44 -10.21
N PRO A 199 -31.48 44.62 -9.21
CA PRO A 199 -30.17 44.68 -8.53
C PRO A 199 -29.00 44.21 -9.39
N ILE A 200 -27.80 44.69 -9.05
CA ILE A 200 -26.51 44.30 -9.66
C ILE A 200 -26.30 42.79 -9.60
N GLY A 201 -26.81 42.12 -8.56
CA GLY A 201 -26.68 40.67 -8.43
C GLY A 201 -27.44 39.89 -9.48
N ILE A 202 -28.57 40.40 -9.96
CA ILE A 202 -29.28 39.81 -11.09
C ILE A 202 -28.48 40.09 -12.39
N ASP A 203 -27.93 41.29 -12.55
CA ASP A 203 -27.07 41.60 -13.72
C ASP A 203 -25.83 40.70 -13.80
N LYS A 204 -25.30 40.22 -12.67
CA LYS A 204 -24.18 39.27 -12.59
C LYS A 204 -24.60 37.79 -12.63
N ALA A 205 -25.63 37.37 -11.89
CA ALA A 205 -26.05 35.97 -11.85
C ALA A 205 -26.56 35.45 -13.20
N LEU A 206 -27.21 36.30 -14.00
CA LEU A 206 -27.69 35.98 -15.33
C LEU A 206 -26.57 35.59 -16.31
N GLU A 207 -25.30 35.92 -16.03
CA GLU A 207 -24.14 35.44 -16.79
C GLU A 207 -23.96 33.90 -16.73
N LYS A 208 -24.64 33.23 -15.78
CA LYS A 208 -24.60 31.78 -15.54
C LYS A 208 -25.97 31.09 -15.70
N MET A 209 -27.02 31.78 -16.18
CA MET A 209 -28.38 31.22 -16.31
C MET A 209 -28.75 30.74 -17.73
N GLN A 210 -29.49 29.62 -17.83
CA GLN A 210 -30.01 29.03 -19.08
C GLN A 210 -31.52 29.27 -19.31
N ARG A 211 -32.02 28.99 -20.52
CA ARG A 211 -33.44 29.15 -20.89
C ARG A 211 -34.41 28.29 -20.01
N GLU A 212 -35.47 28.88 -19.47
CA GLU A 212 -36.42 28.22 -18.57
C GLU A 212 -35.77 27.65 -17.28
N GLU A 213 -34.53 28.04 -16.97
CA GLU A 213 -33.96 27.82 -15.64
C GLU A 213 -34.78 28.58 -14.58
N GLN A 214 -35.02 27.93 -13.45
CA GLN A 214 -35.67 28.49 -12.27
C GLN A 214 -34.74 28.37 -11.06
N CYS A 215 -34.46 29.46 -10.34
CA CYS A 215 -33.51 29.44 -9.22
C CYS A 215 -33.84 30.46 -8.11
N ILE A 216 -33.30 30.21 -6.91
CA ILE A 216 -33.24 31.18 -5.82
C ILE A 216 -31.80 31.74 -5.75
N LEU A 217 -31.69 33.07 -5.67
CA LEU A 217 -30.44 33.82 -5.57
C LEU A 217 -30.39 34.62 -4.27
N TYR A 218 -29.32 34.45 -3.48
CA TYR A 218 -29.04 35.28 -2.31
C TYR A 218 -27.98 36.29 -2.70
N LEU A 219 -28.29 37.59 -2.64
CA LEU A 219 -27.43 38.67 -3.14
C LEU A 219 -26.79 39.42 -1.96
N GLY A 220 -25.46 39.44 -1.90
CA GLY A 220 -24.71 40.24 -0.93
C GLY A 220 -24.88 41.75 -1.13
N PRO A 221 -24.46 42.59 -0.17
CA PRO A 221 -24.75 44.03 -0.20
C PRO A 221 -24.18 44.75 -1.44
N ARG A 222 -22.95 44.42 -1.88
CA ARG A 222 -22.36 44.94 -3.14
C ARG A 222 -23.09 44.50 -4.43
N TYR A 223 -24.13 43.65 -4.30
CA TYR A 223 -25.00 43.17 -5.37
C TYR A 223 -26.45 43.71 -5.27
N GLY A 224 -26.71 44.68 -4.38
CA GLY A 224 -28.00 45.39 -4.31
C GLY A 224 -28.27 46.34 -5.48
N PHE A 225 -29.18 47.30 -5.29
CA PHE A 225 -29.48 48.37 -6.27
C PHE A 225 -28.43 49.51 -6.31
N GLY A 226 -27.15 49.17 -6.15
CA GLY A 226 -26.03 50.13 -6.25
C GLY A 226 -26.18 51.37 -5.36
N GLU A 227 -25.68 52.52 -5.83
CA GLU A 227 -25.80 53.81 -5.13
C GLU A 227 -27.22 54.40 -5.24
N ALA A 228 -28.07 53.86 -6.11
CA ALA A 228 -29.42 54.36 -6.35
C ALA A 228 -30.44 53.87 -5.29
N GLY A 229 -30.31 52.63 -4.82
CA GLY A 229 -31.35 51.99 -4.00
C GLY A 229 -32.69 51.84 -4.75
N LYS A 230 -33.76 51.50 -4.02
CA LYS A 230 -35.15 51.60 -4.49
C LYS A 230 -36.06 52.10 -3.35
N PRO A 231 -36.11 53.43 -3.10
CA PRO A 231 -36.94 54.03 -2.06
C PRO A 231 -38.43 53.68 -2.13
N LYS A 232 -39.00 53.44 -3.33
CA LYS A 232 -40.39 52.97 -3.52
C LYS A 232 -40.70 51.73 -2.68
N PHE A 233 -39.75 50.80 -2.60
CA PHE A 233 -39.85 49.56 -1.83
C PHE A 233 -39.19 49.65 -0.43
N GLY A 234 -38.71 50.84 -0.04
CA GLY A 234 -37.99 51.09 1.21
C GLY A 234 -36.54 50.59 1.23
N ILE A 235 -35.88 50.47 0.07
CA ILE A 235 -34.60 49.74 -0.07
C ILE A 235 -33.42 50.70 -0.25
N GLU A 236 -32.41 50.53 0.59
CA GLU A 236 -31.21 51.37 0.69
C GLU A 236 -30.18 51.13 -0.44
N PRO A 237 -29.26 52.10 -0.67
CA PRO A 237 -28.05 51.87 -1.47
C PRO A 237 -27.24 50.66 -0.97
N ASN A 238 -26.81 49.79 -1.90
CA ASN A 238 -26.08 48.56 -1.63
C ASN A 238 -26.73 47.64 -0.56
N ALA A 239 -28.06 47.49 -0.62
CA ALA A 239 -28.83 46.54 0.20
C ALA A 239 -28.49 45.06 -0.07
N GLU A 240 -28.70 44.20 0.93
CA GLU A 240 -28.57 42.73 0.82
C GLU A 240 -29.97 42.10 0.61
N LEU A 241 -30.11 41.24 -0.40
CA LEU A 241 -31.41 40.87 -0.98
C LEU A 241 -31.50 39.35 -1.26
N ILE A 242 -32.71 38.83 -1.42
CA ILE A 242 -32.96 37.44 -1.85
C ILE A 242 -33.97 37.47 -3.01
N TYR A 243 -33.83 36.59 -3.99
CA TYR A 243 -34.63 36.61 -5.21
C TYR A 243 -35.01 35.22 -5.71
N GLU A 244 -36.18 35.15 -6.34
CA GLU A 244 -36.61 34.05 -7.22
C GLU A 244 -36.49 34.55 -8.67
N VAL A 245 -35.76 33.81 -9.52
CA VAL A 245 -35.61 34.12 -10.95
C VAL A 245 -36.07 32.95 -11.82
N THR A 246 -36.90 33.23 -12.84
CA THR A 246 -36.97 32.38 -14.03
C THR A 246 -36.44 33.15 -15.23
N LEU A 247 -35.41 32.65 -15.90
CA LEU A 247 -34.93 33.23 -17.17
C LEU A 247 -35.75 32.68 -18.33
N LYS A 248 -36.74 33.42 -18.82
CA LYS A 248 -37.70 32.91 -19.81
C LYS A 248 -37.14 32.87 -21.23
N SER A 249 -36.52 33.95 -21.70
CA SER A 249 -35.87 34.03 -23.03
C SER A 249 -34.85 35.17 -23.09
N PHE A 250 -33.94 35.15 -24.07
CA PHE A 250 -32.91 36.19 -24.20
C PHE A 250 -32.29 36.36 -25.59
N GLU A 251 -31.96 37.61 -25.90
CA GLU A 251 -30.97 38.05 -26.89
C GLU A 251 -29.59 37.98 -26.22
N LYS A 252 -28.84 36.89 -26.45
CA LYS A 252 -27.57 36.63 -25.75
C LYS A 252 -26.49 37.69 -26.03
N ALA A 253 -25.76 38.06 -24.98
CA ALA A 253 -24.50 38.81 -25.07
C ALA A 253 -23.43 37.88 -25.63
N LYS A 254 -23.19 37.99 -26.94
CA LYS A 254 -22.42 37.02 -27.73
C LYS A 254 -21.03 36.77 -27.13
N GLU A 255 -20.69 35.49 -26.93
CA GLU A 255 -19.37 35.04 -26.51
C GLU A 255 -18.29 35.26 -27.60
N SER A 256 -17.05 34.85 -27.33
CA SER A 256 -15.92 34.97 -28.27
C SER A 256 -15.94 34.00 -29.45
N TRP A 257 -16.64 32.86 -29.33
CA TRP A 257 -16.94 31.98 -30.46
C TRP A 257 -18.17 32.44 -31.26
N GLU A 258 -19.09 33.16 -30.62
CA GLU A 258 -20.37 33.59 -31.21
C GLU A 258 -20.27 34.89 -32.01
N MET A 259 -19.34 35.78 -31.65
CA MET A 259 -19.15 37.08 -32.29
C MET A 259 -17.68 37.50 -32.24
N ASP A 260 -17.29 38.34 -33.19
CA ASP A 260 -15.97 38.95 -33.26
C ASP A 260 -15.67 39.91 -32.08
N THR A 261 -14.41 40.33 -31.96
CA THR A 261 -14.02 41.42 -31.06
C THR A 261 -14.47 42.79 -31.55
N LYS A 262 -14.49 43.07 -32.86
CA LYS A 262 -14.82 44.42 -33.39
C LYS A 262 -16.18 44.91 -32.94
N GLU A 263 -17.18 44.04 -32.94
CA GLU A 263 -18.54 44.34 -32.43
C GLU A 263 -18.52 44.68 -30.92
N LYS A 264 -17.72 43.96 -30.14
CA LYS A 264 -17.53 44.22 -28.71
C LYS A 264 -16.68 45.47 -28.43
N LEU A 265 -15.80 45.86 -29.36
CA LEU A 265 -14.98 47.08 -29.29
C LEU A 265 -15.78 48.34 -29.63
N GLU A 266 -16.67 48.29 -30.62
CA GLU A 266 -17.60 49.39 -30.89
C GLU A 266 -18.61 49.58 -29.74
N GLN A 267 -19.08 48.47 -29.15
CA GLN A 267 -19.85 48.53 -27.90
C GLN A 267 -18.99 49.02 -26.72
N ALA A 268 -17.71 48.65 -26.63
CA ALA A 268 -16.81 49.18 -25.60
C ALA A 268 -16.56 50.69 -25.73
N ALA A 269 -16.44 51.23 -26.94
CA ALA A 269 -16.32 52.67 -27.18
C ALA A 269 -17.52 53.46 -26.65
N ILE A 270 -18.74 52.92 -26.79
CA ILE A 270 -19.96 53.50 -26.19
C ILE A 270 -19.98 53.29 -24.67
N VAL A 271 -19.67 52.07 -24.21
CA VAL A 271 -19.80 51.69 -22.80
C VAL A 271 -18.76 52.35 -21.89
N LYS A 272 -17.52 52.56 -22.34
CA LYS A 272 -16.49 53.28 -21.56
C LYS A 272 -16.92 54.72 -21.29
N GLU A 273 -17.55 55.37 -22.28
CA GLU A 273 -18.14 56.70 -22.09
C GLU A 273 -19.32 56.66 -21.10
N LYS A 274 -20.23 55.70 -21.21
CA LYS A 274 -21.32 55.52 -20.23
C LYS A 274 -20.78 55.28 -18.82
N GLY A 275 -19.73 54.46 -18.67
CA GLY A 275 -19.05 54.25 -17.39
C GLY A 275 -18.50 55.54 -16.81
N THR A 276 -17.93 56.38 -17.67
CA THR A 276 -17.39 57.69 -17.28
C THR A 276 -18.49 58.64 -16.81
N VAL A 277 -19.63 58.65 -17.50
CA VAL A 277 -20.82 59.43 -17.09
C VAL A 277 -21.40 58.92 -15.76
N TYR A 278 -21.44 57.60 -15.53
CA TYR A 278 -21.86 57.03 -14.24
C TYR A 278 -20.85 57.35 -13.11
N PHE A 279 -19.55 57.27 -13.37
CA PHE A 279 -18.48 57.61 -12.42
C PHE A 279 -18.55 59.09 -11.99
N LYS A 280 -18.60 60.01 -12.96
CA LYS A 280 -18.77 61.46 -12.72
C LYS A 280 -20.14 61.79 -12.11
N GLY A 281 -21.13 60.92 -12.28
CA GLY A 281 -22.44 60.95 -11.62
C GLY A 281 -22.49 60.31 -10.22
N GLY A 282 -21.37 59.81 -9.68
CA GLY A 282 -21.31 59.18 -8.34
C GLY A 282 -21.93 57.78 -8.25
N LYS A 283 -22.19 57.14 -9.39
CA LYS A 283 -22.78 55.80 -9.53
C LYS A 283 -21.69 54.76 -9.80
N TYR A 284 -20.70 54.68 -8.90
CA TYR A 284 -19.47 53.93 -9.12
C TYR A 284 -19.69 52.44 -9.43
N MET A 285 -20.68 51.75 -8.86
CA MET A 285 -21.01 50.39 -9.31
C MET A 285 -21.60 50.33 -10.73
N GLN A 286 -22.38 51.32 -11.19
CA GLN A 286 -22.82 51.36 -12.59
C GLN A 286 -21.63 51.56 -13.54
N ALA A 287 -20.63 52.34 -13.13
CA ALA A 287 -19.38 52.51 -13.83
C ALA A 287 -18.53 51.22 -13.83
N VAL A 288 -18.38 50.55 -12.68
CA VAL A 288 -17.77 49.21 -12.56
C VAL A 288 -18.42 48.21 -13.51
N ILE A 289 -19.75 48.26 -13.66
CA ILE A 289 -20.47 47.37 -14.57
C ILE A 289 -20.22 47.72 -16.04
N GLN A 290 -19.97 48.99 -16.40
CA GLN A 290 -19.60 49.37 -17.75
C GLN A 290 -18.16 48.96 -18.10
N TYR A 291 -17.19 49.35 -17.27
CA TYR A 291 -15.80 48.94 -17.51
C TYR A 291 -15.66 47.42 -17.39
N GLY A 292 -16.32 46.87 -16.37
CA GLY A 292 -16.33 45.45 -16.06
C GLY A 292 -17.01 44.56 -17.10
N LYS A 293 -18.00 45.08 -17.85
CA LYS A 293 -18.54 44.34 -19.00
C LYS A 293 -17.59 44.35 -20.18
N ILE A 294 -16.86 45.45 -20.42
CA ILE A 294 -15.76 45.48 -21.41
C ILE A 294 -14.68 44.45 -21.03
N VAL A 295 -14.35 44.34 -19.74
CA VAL A 295 -13.44 43.32 -19.21
C VAL A 295 -13.96 41.90 -19.43
N SER A 296 -15.24 41.62 -19.21
CA SER A 296 -15.85 40.34 -19.61
C SER A 296 -15.74 40.10 -21.12
N TRP A 297 -16.19 41.06 -21.93
CA TRP A 297 -16.32 40.98 -23.39
C TRP A 297 -15.01 40.77 -24.15
N LEU A 298 -13.90 41.37 -23.71
CA LEU A 298 -12.64 41.35 -24.47
C LEU A 298 -11.62 40.34 -23.94
N GLU A 299 -11.61 40.04 -22.64
CA GLU A 299 -10.66 39.06 -22.08
C GLU A 299 -11.04 37.61 -22.42
N MET A 300 -12.30 37.36 -22.79
CA MET A 300 -12.77 36.06 -23.33
C MET A 300 -12.24 35.73 -24.75
N GLU A 301 -11.65 36.70 -25.45
CA GLU A 301 -11.30 36.57 -26.87
C GLU A 301 -10.16 35.58 -27.18
N TYR A 302 -10.18 35.06 -28.41
CA TYR A 302 -9.19 34.17 -29.03
C TYR A 302 -9.30 34.28 -30.56
N GLY A 303 -8.30 33.79 -31.29
CA GLY A 303 -8.36 33.70 -32.77
C GLY A 303 -8.40 35.05 -33.49
N LEU A 304 -7.88 36.11 -32.85
CA LEU A 304 -7.80 37.47 -33.40
C LEU A 304 -6.56 37.63 -34.30
N SER A 305 -6.61 38.58 -35.24
CA SER A 305 -5.38 39.10 -35.86
C SER A 305 -4.58 39.94 -34.85
N GLU A 306 -3.32 40.24 -35.14
CA GLU A 306 -2.49 41.07 -34.24
C GLU A 306 -3.10 42.46 -34.02
N LYS A 307 -3.65 43.10 -35.07
CA LYS A 307 -4.33 44.41 -34.97
C LYS A 307 -5.64 44.33 -34.17
N GLU A 308 -6.43 43.27 -34.36
CA GLU A 308 -7.62 43.00 -33.55
C GLU A 308 -7.27 42.74 -32.07
N SER A 309 -6.18 42.02 -31.82
CA SER A 309 -5.67 41.71 -30.47
C SER A 309 -5.16 42.98 -29.77
N LYS A 310 -4.44 43.86 -30.47
CA LYS A 310 -4.02 45.18 -29.95
C LYS A 310 -5.23 46.06 -29.58
N ALA A 311 -6.28 46.10 -30.40
CA ALA A 311 -7.51 46.82 -30.08
C ALA A 311 -8.24 46.20 -28.87
N SER A 312 -8.36 44.87 -28.83
CA SER A 312 -8.93 44.12 -27.70
C SER A 312 -8.20 44.41 -26.38
N GLU A 313 -6.87 44.32 -26.37
CA GLU A 313 -6.04 44.60 -25.21
C GLU A 313 -6.03 46.09 -24.81
N SER A 314 -6.16 47.02 -25.76
CA SER A 314 -6.26 48.47 -25.50
C SER A 314 -7.56 48.84 -24.78
N PHE A 315 -8.71 48.33 -25.24
CA PHE A 315 -10.00 48.56 -24.57
C PHE A 315 -10.16 47.76 -23.26
N LEU A 316 -9.46 46.61 -23.09
CA LEU A 316 -9.29 46.02 -21.77
C LEU A 316 -8.52 46.95 -20.84
N LEU A 317 -7.36 47.45 -21.27
CA LEU A 317 -6.50 48.29 -20.43
C LEU A 317 -7.25 49.56 -20.00
N ALA A 318 -7.90 50.26 -20.93
CA ALA A 318 -8.71 51.43 -20.62
C ALA A 318 -9.86 51.12 -19.64
N ALA A 319 -10.53 49.97 -19.79
CA ALA A 319 -11.52 49.53 -18.80
C ALA A 319 -10.89 49.21 -17.43
N PHE A 320 -9.74 48.54 -17.37
CA PHE A 320 -9.04 48.28 -16.10
C PHE A 320 -8.52 49.55 -15.42
N LEU A 321 -8.08 50.56 -16.18
CA LEU A 321 -7.68 51.87 -15.64
C LEU A 321 -8.85 52.63 -15.00
N ASN A 322 -10.07 52.48 -15.53
CA ASN A 322 -11.24 53.13 -14.95
C ASN A 322 -11.95 52.26 -13.90
N LEU A 323 -11.94 50.92 -14.02
CA LEU A 323 -12.28 50.02 -12.91
C LEU A 323 -11.44 50.32 -11.68
N ALA A 324 -10.13 50.53 -11.86
CA ALA A 324 -9.24 50.94 -10.78
C ALA A 324 -9.79 52.18 -10.08
N MET A 325 -10.08 53.26 -10.81
CA MET A 325 -10.67 54.46 -10.21
C MET A 325 -12.00 54.19 -9.51
N CYS A 326 -12.92 53.44 -10.13
CA CYS A 326 -14.22 53.15 -9.52
C CYS A 326 -14.05 52.38 -8.20
N TYR A 327 -13.22 51.35 -8.18
CA TYR A 327 -12.95 50.57 -6.98
C TYR A 327 -12.17 51.37 -5.93
N LEU A 328 -11.31 52.32 -6.33
CA LEU A 328 -10.73 53.31 -5.41
C LEU A 328 -11.82 54.20 -4.78
N LYS A 329 -12.76 54.75 -5.57
CA LYS A 329 -13.89 55.54 -5.07
C LYS A 329 -14.84 54.74 -4.16
N LEU A 330 -15.06 53.46 -4.47
CA LEU A 330 -15.82 52.50 -3.65
C LEU A 330 -15.08 52.07 -2.36
N ARG A 331 -13.79 52.41 -2.20
CA ARG A 331 -12.87 51.90 -1.16
C ARG A 331 -12.66 50.37 -1.21
N GLU A 332 -12.96 49.74 -2.34
CA GLU A 332 -12.67 48.34 -2.67
C GLU A 332 -11.25 48.20 -3.24
N TYR A 333 -10.25 48.68 -2.49
CA TYR A 333 -8.87 48.80 -2.97
C TYR A 333 -8.24 47.48 -3.46
N THR A 334 -8.65 46.34 -2.92
CA THR A 334 -8.29 45.01 -3.47
C THR A 334 -8.76 44.83 -4.91
N LYS A 335 -9.97 45.28 -5.25
CA LYS A 335 -10.50 45.23 -6.61
C LYS A 335 -9.87 46.27 -7.53
N ALA A 336 -9.49 47.43 -7.00
CA ALA A 336 -8.67 48.39 -7.75
C ALA A 336 -7.31 47.77 -8.13
N VAL A 337 -6.64 47.10 -7.19
CA VAL A 337 -5.34 46.47 -7.49
C VAL A 337 -5.47 45.22 -8.37
N GLU A 338 -6.54 44.42 -8.25
CA GLU A 338 -6.80 43.32 -9.19
C GLU A 338 -7.04 43.81 -10.63
N CYS A 339 -7.52 45.03 -10.82
CA CYS A 339 -7.62 45.68 -12.12
C CYS A 339 -6.25 46.20 -12.60
N CYS A 340 -5.50 46.90 -11.75
CA CYS A 340 -4.16 47.38 -12.09
C CYS A 340 -3.17 46.23 -12.37
N ASP A 341 -3.29 45.10 -11.68
CA ASP A 341 -2.54 43.86 -11.95
C ASP A 341 -2.75 43.36 -13.39
N LYS A 342 -3.92 43.61 -13.99
CA LYS A 342 -4.23 43.22 -15.37
C LYS A 342 -3.97 44.33 -16.38
N ALA A 343 -4.16 45.61 -16.06
CA ALA A 343 -3.64 46.72 -16.85
C ALA A 343 -2.12 46.57 -17.09
N LEU A 344 -1.36 46.19 -16.06
CA LEU A 344 0.07 45.88 -16.15
C LEU A 344 0.40 44.49 -16.74
N GLY A 345 -0.59 43.61 -16.91
CA GLY A 345 -0.48 42.39 -17.71
C GLY A 345 -0.67 42.66 -19.22
N LEU A 346 -1.49 43.66 -19.55
CA LEU A 346 -1.74 44.12 -20.93
C LEU A 346 -0.63 45.03 -21.43
N ASP A 347 -0.11 45.92 -20.58
CA ASP A 347 1.14 46.66 -20.81
C ASP A 347 1.85 46.96 -19.47
N SER A 348 2.93 46.23 -19.19
CA SER A 348 3.77 46.34 -17.99
C SER A 348 4.48 47.69 -17.82
N ALA A 349 4.38 48.58 -18.81
CA ALA A 349 4.92 49.94 -18.79
C ALA A 349 3.83 51.02 -18.96
N ASN A 350 2.54 50.70 -18.79
CA ASN A 350 1.49 51.72 -18.80
C ASN A 350 1.57 52.65 -17.58
N GLU A 351 1.60 53.96 -17.82
CA GLU A 351 1.85 54.96 -16.79
C GLU A 351 0.73 55.06 -15.74
N LYS A 352 -0.52 55.17 -16.16
CA LYS A 352 -1.69 55.20 -15.27
C LYS A 352 -1.88 53.86 -14.56
N GLY A 353 -1.55 52.74 -15.22
CA GLY A 353 -1.64 51.40 -14.63
C GLY A 353 -0.59 51.14 -13.55
N LEU A 354 0.64 51.64 -13.74
CA LEU A 354 1.68 51.65 -12.71
C LEU A 354 1.26 52.56 -11.54
N TYR A 355 0.74 53.75 -11.84
CA TYR A 355 0.36 54.71 -10.81
C TYR A 355 -0.82 54.24 -9.95
N ARG A 356 -1.94 53.91 -10.60
CA ARG A 356 -3.14 53.44 -9.91
C ARG A 356 -2.87 52.21 -9.03
N ARG A 357 -1.91 51.39 -9.44
CA ARG A 357 -1.55 50.21 -8.63
C ARG A 357 -0.88 50.72 -7.34
N GLY A 358 0.03 51.68 -7.49
CA GLY A 358 0.68 52.32 -6.36
C GLY A 358 -0.33 52.90 -5.38
N GLU A 359 -1.33 53.63 -5.90
CA GLU A 359 -2.41 54.17 -5.05
C GLU A 359 -3.18 53.06 -4.33
N ALA A 360 -3.66 52.05 -5.04
CA ALA A 360 -4.41 50.95 -4.42
C ALA A 360 -3.60 50.27 -3.29
N GLN A 361 -2.32 49.99 -3.51
CA GLN A 361 -1.44 49.42 -2.49
C GLN A 361 -1.13 50.38 -1.33
N LEU A 362 -0.88 51.66 -1.57
CA LEU A 362 -0.57 52.64 -0.53
C LEU A 362 -1.81 52.98 0.32
N LEU A 363 -2.99 53.06 -0.28
CA LEU A 363 -4.26 53.19 0.43
C LEU A 363 -4.57 51.93 1.26
N MET A 364 -4.14 50.76 0.78
CA MET A 364 -4.05 49.52 1.56
C MET A 364 -2.85 49.44 2.53
N ASN A 365 -2.08 50.52 2.71
CA ASN A 365 -0.90 50.67 3.58
C ASN A 365 0.32 49.78 3.25
N GLU A 366 0.39 49.11 2.09
CA GLU A 366 1.54 48.30 1.68
C GLU A 366 2.58 49.12 0.88
N PHE A 367 3.12 50.16 1.52
CA PHE A 367 3.98 51.20 0.93
C PHE A 367 5.22 50.67 0.20
N GLU A 368 5.83 49.57 0.66
CA GLU A 368 6.99 48.95 0.00
C GLU A 368 6.68 48.43 -1.41
N SER A 369 5.43 47.96 -1.63
CA SER A 369 4.97 47.57 -2.96
C SER A 369 4.53 48.78 -3.79
N ALA A 370 3.98 49.81 -3.16
CA ALA A 370 3.46 50.99 -3.82
C ALA A 370 4.58 51.83 -4.43
N LYS A 371 5.61 52.18 -3.65
CA LYS A 371 6.83 52.83 -4.18
C LYS A 371 7.46 51.97 -5.30
N GLY A 372 7.39 50.64 -5.14
CA GLY A 372 7.88 49.67 -6.12
C GLY A 372 7.24 49.76 -7.51
N ASP A 373 6.09 50.44 -7.66
CA ASP A 373 5.48 50.76 -8.96
C ASP A 373 5.49 52.27 -9.28
N PHE A 374 5.36 53.18 -8.31
CA PHE A 374 5.56 54.62 -8.57
C PHE A 374 6.97 54.92 -9.10
N GLU A 375 8.01 54.22 -8.61
CA GLU A 375 9.38 54.34 -9.13
C GLU A 375 9.50 53.90 -10.59
N LYS A 376 8.59 53.05 -11.09
CA LYS A 376 8.47 52.67 -12.51
C LYS A 376 7.66 53.70 -13.31
N VAL A 377 6.67 54.38 -12.69
CA VAL A 377 6.02 55.56 -13.30
C VAL A 377 7.09 56.59 -13.64
N LEU A 378 8.05 56.83 -12.75
CA LEU A 378 9.19 57.72 -12.96
C LEU A 378 10.29 57.18 -13.89
N GLU A 379 10.21 55.93 -14.36
CA GLU A 379 10.99 55.44 -15.51
C GLU A 379 10.26 55.69 -16.84
N VAL A 380 8.94 55.50 -16.87
CA VAL A 380 8.07 55.75 -18.03
C VAL A 380 7.94 57.25 -18.32
N ASN A 381 7.79 58.06 -17.27
CA ASN A 381 7.63 59.51 -17.29
C ASN A 381 8.22 60.16 -16.02
N PRO A 382 9.51 60.55 -16.01
CA PRO A 382 10.16 61.23 -14.88
C PRO A 382 9.43 62.49 -14.39
N GLN A 383 8.64 63.14 -15.26
CA GLN A 383 7.88 64.35 -14.97
C GLN A 383 6.51 64.10 -14.29
N ASN A 384 6.12 62.85 -14.05
CA ASN A 384 4.88 62.54 -13.32
C ASN A 384 4.97 62.98 -11.85
N LYS A 385 4.48 64.19 -11.54
CA LYS A 385 4.53 64.79 -10.18
C LYS A 385 3.81 63.94 -9.14
N ALA A 386 2.70 63.31 -9.52
CA ALA A 386 1.90 62.51 -8.62
C ALA A 386 2.68 61.29 -8.13
N ALA A 387 3.37 60.55 -9.00
CA ALA A 387 4.24 59.45 -8.58
C ALA A 387 5.37 59.91 -7.63
N ARG A 388 5.96 61.09 -7.83
CA ARG A 388 6.95 61.65 -6.90
C ARG A 388 6.34 61.95 -5.52
N LEU A 389 5.17 62.60 -5.49
CA LEU A 389 4.44 62.90 -4.26
C LEU A 389 4.02 61.62 -3.51
N GLN A 390 3.49 60.62 -4.24
CA GLN A 390 3.06 59.36 -3.66
C GLN A 390 4.25 58.49 -3.20
N ILE A 391 5.44 58.57 -3.81
CA ILE A 391 6.65 57.95 -3.23
C ILE A 391 6.98 58.60 -1.88
N SER A 392 6.96 59.93 -1.80
CA SER A 392 7.15 60.61 -0.51
C SER A 392 6.09 60.19 0.52
N MET A 393 4.83 60.06 0.11
CA MET A 393 3.77 59.51 0.97
C MET A 393 4.02 58.05 1.38
N CYS A 394 4.59 57.21 0.51
CA CYS A 394 5.02 55.85 0.90
C CYS A 394 6.06 55.91 2.03
N GLN A 395 7.04 56.81 1.93
CA GLN A 395 8.07 56.94 2.97
C GLN A 395 7.53 57.62 4.24
N LYS A 396 6.65 58.62 4.14
CA LYS A 396 5.93 59.18 5.28
C LYS A 396 5.11 58.11 6.00
N LYS A 397 4.42 57.23 5.26
CA LYS A 397 3.66 56.10 5.81
C LYS A 397 4.57 55.10 6.50
N ALA A 398 5.71 54.75 5.90
CA ALA A 398 6.70 53.85 6.48
C ALA A 398 7.29 54.39 7.79
N LYS A 399 7.73 55.65 7.78
CA LYS A 399 8.31 56.34 8.93
C LYS A 399 7.29 56.53 10.05
N GLU A 400 6.07 56.96 9.73
CA GLU A 400 5.00 57.09 10.72
C GLU A 400 4.59 55.74 11.31
N HIS A 401 4.46 54.70 10.49
CA HIS A 401 4.12 53.38 10.99
C HIS A 401 5.20 52.83 11.93
N ASN A 402 6.48 52.89 11.53
CA ASN A 402 7.56 52.41 12.39
C ASN A 402 7.73 53.27 13.65
N GLU A 403 7.56 54.58 13.58
CA GLU A 403 7.55 55.42 14.79
C GLU A 403 6.36 55.10 15.70
N ARG A 404 5.19 54.83 15.11
CA ARG A 404 4.01 54.46 15.87
C ARG A 404 4.31 53.15 16.64
N ASP A 405 4.78 52.15 15.90
CA ASP A 405 5.19 50.88 16.51
C ASP A 405 6.24 51.09 17.62
N ARG A 406 7.25 51.94 17.42
CA ARG A 406 8.22 52.28 18.48
C ARG A 406 7.55 52.97 19.67
N ARG A 407 6.55 53.82 19.44
CA ARG A 407 5.82 54.46 20.53
C ARG A 407 5.03 53.42 21.36
N ILE A 408 4.54 52.39 20.69
CA ILE A 408 3.78 51.31 21.35
C ILE A 408 4.71 50.34 22.08
N TYR A 409 5.62 49.68 21.37
CA TYR A 409 6.39 48.55 21.88
C TYR A 409 7.59 48.90 22.76
N ALA A 410 8.18 50.10 22.66
CA ALA A 410 9.47 50.36 23.29
C ALA A 410 9.50 50.05 24.80
N ASN A 411 10.57 49.40 25.24
CA ASN A 411 10.79 48.90 26.59
C ASN A 411 9.80 47.83 27.09
N MET A 412 9.07 47.11 26.22
CA MET A 412 8.11 46.11 26.71
C MET A 412 8.73 45.04 27.61
N PHE A 413 9.95 44.59 27.37
CA PHE A 413 10.57 43.58 28.24
C PHE A 413 10.88 44.14 29.64
N LYS A 414 11.17 45.44 29.76
CA LYS A 414 11.23 46.12 31.06
C LYS A 414 9.84 46.18 31.68
N LYS A 415 8.82 46.60 30.93
CA LYS A 415 7.42 46.64 31.40
C LYS A 415 6.96 45.27 31.90
N PHE A 416 7.23 44.19 31.19
CA PHE A 416 6.86 42.84 31.62
C PHE A 416 7.63 42.42 32.88
N ALA A 417 8.94 42.69 32.95
CA ALA A 417 9.74 42.43 34.15
C ALA A 417 9.23 43.21 35.38
N GLU A 418 8.75 44.44 35.19
CA GLU A 418 8.13 45.26 36.25
C GLU A 418 6.74 44.77 36.65
N GLN A 419 5.91 44.37 35.68
CA GLN A 419 4.54 43.87 35.89
C GLN A 419 4.50 42.54 36.64
N ASP A 420 5.49 41.68 36.44
CA ASP A 420 5.60 40.37 37.08
C ASP A 420 5.88 40.50 38.59
N ALA A 421 4.80 40.42 39.38
CA ALA A 421 4.74 40.62 40.84
C ALA A 421 3.53 39.90 41.46
N VAL B 17 -16.06 -52.97 -26.05
CA VAL B 17 -15.53 -52.37 -24.83
C VAL B 17 -14.48 -53.29 -24.20
N GLU B 18 -13.25 -52.80 -24.00
CA GLU B 18 -12.20 -53.50 -23.27
C GLU B 18 -11.83 -52.77 -21.97
N THR B 19 -11.85 -53.47 -20.85
CA THR B 19 -11.59 -52.89 -19.51
C THR B 19 -10.17 -53.18 -19.07
N PHE B 20 -9.53 -52.19 -18.45
CA PHE B 20 -8.15 -52.27 -17.93
C PHE B 20 -8.09 -51.73 -16.51
N ALA B 21 -7.25 -52.33 -15.66
CA ALA B 21 -6.84 -51.64 -14.44
C ALA B 21 -5.86 -50.50 -14.78
N PHE B 22 -5.86 -49.41 -14.02
CA PHE B 22 -4.76 -48.44 -14.11
C PHE B 22 -3.43 -49.11 -13.69
N GLN B 23 -2.32 -48.60 -14.17
CA GLN B 23 -0.96 -49.01 -13.80
C GLN B 23 -0.15 -47.80 -13.32
N ALA B 24 1.12 -47.99 -12.98
CA ALA B 24 2.05 -46.87 -12.82
C ALA B 24 3.43 -47.20 -13.41
N GLU B 25 4.12 -46.23 -14.00
CA GLU B 25 5.53 -46.39 -14.35
C GLU B 25 6.38 -46.07 -13.13
N ILE B 26 6.82 -47.11 -12.43
CA ILE B 26 7.60 -47.05 -11.19
C ILE B 26 8.85 -46.18 -11.35
N ALA B 27 9.58 -46.29 -12.46
CA ALA B 27 10.82 -45.55 -12.67
C ALA B 27 10.60 -44.02 -12.72
N GLN B 28 9.45 -43.56 -13.21
CA GLN B 28 9.11 -42.15 -13.20
C GLN B 28 8.45 -41.77 -11.88
N LEU B 29 7.55 -42.60 -11.35
CA LEU B 29 6.84 -42.36 -10.11
C LEU B 29 7.79 -42.17 -8.93
N MET B 30 8.82 -43.01 -8.82
CA MET B 30 9.84 -42.86 -7.81
C MET B 30 10.59 -41.53 -7.98
N SER B 31 10.88 -41.15 -9.22
CA SER B 31 11.56 -39.89 -9.53
C SER B 31 10.71 -38.66 -9.21
N LEU B 32 9.38 -38.73 -9.24
CA LEU B 32 8.53 -37.64 -8.75
C LEU B 32 8.64 -37.47 -7.24
N ILE B 33 8.58 -38.57 -6.50
CA ILE B 33 8.66 -38.55 -5.04
C ILE B 33 10.01 -38.00 -4.56
N ILE B 34 11.08 -38.26 -5.32
CA ILE B 34 12.40 -37.69 -5.05
C ILE B 34 12.51 -36.23 -5.53
N ASN B 35 12.20 -35.92 -6.78
CA ASN B 35 12.47 -34.60 -7.37
C ASN B 35 11.41 -33.54 -7.10
N THR B 36 10.12 -33.86 -7.17
CA THR B 36 9.07 -32.85 -7.36
C THR B 36 8.14 -32.69 -6.16
N PHE B 37 8.03 -33.67 -5.25
CA PHE B 37 7.13 -33.55 -4.10
C PHE B 37 7.64 -32.55 -3.04
N TYR B 38 8.88 -32.70 -2.59
CA TYR B 38 9.44 -32.00 -1.43
C TYR B 38 10.45 -30.95 -1.88
N SER B 39 10.19 -29.67 -1.60
CA SER B 39 11.03 -28.56 -2.07
C SER B 39 12.26 -28.32 -1.20
N ASN B 40 12.24 -28.79 0.05
CA ASN B 40 13.32 -28.68 1.03
C ASN B 40 13.71 -30.08 1.50
N LYS B 41 15.00 -30.42 1.43
CA LYS B 41 15.48 -31.76 1.77
C LYS B 41 15.37 -32.12 3.24
N GLU B 42 15.38 -31.13 4.13
CA GLU B 42 15.46 -31.34 5.58
C GLU B 42 14.31 -32.15 6.17
N ILE B 43 13.16 -32.22 5.47
CA ILE B 43 12.02 -33.02 5.88
C ILE B 43 12.32 -34.52 5.95
N PHE B 44 13.36 -35.04 5.29
CA PHE B 44 13.67 -36.47 5.34
C PHE B 44 13.81 -37.00 6.78
N LEU B 45 14.30 -36.18 7.70
CA LEU B 45 14.44 -36.54 9.10
C LEU B 45 13.12 -36.40 9.85
N ARG B 46 12.20 -35.53 9.42
CA ARG B 46 10.83 -35.52 9.94
C ARG B 46 10.12 -36.79 9.55
N GLU B 47 10.24 -37.22 8.31
CA GLU B 47 9.56 -38.42 7.82
C GLU B 47 10.05 -39.67 8.53
N LEU B 48 11.36 -39.88 8.63
CA LEU B 48 11.89 -41.07 9.30
C LEU B 48 11.64 -41.06 10.82
N ILE B 49 11.58 -39.90 11.46
CA ILE B 49 11.14 -39.80 12.86
C ILE B 49 9.65 -40.10 12.98
N SER B 50 8.81 -39.61 12.06
CA SER B 50 7.38 -39.86 12.09
C SER B 50 7.06 -41.34 11.91
N ASN B 51 7.67 -42.01 10.93
CA ASN B 51 7.49 -43.44 10.72
C ASN B 51 7.94 -44.25 11.94
N SER B 52 8.89 -43.74 12.71
CA SER B 52 9.30 -44.33 13.99
C SER B 52 8.30 -44.04 15.09
N SER B 53 7.77 -42.82 15.22
CA SER B 53 6.73 -42.52 16.20
C SER B 53 5.44 -43.32 15.96
N ASP B 54 5.12 -43.62 14.70
CA ASP B 54 4.03 -44.53 14.34
C ASP B 54 4.36 -45.97 14.72
N ALA B 55 5.59 -46.44 14.47
CA ALA B 55 5.99 -47.78 14.88
C ALA B 55 5.98 -47.96 16.40
N LEU B 56 6.36 -46.92 17.16
CA LEU B 56 6.30 -46.90 18.62
C LEU B 56 4.85 -46.91 19.12
N ASP B 57 3.95 -46.11 18.53
CA ASP B 57 2.52 -46.15 18.85
C ASP B 57 1.91 -47.53 18.53
N LYS B 58 2.28 -48.16 17.43
CA LYS B 58 1.80 -49.51 17.07
C LYS B 58 2.18 -50.53 18.13
N ILE B 59 3.45 -50.60 18.54
CA ILE B 59 3.84 -51.57 19.58
C ILE B 59 3.29 -51.21 20.96
N ARG B 60 3.19 -49.92 21.30
CA ARG B 60 2.52 -49.52 22.54
C ARG B 60 1.08 -50.00 22.53
N TYR B 61 0.36 -49.82 21.42
CA TYR B 61 -1.01 -50.29 21.32
C TYR B 61 -1.13 -51.80 21.46
N GLU B 62 -0.26 -52.57 20.79
CA GLU B 62 -0.27 -54.03 20.95
C GLU B 62 0.10 -54.46 22.38
N SER B 63 0.90 -53.67 23.10
CA SER B 63 1.24 -53.96 24.51
C SER B 63 0.07 -53.76 25.47
N LEU B 64 -0.89 -52.87 25.18
CA LEU B 64 -2.01 -52.61 26.08
C LEU B 64 -2.89 -53.84 26.30
N THR B 65 -3.14 -54.61 25.25
CA THR B 65 -4.00 -55.81 25.29
C THR B 65 -3.21 -57.10 25.49
N ASP B 66 -1.91 -57.12 25.20
CA ASP B 66 -1.00 -58.23 25.51
C ASP B 66 0.43 -57.74 25.82
N PRO B 67 0.76 -57.51 27.11
CA PRO B 67 2.06 -56.99 27.53
C PRO B 67 3.27 -57.77 27.02
N SER B 68 3.12 -59.06 26.69
CA SER B 68 4.21 -59.91 26.22
C SER B 68 4.86 -59.41 24.92
N LYS B 69 4.17 -58.55 24.17
CA LYS B 69 4.71 -57.86 22.99
C LYS B 69 5.94 -57.00 23.28
N LEU B 70 6.14 -56.58 24.54
CA LEU B 70 7.32 -55.85 25.01
C LEU B 70 8.40 -56.73 25.65
N ASP B 71 8.23 -58.05 25.72
CA ASP B 71 9.24 -58.93 26.34
C ASP B 71 10.59 -58.95 25.59
N SER B 72 10.60 -58.59 24.30
CA SER B 72 11.80 -58.40 23.48
C SER B 72 12.42 -56.99 23.63
N GLY B 73 11.81 -56.10 24.39
CA GLY B 73 12.30 -54.75 24.70
C GLY B 73 11.19 -53.86 25.26
N LYS B 74 11.40 -53.26 26.44
CA LYS B 74 10.40 -52.44 27.15
C LYS B 74 10.52 -50.94 26.93
N GLU B 75 11.68 -50.43 26.52
CA GLU B 75 11.86 -48.99 26.29
C GLU B 75 11.35 -48.58 24.90
N LEU B 76 10.56 -47.50 24.82
CA LEU B 76 10.07 -46.92 23.57
C LEU B 76 10.86 -45.64 23.28
N HIS B 77 11.76 -45.64 22.30
CA HIS B 77 12.66 -44.52 22.02
C HIS B 77 13.15 -44.47 20.56
N ILE B 78 13.63 -43.30 20.15
CA ILE B 78 14.23 -43.06 18.83
C ILE B 78 15.67 -42.59 19.03
N ASN B 79 16.68 -43.25 18.46
CA ASN B 79 18.06 -42.75 18.53
C ASN B 79 18.55 -42.35 17.14
N LEU B 80 18.87 -41.09 16.94
CA LEU B 80 19.64 -40.68 15.77
C LEU B 80 21.11 -41.01 16.04
N ILE B 81 21.80 -41.67 15.12
CA ILE B 81 23.25 -41.93 15.25
C ILE B 81 23.94 -41.51 13.95
N PRO B 82 24.35 -40.25 13.81
CA PRO B 82 25.31 -39.83 12.80
C PRO B 82 26.62 -40.61 12.88
N ASN B 83 27.26 -40.81 11.72
CA ASN B 83 28.55 -41.45 11.63
C ASN B 83 29.36 -40.79 10.49
N LYS B 84 30.15 -39.77 10.84
CA LYS B 84 30.96 -39.00 9.87
C LYS B 84 32.03 -39.83 9.16
N GLN B 85 32.39 -41.00 9.69
CA GLN B 85 33.38 -41.88 9.09
C GLN B 85 32.78 -42.68 7.92
N ASP B 86 31.68 -43.39 8.17
CA ASP B 86 30.92 -44.15 7.17
C ASP B 86 30.00 -43.29 6.31
N ARG B 87 29.90 -41.99 6.63
CA ARG B 87 29.05 -40.98 5.99
C ARG B 87 27.55 -41.27 6.16
N THR B 88 27.16 -42.13 7.11
CA THR B 88 25.78 -42.56 7.29
C THR B 88 25.07 -41.84 8.42
N LEU B 89 23.83 -41.42 8.23
CA LEU B 89 22.93 -41.13 9.35
C LEU B 89 22.09 -42.36 9.65
N THR B 90 22.28 -42.99 10.79
CA THR B 90 21.37 -44.05 11.26
C THR B 90 20.22 -43.44 12.04
N ILE B 91 19.03 -44.04 12.00
CA ILE B 91 17.89 -43.72 12.85
C ILE B 91 17.36 -45.03 13.44
N VAL B 92 17.75 -45.36 14.67
CA VAL B 92 17.25 -46.52 15.41
C VAL B 92 15.92 -46.18 16.06
N ASP B 93 15.06 -47.18 16.16
CA ASP B 93 13.68 -47.09 16.57
C ASP B 93 13.31 -48.39 17.28
N THR B 94 12.93 -48.35 18.56
CA THR B 94 12.39 -49.52 19.28
C THR B 94 10.88 -49.60 19.22
N GLY B 95 10.29 -49.40 18.03
CA GLY B 95 8.90 -49.64 17.71
C GLY B 95 8.62 -51.08 17.24
N ILE B 96 7.47 -51.31 16.62
CA ILE B 96 7.02 -52.67 16.27
C ILE B 96 7.95 -53.40 15.28
N GLY B 97 8.61 -52.69 14.37
CA GLY B 97 9.41 -53.31 13.31
C GLY B 97 8.55 -54.05 12.27
N MET B 98 9.18 -54.70 11.28
CA MET B 98 8.50 -55.26 10.12
C MET B 98 8.89 -56.72 9.88
N THR B 99 7.90 -57.60 9.67
CA THR B 99 8.13 -58.95 9.17
C THR B 99 8.64 -58.88 7.73
N LYS B 100 9.17 -59.96 7.16
CA LYS B 100 9.61 -59.97 5.75
C LYS B 100 8.49 -59.54 4.80
N ALA B 101 7.28 -60.02 5.04
CA ALA B 101 6.10 -59.66 4.27
C ALA B 101 5.72 -58.17 4.40
N ASP B 102 6.00 -57.54 5.54
CA ASP B 102 5.78 -56.12 5.74
C ASP B 102 6.86 -55.24 5.10
N LEU B 103 8.11 -55.70 5.00
CA LEU B 103 9.13 -54.98 4.23
C LEU B 103 8.74 -54.93 2.76
N ILE B 104 8.42 -56.10 2.20
CA ILE B 104 8.07 -56.29 0.80
C ILE B 104 6.78 -55.55 0.45
N ASN B 105 5.78 -55.55 1.33
CA ASN B 105 4.58 -54.74 1.15
C ASN B 105 4.87 -53.24 1.34
N ASN B 106 5.29 -52.79 2.52
CA ASN B 106 5.15 -51.38 2.90
C ASN B 106 6.33 -50.50 2.51
N LEU B 107 7.54 -51.05 2.43
CA LEU B 107 8.67 -50.34 1.81
C LEU B 107 8.73 -50.61 0.31
N GLY B 108 8.33 -51.80 -0.14
CA GLY B 108 8.32 -52.16 -1.55
C GLY B 108 7.19 -51.57 -2.39
N THR B 109 6.04 -51.23 -1.83
CA THR B 109 4.90 -50.71 -2.59
C THR B 109 4.74 -49.22 -2.37
N ILE B 110 4.93 -48.42 -3.40
CA ILE B 110 4.77 -46.97 -3.34
C ILE B 110 3.28 -46.65 -3.11
N ALA B 111 2.99 -45.70 -2.22
CA ALA B 111 1.65 -45.28 -1.81
C ALA B 111 0.80 -46.31 -1.02
N LYS B 112 1.32 -47.51 -0.74
CA LYS B 112 0.79 -48.41 0.32
C LYS B 112 1.18 -47.86 1.69
N SER B 113 0.23 -47.74 2.61
CA SER B 113 0.50 -47.30 3.98
C SER B 113 0.14 -48.36 5.01
N GLY B 114 1.14 -49.04 5.55
CA GLY B 114 0.95 -49.99 6.65
C GLY B 114 0.38 -49.33 7.90
N THR B 115 0.72 -48.06 8.15
CA THR B 115 0.12 -47.23 9.20
C THR B 115 -1.38 -47.04 9.00
N LYS B 116 -1.82 -46.62 7.81
CA LYS B 116 -3.25 -46.43 7.52
C LYS B 116 -4.03 -47.74 7.64
N ALA B 117 -3.48 -48.82 7.10
CA ALA B 117 -4.08 -50.15 7.21
C ALA B 117 -4.23 -50.61 8.67
N PHE B 118 -3.22 -50.39 9.52
CA PHE B 118 -3.31 -50.68 10.95
C PHE B 118 -4.36 -49.82 11.62
N MET B 119 -4.32 -48.50 11.40
CA MET B 119 -5.24 -47.53 11.98
C MET B 119 -6.71 -47.84 11.65
N GLU B 120 -7.00 -48.27 10.43
CA GLU B 120 -8.33 -48.71 10.00
C GLU B 120 -8.72 -50.09 10.54
N ALA B 121 -7.76 -50.97 10.86
CA ALA B 121 -8.04 -52.27 11.47
C ALA B 121 -8.45 -52.16 12.94
N LEU B 122 -8.09 -51.08 13.65
CA LEU B 122 -8.51 -50.85 15.03
C LEU B 122 -10.01 -50.57 15.16
N GLN B 123 -10.56 -50.85 16.34
CA GLN B 123 -11.88 -50.36 16.73
C GLN B 123 -11.90 -48.83 16.82
N ALA B 124 -13.01 -48.20 16.46
CA ALA B 124 -13.12 -46.73 16.42
C ALA B 124 -12.90 -46.06 17.79
N GLY B 125 -13.16 -46.77 18.89
CA GLY B 125 -12.89 -46.31 20.25
C GLY B 125 -11.42 -46.32 20.67
N ALA B 126 -10.49 -46.81 19.83
CA ALA B 126 -9.07 -46.90 20.16
C ALA B 126 -8.46 -45.52 20.48
N ASP B 127 -7.86 -45.37 21.66
CA ASP B 127 -7.26 -44.11 22.12
C ASP B 127 -5.84 -43.93 21.56
N ILE B 128 -5.77 -43.67 20.26
CA ILE B 128 -4.53 -43.62 19.50
C ILE B 128 -4.67 -42.71 18.27
N SER B 129 -3.54 -42.23 17.78
CA SER B 129 -3.43 -41.43 16.56
C SER B 129 -2.06 -41.66 15.93
N MET B 130 -1.92 -41.53 14.62
CA MET B 130 -0.69 -41.80 13.89
C MET B 130 -0.50 -40.79 12.77
N ILE B 131 0.75 -40.44 12.50
CA ILE B 131 1.11 -39.33 11.60
C ILE B 131 0.98 -39.78 10.14
N GLY B 132 1.43 -40.98 9.80
CA GLY B 132 1.41 -41.48 8.42
C GLY B 132 0.01 -41.76 7.88
N GLN B 133 -0.17 -41.51 6.58
CA GLN B 133 -1.38 -41.88 5.83
C GLN B 133 -1.17 -41.99 4.31
N PHE B 134 -0.20 -41.26 3.72
CA PHE B 134 0.03 -41.25 2.27
C PHE B 134 0.84 -42.43 1.72
N GLY B 135 1.61 -43.17 2.51
CA GLY B 135 2.40 -44.30 1.98
C GLY B 135 3.58 -43.94 1.07
N VAL B 136 3.99 -42.66 1.02
CA VAL B 136 5.19 -42.21 0.29
C VAL B 136 6.29 -41.64 1.18
N GLY B 137 6.02 -41.34 2.45
CA GLY B 137 6.95 -40.57 3.29
C GLY B 137 8.34 -41.19 3.42
N PHE B 138 8.45 -42.52 3.49
CA PHE B 138 9.74 -43.20 3.60
C PHE B 138 10.70 -42.87 2.45
N TYR B 139 10.18 -42.80 1.21
CA TYR B 139 11.00 -42.49 0.02
C TYR B 139 11.74 -41.15 0.06
N SER B 140 11.24 -40.21 0.86
CA SER B 140 11.92 -38.93 1.08
C SER B 140 13.33 -39.10 1.62
N ALA B 141 13.67 -40.25 2.21
CA ALA B 141 15.04 -40.60 2.57
C ALA B 141 16.01 -40.39 1.40
N TYR B 142 15.57 -40.65 0.16
CA TYR B 142 16.40 -40.50 -1.04
C TYR B 142 16.60 -39.05 -1.51
N LEU B 143 16.01 -38.07 -0.82
CA LEU B 143 16.42 -36.67 -0.97
C LEU B 143 17.91 -36.54 -0.63
N VAL B 144 18.32 -37.06 0.53
CA VAL B 144 19.70 -36.98 1.03
C VAL B 144 20.51 -38.27 0.88
N ALA B 145 19.87 -39.44 0.95
CA ALA B 145 20.56 -40.72 0.91
C ALA B 145 20.91 -41.13 -0.52
N GLU B 146 22.15 -41.51 -0.75
CA GLU B 146 22.55 -42.22 -1.96
C GLU B 146 22.01 -43.65 -1.97
N LYS B 147 21.99 -44.29 -0.81
CA LYS B 147 21.46 -45.63 -0.60
C LYS B 147 20.86 -45.74 0.78
N VAL B 148 19.83 -46.57 0.94
CA VAL B 148 19.23 -46.84 2.25
C VAL B 148 19.27 -48.32 2.55
N THR B 149 19.61 -48.65 3.78
CA THR B 149 19.37 -49.97 4.37
C THR B 149 18.36 -49.82 5.50
N VAL B 150 17.39 -50.72 5.61
CA VAL B 150 16.52 -50.82 6.78
C VAL B 150 16.73 -52.18 7.40
N ILE B 151 17.26 -52.22 8.63
CA ILE B 151 17.41 -53.47 9.38
C ILE B 151 16.27 -53.51 10.36
N THR B 152 15.58 -54.64 10.47
CA THR B 152 14.42 -54.73 11.36
C THR B 152 14.14 -56.12 11.87
N LYS B 153 13.56 -56.21 13.07
CA LYS B 153 13.02 -57.43 13.64
C LYS B 153 11.65 -57.17 14.24
N HIS B 154 10.71 -58.08 14.00
CA HIS B 154 9.39 -58.14 14.61
C HIS B 154 9.36 -59.22 15.72
N ASN B 155 8.31 -59.23 16.54
CA ASN B 155 8.11 -60.30 17.55
C ASN B 155 7.72 -61.65 16.96
N ASP B 156 7.11 -61.66 15.78
CA ASP B 156 6.59 -62.84 15.09
C ASP B 156 7.47 -63.30 13.91
N ASP B 157 8.68 -62.74 13.76
CA ASP B 157 9.56 -63.02 12.62
C ASP B 157 11.03 -62.79 12.95
N GLU B 158 11.94 -63.24 12.08
CA GLU B 158 13.40 -63.10 12.19
C GLU B 158 13.88 -61.65 11.87
N GLN B 159 15.16 -61.37 12.08
CA GLN B 159 15.78 -60.11 11.68
C GLN B 159 16.16 -60.09 10.19
N TYR B 160 15.67 -59.09 9.45
CA TYR B 160 15.94 -58.89 8.02
C TYR B 160 16.56 -57.53 7.74
N ALA B 161 17.34 -57.45 6.67
CA ALA B 161 17.74 -56.18 6.06
C ALA B 161 17.03 -56.02 4.71
N TRP B 162 16.46 -54.85 4.47
CA TRP B 162 15.97 -54.36 3.19
C TRP B 162 16.95 -53.31 2.69
N GLU B 163 17.29 -53.27 1.41
CA GLU B 163 18.28 -52.30 0.90
C GLU B 163 18.03 -51.86 -0.54
N SER B 164 18.17 -50.57 -0.84
CA SER B 164 17.99 -50.04 -2.19
C SER B 164 18.60 -48.66 -2.39
N SER B 165 19.03 -48.32 -3.62
CA SER B 165 19.34 -46.95 -4.03
C SER B 165 18.12 -46.19 -4.59
N ALA B 166 16.90 -46.69 -4.36
CA ALA B 166 15.69 -46.32 -5.11
C ALA B 166 15.85 -46.60 -6.60
N GLY B 167 16.50 -47.72 -6.93
CA GLY B 167 16.85 -48.14 -8.28
C GLY B 167 15.74 -48.86 -9.05
N GLY B 168 14.47 -48.60 -8.72
CA GLY B 168 13.34 -49.39 -9.24
C GLY B 168 13.26 -50.81 -8.67
N SER B 169 14.25 -51.25 -7.91
CA SER B 169 14.30 -52.51 -7.19
C SER B 169 14.88 -52.36 -5.77
N PHE B 170 14.65 -53.35 -4.92
CA PHE B 170 15.16 -53.44 -3.55
C PHE B 170 15.47 -54.89 -3.19
N THR B 171 16.43 -55.13 -2.30
CA THR B 171 16.82 -56.48 -1.87
C THR B 171 16.38 -56.75 -0.44
N VAL B 172 15.82 -57.91 -0.14
CA VAL B 172 15.47 -58.34 1.23
C VAL B 172 16.20 -59.63 1.57
N ARG B 173 16.81 -59.70 2.76
CA ARG B 173 17.48 -60.91 3.15
C ARG B 173 17.51 -61.01 4.67
N THR B 174 17.67 -62.23 5.15
CA THR B 174 17.80 -62.52 6.59
C THR B 174 19.18 -62.07 7.04
N ASP B 175 19.24 -61.05 7.89
CA ASP B 175 20.47 -60.28 8.13
C ASP B 175 21.45 -61.00 9.05
N THR B 176 20.96 -61.56 10.16
CA THR B 176 21.77 -62.20 11.22
C THR B 176 22.99 -61.38 11.68
N GLY B 177 22.87 -60.04 11.72
CA GLY B 177 23.86 -59.16 12.37
C GLY B 177 23.78 -59.23 13.90
N GLU B 178 24.18 -58.17 14.60
CA GLU B 178 23.85 -58.02 16.02
C GLU B 178 22.32 -57.94 16.21
N PRO B 179 21.75 -58.55 17.26
CA PRO B 179 20.31 -58.68 17.40
C PRO B 179 19.66 -57.35 17.81
N MET B 180 18.65 -56.94 17.05
CA MET B 180 17.82 -55.77 17.33
C MET B 180 16.92 -55.93 18.57
N GLY B 181 16.64 -57.15 19.01
CA GLY B 181 15.56 -57.43 19.97
C GLY B 181 14.21 -57.31 19.28
N ARG B 182 13.77 -56.10 18.85
CA ARG B 182 12.54 -55.87 18.09
C ARG B 182 12.62 -54.38 17.75
N GLY B 183 12.29 -53.89 16.50
CA GLY B 183 12.27 -52.51 15.99
C GLY B 183 12.98 -52.36 14.66
N THR B 184 13.45 -51.15 14.37
CA THR B 184 13.93 -50.73 13.06
C THR B 184 15.22 -49.93 13.21
N LYS B 185 16.12 -50.04 12.25
CA LYS B 185 17.37 -49.29 12.18
C LYS B 185 17.55 -48.89 10.73
N VAL B 186 17.05 -47.71 10.37
CA VAL B 186 17.26 -47.12 9.05
C VAL B 186 18.68 -46.57 8.98
N ILE B 187 19.50 -47.00 8.04
CA ILE B 187 20.83 -46.44 7.77
C ILE B 187 20.78 -45.69 6.45
N LEU B 188 21.02 -44.38 6.46
CA LEU B 188 21.08 -43.58 5.24
C LEU B 188 22.53 -43.36 4.84
N HIS B 189 23.01 -43.96 3.77
CA HIS B 189 24.33 -43.65 3.24
C HIS B 189 24.23 -42.32 2.47
N LEU B 190 24.72 -41.21 3.03
CA LEU B 190 24.49 -39.91 2.42
C LEU B 190 25.37 -39.68 1.17
N LYS B 191 24.85 -38.90 0.23
CA LYS B 191 25.55 -38.48 -1.01
C LYS B 191 26.79 -37.63 -0.68
N GLU B 192 27.72 -37.56 -1.63
CA GLU B 192 29.04 -36.91 -1.46
C GLU B 192 28.97 -35.44 -1.00
N ASP B 193 27.85 -34.74 -1.22
CA ASP B 193 27.64 -33.35 -0.79
C ASP B 193 26.50 -33.12 0.22
N GLN B 194 25.84 -34.17 0.73
CA GLN B 194 24.73 -34.06 1.69
C GLN B 194 25.15 -34.25 3.15
N THR B 195 26.44 -34.16 3.46
CA THR B 195 27.00 -34.47 4.77
C THR B 195 26.67 -33.46 5.87
N GLU B 196 26.09 -32.30 5.55
CA GLU B 196 25.65 -31.35 6.59
C GLU B 196 24.61 -31.95 7.54
N TYR B 197 23.83 -32.92 7.08
CA TYR B 197 22.87 -33.64 7.92
C TYR B 197 23.51 -34.62 8.92
N LEU B 198 24.85 -34.69 8.99
CA LEU B 198 25.58 -35.32 10.08
C LEU B 198 26.01 -34.33 11.17
N GLU B 199 25.94 -33.02 10.93
CA GLU B 199 26.34 -31.99 11.88
C GLU B 199 25.32 -31.87 13.02
N GLU B 200 25.73 -31.97 14.27
CA GLU B 200 24.80 -31.98 15.40
C GLU B 200 24.05 -30.66 15.57
N ARG B 201 24.56 -29.59 14.98
CA ARG B 201 23.86 -28.32 14.99
C ARG B 201 22.68 -28.39 13.99
N ARG B 202 22.93 -29.06 12.86
CA ARG B 202 21.95 -29.26 11.77
C ARG B 202 20.79 -30.13 12.26
N ILE B 203 21.15 -31.27 12.83
CA ILE B 203 20.15 -32.18 13.40
C ILE B 203 19.35 -31.51 14.52
N LYS B 204 20.00 -30.82 15.47
CA LYS B 204 19.28 -30.10 16.53
C LYS B 204 18.32 -29.08 15.94
N GLU B 205 18.69 -28.36 14.88
CA GLU B 205 17.78 -27.45 14.17
C GLU B 205 16.57 -28.21 13.63
N ILE B 206 16.79 -29.25 12.82
CA ILE B 206 15.73 -29.93 12.09
C ILE B 206 14.74 -30.60 13.04
N VAL B 207 15.23 -31.23 14.11
CA VAL B 207 14.37 -31.90 15.08
C VAL B 207 13.64 -30.88 15.96
N LYS B 208 14.29 -29.82 16.45
CA LYS B 208 13.58 -28.80 17.23
C LYS B 208 12.58 -28.01 16.38
N LYS B 209 12.81 -27.88 15.07
CA LYS B 209 11.87 -27.26 14.14
C LYS B 209 10.68 -28.18 13.86
N HIS B 210 10.91 -29.37 13.31
CA HIS B 210 9.83 -30.20 12.76
C HIS B 210 9.17 -31.13 13.76
N SER B 211 9.91 -31.75 14.68
CA SER B 211 9.45 -32.94 15.39
C SER B 211 9.67 -32.88 16.91
N GLN B 212 9.96 -31.69 17.43
CA GLN B 212 10.07 -31.35 18.85
C GLN B 212 8.95 -31.90 19.73
N PHE B 213 7.73 -32.06 19.21
CA PHE B 213 6.60 -32.52 20.00
C PHE B 213 6.21 -33.98 19.79
N ILE B 214 7.03 -34.77 19.08
CA ILE B 214 6.84 -36.22 18.97
C ILE B 214 6.80 -36.88 20.35
N GLY B 215 5.83 -37.76 20.59
CA GLY B 215 5.50 -38.29 21.92
C GLY B 215 6.50 -39.28 22.54
N TYR B 216 7.73 -39.35 22.04
CA TYR B 216 8.75 -40.32 22.44
C TYR B 216 10.14 -39.69 22.49
N PRO B 217 11.06 -40.18 23.33
CA PRO B 217 12.37 -39.57 23.51
C PRO B 217 13.22 -39.74 22.25
N ILE B 218 13.48 -38.63 21.54
CA ILE B 218 14.41 -38.58 20.41
C ILE B 218 15.80 -38.27 20.95
N THR B 219 16.69 -39.24 21.09
CA THR B 219 18.05 -39.05 21.57
C THR B 219 19.01 -38.89 20.39
N LEU B 220 20.07 -38.09 20.50
CA LEU B 220 21.10 -37.96 19.46
C LEU B 220 22.46 -38.46 19.97
N PHE B 221 23.09 -39.40 19.26
CA PHE B 221 24.40 -39.97 19.63
C PHE B 221 25.48 -39.42 18.70
N VAL B 222 26.35 -38.49 19.13
CA VAL B 222 27.31 -37.83 18.22
C VAL B 222 28.78 -37.89 18.66
N GLU B 223 29.71 -38.10 17.72
CA GLU B 223 31.17 -38.05 17.90
C GLU B 223 31.65 -38.75 19.18
N LYS B 224 32.26 -38.02 20.12
CA LYS B 224 32.76 -38.48 21.44
C LYS B 224 32.93 -37.30 22.38
N GLU B 225 33.01 -37.57 23.69
CA GLU B 225 33.53 -36.58 24.63
C GLU B 225 35.07 -36.46 24.51
N ARG B 226 35.61 -35.24 24.66
CA ARG B 226 37.07 -34.97 24.61
C ARG B 226 37.44 -33.70 25.37
N LYS B 281 35.71 -39.75 29.85
CA LYS B 281 35.11 -39.32 28.59
C LYS B 281 34.35 -40.47 27.92
N GLU B 282 33.07 -40.27 27.60
CA GLU B 282 32.24 -41.25 26.90
C GLU B 282 32.59 -41.33 25.39
N LYS B 283 32.52 -42.53 24.82
CA LYS B 283 32.85 -42.79 23.41
C LYS B 283 31.89 -42.14 22.40
N TYR B 284 30.80 -41.53 22.88
CA TYR B 284 29.84 -40.72 22.13
C TYR B 284 29.19 -39.67 23.06
N ILE B 285 28.84 -38.49 22.53
CA ILE B 285 27.99 -37.54 23.24
C ILE B 285 26.56 -38.07 23.15
N ASP B 286 26.04 -38.56 24.27
CA ASP B 286 24.65 -38.93 24.44
C ASP B 286 23.83 -37.65 24.70
N GLN B 287 23.40 -36.95 23.64
CA GLN B 287 22.52 -35.79 23.75
C GLN B 287 21.12 -36.29 24.13
N GLU B 288 20.92 -36.49 25.44
CA GLU B 288 19.99 -37.49 25.98
C GLU B 288 18.55 -37.32 25.48
N GLU B 289 18.17 -36.09 25.15
CA GLU B 289 16.95 -35.74 24.46
C GLU B 289 17.26 -34.63 23.45
N LEU B 290 16.51 -34.60 22.35
CA LEU B 290 16.27 -33.42 21.54
C LEU B 290 14.88 -32.81 21.83
N ASN B 291 14.00 -33.53 22.53
CA ASN B 291 12.64 -33.11 22.89
C ASN B 291 12.37 -33.26 24.39
N LYS B 292 13.00 -32.41 25.22
CA LYS B 292 12.79 -32.41 26.69
C LYS B 292 11.37 -31.95 27.08
N THR B 293 10.79 -31.04 26.31
CA THR B 293 9.40 -30.57 26.49
C THR B 293 8.38 -31.64 26.11
N LYS B 294 7.13 -31.48 26.55
CA LYS B 294 5.98 -32.32 26.21
C LYS B 294 4.86 -31.42 25.66
N PRO B 295 4.06 -31.86 24.68
CA PRO B 295 3.02 -31.05 24.08
C PRO B 295 1.87 -30.84 25.06
N ILE B 296 2.00 -29.84 25.94
CA ILE B 296 1.08 -29.67 27.07
C ILE B 296 -0.37 -29.42 26.63
N TRP B 297 -0.57 -28.90 25.43
CA TRP B 297 -1.89 -28.60 24.88
C TRP B 297 -2.80 -29.82 24.74
N THR B 298 -2.27 -31.05 24.71
CA THR B 298 -3.10 -32.26 24.61
C THR B 298 -3.83 -32.59 25.92
N ARG B 299 -3.38 -32.02 27.04
CA ARG B 299 -4.00 -32.21 28.37
C ARG B 299 -5.28 -31.39 28.51
N ASN B 300 -6.08 -31.65 29.54
CA ASN B 300 -7.27 -30.83 29.80
C ASN B 300 -6.86 -29.52 30.50
N PRO B 301 -7.45 -28.36 30.14
CA PRO B 301 -7.18 -27.08 30.82
C PRO B 301 -7.36 -27.07 32.35
N ASP B 302 -8.09 -28.03 32.94
CA ASP B 302 -8.20 -28.19 34.39
C ASP B 302 -7.01 -28.91 35.04
N ASP B 303 -6.22 -29.66 34.28
CA ASP B 303 -5.09 -30.45 34.81
C ASP B 303 -3.84 -29.60 35.10
N ILE B 304 -3.72 -28.45 34.43
CA ILE B 304 -2.47 -27.71 34.25
C ILE B 304 -2.43 -26.47 35.16
N THR B 305 -1.35 -26.28 35.93
CA THR B 305 -1.12 -25.03 36.70
C THR B 305 -0.32 -23.99 35.90
N ASN B 306 -0.40 -22.71 36.28
CA ASN B 306 0.24 -21.65 35.50
C ASN B 306 1.78 -21.74 35.45
N GLU B 307 2.42 -22.41 36.40
CA GLU B 307 3.86 -22.68 36.33
C GLU B 307 4.21 -23.69 35.21
N GLU B 308 3.32 -24.64 34.93
CA GLU B 308 3.51 -25.61 33.85
C GLU B 308 3.29 -24.93 32.49
N TYR B 309 2.27 -24.09 32.34
CA TYR B 309 2.11 -23.25 31.15
C TYR B 309 3.31 -22.32 30.96
N GLY B 310 3.86 -21.78 32.05
CA GLY B 310 5.02 -20.88 32.01
C GLY B 310 6.28 -21.60 31.54
N GLU B 311 6.55 -22.79 32.09
CA GLU B 311 7.67 -23.63 31.66
C GLU B 311 7.51 -24.04 30.18
N PHE B 312 6.29 -24.37 29.74
CA PHE B 312 6.03 -24.62 28.34
C PHE B 312 6.26 -23.38 27.47
N TYR B 313 5.80 -22.20 27.86
CA TYR B 313 6.00 -20.98 27.08
C TYR B 313 7.47 -20.64 26.88
N LYS B 314 8.30 -20.84 27.90
CA LYS B 314 9.76 -20.71 27.78
C LYS B 314 10.33 -21.77 26.84
N SER B 315 9.85 -23.00 26.92
CA SER B 315 10.27 -24.09 26.02
C SER B 315 9.90 -23.81 24.56
N LEU B 316 8.74 -23.22 24.32
CA LEU B 316 8.21 -22.88 23.00
C LEU B 316 8.98 -21.72 22.34
N THR B 317 9.49 -20.76 23.12
CA THR B 317 9.93 -19.45 22.58
C THR B 317 11.36 -19.04 22.95
N ASN B 318 11.99 -19.68 23.93
CA ASN B 318 13.24 -19.24 24.55
C ASN B 318 13.17 -17.84 25.20
N ASP B 319 11.98 -17.33 25.49
CA ASP B 319 11.81 -16.24 26.46
C ASP B 319 12.28 -16.69 27.86
N TRP B 320 12.70 -15.75 28.71
CA TRP B 320 13.05 -16.01 30.12
C TRP B 320 11.94 -15.60 31.09
N GLU B 321 10.96 -14.82 30.64
CA GLU B 321 9.77 -14.45 31.40
C GLU B 321 8.63 -15.47 31.19
N ASP B 322 7.70 -15.61 32.14
CA ASP B 322 6.45 -16.35 31.89
C ASP B 322 5.53 -15.58 30.92
N HIS B 323 4.63 -16.28 30.23
CA HIS B 323 3.50 -15.65 29.56
C HIS B 323 2.71 -14.74 30.51
N LEU B 324 2.12 -13.67 30.00
CA LEU B 324 1.28 -12.77 30.79
C LEU B 324 -0.11 -13.38 31.04
N ALA B 325 -0.70 -13.94 29.99
CA ALA B 325 -1.98 -14.64 30.03
C ALA B 325 -2.03 -15.71 28.94
N VAL B 326 -2.86 -16.74 29.14
CA VAL B 326 -2.93 -17.91 28.25
C VAL B 326 -4.36 -18.38 28.02
N LYS B 327 -4.70 -18.77 26.78
CA LYS B 327 -5.90 -19.57 26.48
C LYS B 327 -5.50 -20.97 26.11
N HIS B 328 -6.31 -21.93 26.55
CA HIS B 328 -6.19 -23.32 26.19
C HIS B 328 -7.56 -23.82 25.70
N PHE B 329 -7.68 -24.00 24.39
CA PHE B 329 -8.94 -24.28 23.69
C PHE B 329 -9.32 -25.76 23.71
N SER B 330 -10.51 -26.09 23.22
CA SER B 330 -10.92 -27.44 22.84
C SER B 330 -12.04 -27.41 21.79
N VAL B 331 -11.72 -27.06 20.55
CA VAL B 331 -12.71 -26.91 19.47
C VAL B 331 -13.21 -28.28 18.98
N GLU B 332 -14.53 -28.45 18.89
CA GLU B 332 -15.19 -29.69 18.44
C GLU B 332 -16.21 -29.39 17.33
N GLY B 333 -16.44 -30.35 16.44
CA GLY B 333 -17.23 -30.15 15.21
C GLY B 333 -16.65 -30.92 14.02
N GLN B 334 -16.67 -30.33 12.82
CA GLN B 334 -15.98 -30.89 11.66
C GLN B 334 -14.45 -30.73 11.80
N LEU B 335 -14.01 -29.49 12.00
CA LEU B 335 -12.61 -29.09 12.13
C LEU B 335 -12.25 -29.10 13.62
N GLU B 336 -11.83 -30.24 14.17
CA GLU B 336 -11.55 -30.35 15.61
C GLU B 336 -10.09 -30.05 15.90
N PHE B 337 -9.82 -29.07 16.77
CA PHE B 337 -8.47 -28.62 17.09
C PHE B 337 -8.33 -28.14 18.54
N ARG B 338 -7.09 -28.12 19.01
CA ARG B 338 -6.69 -27.58 20.31
C ARG B 338 -5.68 -26.48 20.05
N ALA B 339 -5.62 -25.49 20.91
CA ALA B 339 -4.65 -24.42 20.78
C ALA B 339 -4.21 -23.90 22.13
N LEU B 340 -2.95 -23.47 22.21
CA LEU B 340 -2.43 -22.62 23.26
C LEU B 340 -2.08 -21.28 22.64
N LEU B 341 -2.67 -20.23 23.16
CA LEU B 341 -2.31 -18.87 22.79
C LEU B 341 -1.73 -18.18 24.01
N PHE B 342 -0.50 -17.69 23.90
CA PHE B 342 0.20 -16.98 24.95
C PHE B 342 0.36 -15.51 24.58
N VAL B 343 -0.07 -14.63 25.47
CA VAL B 343 0.32 -13.22 25.45
C VAL B 343 1.71 -13.12 26.08
N PRO B 344 2.75 -12.64 25.38
CA PRO B 344 4.06 -12.42 25.97
C PRO B 344 4.05 -11.49 27.17
N ARG B 345 5.07 -11.57 28.02
CA ARG B 345 5.27 -10.59 29.11
C ARG B 345 5.67 -9.21 28.61
N ARG B 346 6.17 -9.15 27.38
CA ARG B 346 6.53 -7.87 26.81
C ARG B 346 6.40 -7.92 25.28
N ALA B 347 6.25 -6.75 24.67
CA ALA B 347 6.17 -6.68 23.21
C ALA B 347 7.55 -6.96 22.61
N PRO B 348 7.67 -7.86 21.61
CA PRO B 348 8.91 -8.06 20.86
C PRO B 348 9.50 -6.74 20.35
N PHE B 349 10.82 -6.57 20.44
CA PHE B 349 11.50 -5.33 20.05
C PHE B 349 11.23 -4.92 18.59
N ASP B 350 11.04 -5.93 17.74
CA ASP B 350 10.81 -5.85 16.30
C ASP B 350 9.35 -6.14 15.92
N LEU B 351 8.39 -6.16 16.86
CA LEU B 351 7.04 -6.71 16.67
C LEU B 351 6.37 -6.34 15.34
N PHE B 352 6.22 -5.05 15.05
CA PHE B 352 5.66 -4.57 13.77
C PHE B 352 6.73 -4.31 12.69
N GLU B 353 8.00 -4.26 13.08
CA GLU B 353 9.13 -3.89 12.22
C GLU B 353 9.65 -5.10 11.41
N ASN B 354 9.56 -6.30 11.96
CA ASN B 354 9.91 -7.56 11.30
C ASN B 354 8.81 -7.97 10.32
N ARG B 355 8.78 -7.31 9.17
CA ARG B 355 7.77 -7.53 8.14
C ARG B 355 7.82 -8.94 7.51
N LYS B 356 8.91 -9.71 7.71
CA LYS B 356 9.01 -11.13 7.33
C LYS B 356 8.19 -12.04 8.27
N LYS B 357 8.26 -11.85 9.59
CA LYS B 357 7.47 -12.60 10.59
C LYS B 357 6.05 -12.02 10.74
N LYS B 358 5.14 -12.43 9.83
CA LYS B 358 3.72 -12.07 9.81
C LYS B 358 2.98 -12.43 11.09
N ASN B 359 3.20 -13.62 11.66
CA ASN B 359 2.68 -13.99 12.98
C ASN B 359 3.49 -15.12 13.64
N ASN B 360 3.30 -15.26 14.96
CA ASN B 360 4.05 -16.17 15.81
C ASN B 360 3.27 -17.44 16.21
N ILE B 361 2.39 -17.93 15.32
CA ILE B 361 1.62 -19.16 15.50
C ILE B 361 2.25 -20.28 14.69
N LYS B 362 2.41 -21.45 15.31
CA LYS B 362 2.81 -22.69 14.66
C LYS B 362 1.61 -23.65 14.57
N LEU B 363 1.38 -24.23 13.41
CA LEU B 363 0.35 -25.21 13.17
C LEU B 363 0.95 -26.61 13.14
N TYR B 364 0.39 -27.52 13.92
CA TYR B 364 0.76 -28.91 14.04
C TYR B 364 -0.42 -29.81 13.63
N VAL B 365 -0.13 -30.96 13.03
CA VAL B 365 -1.13 -32.02 12.84
C VAL B 365 -0.60 -33.27 13.51
N ARG B 366 -1.35 -33.87 14.46
CA ARG B 366 -0.90 -35.05 15.21
C ARG B 366 0.51 -34.84 15.79
N ARG B 367 0.71 -33.68 16.43
CA ARG B 367 2.01 -33.30 17.05
C ARG B 367 3.23 -33.10 16.11
N VAL B 368 3.02 -33.18 14.79
CA VAL B 368 4.08 -32.87 13.82
C VAL B 368 3.86 -31.52 13.17
N PHE B 369 4.92 -30.74 13.04
CA PHE B 369 4.86 -29.37 12.50
C PHE B 369 4.43 -29.35 11.04
N ILE B 370 3.47 -28.50 10.70
CA ILE B 370 2.98 -28.30 9.33
C ILE B 370 3.51 -26.99 8.77
N MET B 371 3.24 -25.87 9.44
CA MET B 371 3.77 -24.55 9.04
C MET B 371 3.70 -23.54 10.17
N ASP B 372 4.51 -22.49 10.06
CA ASP B 372 4.43 -21.27 10.86
C ASP B 372 4.28 -20.07 9.92
N ASN B 373 4.11 -18.88 10.50
CA ASN B 373 4.19 -17.61 9.78
C ASN B 373 3.13 -17.47 8.66
N CYS B 374 2.04 -18.24 8.73
CA CYS B 374 0.95 -18.20 7.77
C CYS B 374 -0.01 -17.07 8.14
N GLU B 375 -0.01 -16.01 7.34
CA GLU B 375 -0.83 -14.80 7.50
C GLU B 375 -2.35 -15.05 7.49
N GLU B 376 -2.80 -16.25 7.16
CA GLU B 376 -4.21 -16.65 7.21
C GLU B 376 -4.64 -17.10 8.60
N LEU B 377 -3.72 -17.52 9.48
CA LEU B 377 -4.09 -18.08 10.79
C LEU B 377 -4.69 -17.05 11.75
N ILE B 378 -4.09 -15.86 11.84
CA ILE B 378 -4.59 -14.73 12.64
C ILE B 378 -4.24 -13.41 11.97
N PRO B 379 -5.06 -12.35 12.14
CA PRO B 379 -4.81 -11.06 11.53
C PRO B 379 -3.58 -10.39 12.11
N GLU B 380 -2.89 -9.55 11.35
CA GLU B 380 -1.60 -8.99 11.75
C GLU B 380 -1.66 -8.12 13.02
N TYR B 381 -2.83 -7.63 13.43
CA TYR B 381 -2.94 -6.97 14.73
C TYR B 381 -2.74 -7.93 15.91
N LEU B 382 -2.95 -9.25 15.75
CA LEU B 382 -2.64 -10.28 16.74
C LEU B 382 -1.27 -10.94 16.55
N ASN B 383 -0.39 -10.39 15.71
CA ASN B 383 0.91 -11.00 15.42
C ASN B 383 1.77 -11.29 16.67
N PHE B 384 1.57 -10.55 17.77
CA PHE B 384 2.28 -10.73 19.03
C PHE B 384 1.97 -12.03 19.77
N ILE B 385 0.85 -12.69 19.48
CA ILE B 385 0.48 -13.92 20.19
C ILE B 385 1.40 -15.06 19.78
N ARG B 386 2.23 -15.58 20.71
CA ARG B 386 3.08 -16.75 20.45
C ARG B 386 2.15 -17.90 20.77
N GLY B 387 2.02 -18.98 19.93
CA GLY B 387 1.07 -20.07 20.15
C GLY B 387 1.24 -21.29 19.26
N VAL B 388 0.56 -22.32 19.69
CA VAL B 388 0.44 -23.61 19.02
C VAL B 388 -1.01 -23.83 18.67
N VAL B 389 -1.27 -24.28 17.45
CA VAL B 389 -2.52 -24.92 17.05
C VAL B 389 -2.21 -26.37 16.69
N ASP B 390 -2.97 -27.32 17.19
CA ASP B 390 -2.82 -28.73 16.88
C ASP B 390 -4.18 -29.36 16.50
N SER B 391 -4.20 -30.21 15.49
CA SER B 391 -5.42 -30.90 15.08
C SER B 391 -5.15 -32.29 14.56
N GLU B 392 -6.13 -33.18 14.71
CA GLU B 392 -6.03 -34.56 14.22
C GLU B 392 -6.33 -34.69 12.70
N ASP B 393 -7.18 -33.82 12.14
CA ASP B 393 -7.98 -34.18 10.95
C ASP B 393 -7.78 -33.28 9.72
N LEU B 394 -6.86 -32.32 9.75
CA LEU B 394 -6.72 -31.36 8.66
C LEU B 394 -6.15 -31.99 7.36
N PRO B 395 -6.58 -31.54 6.18
CA PRO B 395 -6.12 -32.06 4.90
C PRO B 395 -4.75 -31.47 4.54
N LEU B 396 -3.72 -32.30 4.53
CA LEU B 396 -2.34 -31.91 4.20
C LEU B 396 -2.04 -32.03 2.70
N ASN B 397 -1.23 -31.11 2.22
CA ASN B 397 -0.62 -31.21 0.90
C ASN B 397 0.38 -32.37 0.88
N ILE B 398 0.74 -32.89 -0.29
CA ILE B 398 1.64 -34.04 -0.42
C ILE B 398 3.02 -33.83 0.19
N SER B 399 3.59 -32.62 0.22
CA SER B 399 4.86 -32.37 0.91
C SER B 399 4.71 -32.33 2.44
N ARG B 400 3.46 -32.28 2.94
CA ARG B 400 3.04 -32.04 4.33
C ARG B 400 3.43 -30.67 4.90
N GLU B 401 3.97 -29.76 4.10
CA GLU B 401 4.39 -28.42 4.53
C GLU B 401 3.28 -27.35 4.47
N MET B 402 2.05 -27.73 4.11
CA MET B 402 0.90 -26.80 4.05
C MET B 402 -0.44 -27.54 4.02
N LEU B 403 -1.53 -26.82 4.23
CA LEU B 403 -2.89 -27.33 4.06
C LEU B 403 -3.36 -27.25 2.60
N GLN B 404 -4.27 -28.14 2.23
CA GLN B 404 -4.94 -28.13 0.92
C GLN B 404 -5.98 -27.02 0.76
N GLN B 405 -6.78 -26.77 1.80
CA GLN B 405 -7.96 -25.91 1.73
C GLN B 405 -7.76 -24.63 2.54
N SER B 406 -7.99 -23.45 1.95
CA SER B 406 -8.02 -22.18 2.68
C SER B 406 -9.22 -22.07 3.63
N LYS B 407 -10.34 -22.73 3.36
CA LYS B 407 -11.51 -22.80 4.26
C LYS B 407 -11.15 -23.28 5.68
N ILE B 408 -10.20 -24.22 5.78
CA ILE B 408 -9.70 -24.70 7.07
C ILE B 408 -9.01 -23.56 7.84
N LEU B 409 -8.27 -22.69 7.16
CA LEU B 409 -7.61 -21.57 7.81
C LEU B 409 -8.62 -20.50 8.24
N LYS B 410 -9.66 -20.23 7.45
CA LYS B 410 -10.76 -19.33 7.84
C LYS B 410 -11.42 -19.80 9.14
N VAL B 411 -11.80 -21.06 9.23
CA VAL B 411 -12.53 -21.58 10.41
C VAL B 411 -11.63 -21.74 11.63
N ILE B 412 -10.33 -22.00 11.45
CA ILE B 412 -9.34 -21.86 12.53
C ILE B 412 -9.31 -20.42 13.01
N ARG B 413 -9.07 -19.46 12.12
CA ARG B 413 -8.89 -18.05 12.43
C ARG B 413 -10.07 -17.42 13.12
N LYS B 414 -11.29 -17.74 12.69
CA LYS B 414 -12.51 -17.30 13.35
C LYS B 414 -12.47 -17.66 14.83
N ASN B 415 -12.15 -18.91 15.15
CA ASN B 415 -12.07 -19.36 16.53
C ASN B 415 -10.86 -18.78 17.26
N LEU B 416 -9.68 -18.68 16.64
CA LEU B 416 -8.53 -18.07 17.30
C LEU B 416 -8.83 -16.62 17.71
N VAL B 417 -9.32 -15.80 16.79
CA VAL B 417 -9.64 -14.40 17.07
C VAL B 417 -10.75 -14.32 18.11
N LYS B 418 -11.85 -15.06 17.95
CA LYS B 418 -12.98 -15.06 18.88
C LYS B 418 -12.56 -15.38 20.31
N LYS B 419 -11.60 -16.29 20.51
CA LYS B 419 -11.07 -16.63 21.84
C LYS B 419 -9.94 -15.72 22.32
N CYS B 420 -9.20 -15.05 21.44
CA CYS B 420 -8.30 -13.97 21.86
C CYS B 420 -9.05 -12.80 22.48
N LEU B 421 -10.15 -12.38 21.88
CA LEU B 421 -10.93 -11.28 22.43
C LEU B 421 -11.63 -11.70 23.73
N GLU B 422 -11.97 -12.98 23.90
CA GLU B 422 -12.33 -13.51 25.22
C GLU B 422 -11.13 -13.47 26.20
N LEU B 423 -9.90 -13.81 25.78
CA LEU B 423 -8.72 -13.72 26.63
C LEU B 423 -8.51 -12.31 27.14
N PHE B 424 -8.48 -11.30 26.27
CA PHE B 424 -8.34 -9.93 26.71
C PHE B 424 -9.51 -9.50 27.58
N THR B 425 -10.72 -9.97 27.31
CA THR B 425 -11.91 -9.66 28.14
C THR B 425 -11.78 -10.24 29.55
N GLU B 426 -11.25 -11.45 29.71
CA GLU B 426 -10.97 -12.03 31.03
C GLU B 426 -9.75 -11.40 31.71
N LEU B 427 -8.76 -10.95 30.94
CA LEU B 427 -7.57 -10.26 31.42
C LEU B 427 -7.89 -8.85 31.93
N ALA B 428 -8.84 -8.14 31.30
CA ALA B 428 -9.28 -6.79 31.65
C ALA B 428 -10.00 -6.68 32.99
N GLU B 429 -10.42 -7.78 33.60
CA GLU B 429 -10.91 -7.79 34.98
C GLU B 429 -9.79 -7.70 36.03
N ASP B 430 -8.56 -8.03 35.63
CA ASP B 430 -7.40 -8.14 36.51
C ASP B 430 -6.47 -6.93 36.30
N LYS B 431 -6.88 -5.78 36.83
CA LYS B 431 -6.38 -4.44 36.47
C LYS B 431 -4.86 -4.34 36.38
N GLU B 432 -4.14 -4.89 37.35
CA GLU B 432 -2.68 -4.82 37.40
C GLU B 432 -2.03 -5.63 36.27
N ASN B 433 -2.58 -6.78 35.90
CA ASN B 433 -2.11 -7.50 34.71
C ASN B 433 -2.58 -6.82 33.42
N TYR B 434 -3.74 -6.17 33.43
CA TYR B 434 -4.16 -5.41 32.25
C TYR B 434 -3.26 -4.21 31.99
N LYS B 435 -2.77 -3.51 33.01
CA LYS B 435 -1.80 -2.41 32.82
C LYS B 435 -0.50 -2.91 32.20
N LYS B 436 0.02 -4.06 32.63
CA LYS B 436 1.23 -4.70 32.05
C LYS B 436 1.05 -5.11 30.58
N PHE B 437 -0.17 -5.46 30.19
CA PHE B 437 -0.55 -5.78 28.83
C PHE B 437 -0.67 -4.52 28.00
N TYR B 438 -1.52 -3.60 28.43
CA TYR B 438 -1.90 -2.45 27.62
C TYR B 438 -0.74 -1.49 27.41
N GLU B 439 0.17 -1.32 28.37
CA GLU B 439 1.33 -0.43 28.21
C GLU B 439 2.27 -0.84 27.06
N GLN B 440 2.08 -2.02 26.46
CA GLN B 440 2.93 -2.58 25.41
C GLN B 440 2.15 -2.95 24.16
N PHE B 441 0.95 -3.49 24.32
CA PHE B 441 0.11 -4.00 23.25
C PHE B 441 -1.08 -3.09 22.91
N SER B 442 -1.19 -1.89 23.49
CA SER B 442 -2.23 -0.93 23.10
C SER B 442 -2.23 -0.63 21.61
N LYS B 443 -1.06 -0.56 20.96
CA LYS B 443 -0.95 -0.42 19.51
C LYS B 443 -1.71 -1.50 18.77
N ASN B 444 -1.70 -2.74 19.27
CA ASN B 444 -2.38 -3.87 18.66
C ASN B 444 -3.90 -3.78 18.76
N ILE B 445 -4.45 -3.35 19.90
CA ILE B 445 -5.89 -3.14 20.03
C ILE B 445 -6.35 -2.01 19.10
N LYS B 446 -5.62 -0.90 19.06
CA LYS B 446 -5.96 0.27 18.24
C LYS B 446 -5.82 -0.02 16.75
N LEU B 447 -4.77 -0.76 16.35
CA LEU B 447 -4.62 -1.29 14.99
C LEU B 447 -5.73 -2.28 14.66
N GLY B 448 -6.17 -3.08 15.64
CA GLY B 448 -7.30 -3.97 15.51
C GLY B 448 -8.59 -3.22 15.15
N ILE B 449 -8.91 -2.14 15.85
CA ILE B 449 -10.13 -1.37 15.58
C ILE B 449 -10.10 -0.70 14.19
N HIS B 450 -8.92 -0.35 13.68
CA HIS B 450 -8.78 0.13 12.31
C HIS B 450 -9.10 -0.96 11.28
N GLU B 451 -8.52 -2.15 11.43
CA GLU B 451 -8.62 -3.23 10.43
C GLU B 451 -9.88 -4.10 10.54
N ASP B 452 -10.24 -4.50 11.74
CA ASP B 452 -11.16 -5.61 12.04
C ASP B 452 -12.59 -5.13 12.27
N SER B 453 -13.34 -5.03 11.17
CA SER B 453 -14.71 -4.50 11.13
C SER B 453 -15.72 -5.30 11.93
N GLN B 454 -15.51 -6.60 12.11
CA GLN B 454 -16.41 -7.46 12.87
C GLN B 454 -16.30 -7.20 14.37
N ASN B 455 -15.09 -6.99 14.87
CA ASN B 455 -14.78 -6.98 16.31
C ASN B 455 -14.73 -5.60 16.99
N ARG B 456 -14.91 -4.47 16.29
CA ARG B 456 -14.84 -3.12 16.92
C ARG B 456 -15.73 -2.99 18.15
N LYS B 457 -16.92 -3.61 18.11
CA LYS B 457 -17.87 -3.70 19.22
C LYS B 457 -17.30 -4.33 20.50
N LYS B 458 -16.28 -5.21 20.38
CA LYS B 458 -15.58 -5.88 21.50
C LYS B 458 -14.22 -5.27 21.77
N LEU B 459 -13.40 -5.04 20.74
CA LEU B 459 -12.09 -4.40 20.89
C LEU B 459 -12.18 -3.02 21.57
N SER B 460 -13.23 -2.24 21.33
CA SER B 460 -13.37 -0.94 21.98
C SER B 460 -13.62 -1.03 23.49
N GLU B 461 -14.13 -2.13 24.02
CA GLU B 461 -14.19 -2.35 25.47
C GLU B 461 -12.80 -2.64 26.07
N LEU B 462 -11.81 -2.99 25.26
CA LEU B 462 -10.42 -3.21 25.68
C LEU B 462 -9.60 -1.92 25.74
N LEU B 463 -10.05 -0.83 25.09
CA LEU B 463 -9.31 0.43 25.06
C LEU B 463 -9.22 1.08 26.43
N ARG B 464 -8.16 1.75 26.76
CA ARG B 464 -7.91 2.41 28.00
C ARG B 464 -7.18 3.71 27.58
N TYR B 465 -7.54 4.83 28.20
CA TYR B 465 -6.93 6.12 27.86
C TYR B 465 -6.82 7.07 29.05
N TYR B 466 -5.97 8.08 28.92
CA TYR B 466 -5.96 9.18 29.88
C TYR B 466 -7.17 10.07 29.62
N THR B 467 -7.69 10.76 30.63
CA THR B 467 -8.77 11.73 30.45
C THR B 467 -8.65 12.90 31.40
N SER B 468 -9.33 14.00 31.12
CA SER B 468 -9.28 15.22 31.93
C SER B 468 -9.83 15.09 33.35
N ALA B 469 -10.36 13.94 33.76
CA ALA B 469 -10.86 13.68 35.11
C ALA B 469 -10.29 12.39 35.75
N SER B 470 -9.34 11.72 35.11
CA SER B 470 -8.63 10.53 35.63
C SER B 470 -7.19 10.80 36.06
N GLY B 471 -6.64 11.98 35.76
CA GLY B 471 -5.28 12.36 36.14
C GLY B 471 -4.24 11.63 35.30
N ASP B 472 -3.38 10.85 35.94
CA ASP B 472 -2.37 9.98 35.32
C ASP B 472 -2.79 8.50 35.23
N GLU B 473 -3.99 8.15 35.69
CA GLU B 473 -4.58 6.82 35.52
C GLU B 473 -5.08 6.62 34.07
N MET B 474 -5.24 5.37 33.65
CA MET B 474 -5.89 5.00 32.38
C MET B 474 -7.32 4.51 32.68
N VAL B 475 -8.32 4.95 31.92
CA VAL B 475 -9.72 4.56 32.09
C VAL B 475 -10.33 4.09 30.78
N SER B 476 -11.34 3.24 30.84
CA SER B 476 -12.03 2.71 29.68
C SER B 476 -13.17 3.60 29.22
N LEU B 477 -13.65 3.41 28.00
CA LEU B 477 -14.86 4.10 27.55
C LEU B 477 -16.08 3.76 28.42
N LYS B 478 -16.13 2.57 29.05
CA LYS B 478 -17.20 2.20 30.00
C LYS B 478 -17.16 3.07 31.26
N ASP B 479 -15.97 3.49 31.70
CA ASP B 479 -15.80 4.40 32.84
C ASP B 479 -16.19 5.83 32.45
N TYR B 480 -15.84 6.27 31.24
CA TYR B 480 -16.31 7.57 30.73
C TYR B 480 -17.84 7.60 30.74
N CYS B 481 -18.49 6.61 30.13
CA CYS B 481 -19.95 6.48 30.15
C CYS B 481 -20.56 6.25 31.54
N THR B 482 -19.75 5.94 32.56
CA THR B 482 -20.22 5.91 33.95
C THR B 482 -20.27 7.31 34.54
N ARG B 483 -19.30 8.17 34.19
CA ARG B 483 -19.18 9.54 34.70
C ARG B 483 -19.95 10.60 33.91
N MET B 484 -20.35 10.35 32.65
CA MET B 484 -21.03 11.34 31.81
C MET B 484 -22.18 12.08 32.52
N LYS B 485 -22.27 13.40 32.31
CA LYS B 485 -23.44 14.20 32.73
C LYS B 485 -24.63 13.84 31.85
N GLU B 486 -25.84 13.82 32.41
CA GLU B 486 -27.02 13.29 31.71
C GLU B 486 -27.40 14.06 30.43
N ASN B 487 -26.97 15.31 30.32
CA ASN B 487 -27.16 16.12 29.12
C ASN B 487 -26.08 15.93 28.03
N GLN B 488 -25.00 15.18 28.27
CA GLN B 488 -24.11 14.73 27.20
C GLN B 488 -24.79 13.67 26.33
N LYS B 489 -24.65 13.79 25.01
CA LYS B 489 -24.94 12.71 24.05
C LYS B 489 -23.68 12.22 23.35
N HIS B 490 -22.52 12.80 23.68
CA HIS B 490 -21.26 12.64 22.97
C HIS B 490 -20.13 12.30 23.93
N ILE B 491 -19.14 11.58 23.42
CA ILE B 491 -17.89 11.30 24.13
C ILE B 491 -16.84 12.23 23.54
N TYR B 492 -16.46 13.25 24.30
CA TYR B 492 -15.53 14.28 23.83
C TYR B 492 -14.12 13.74 23.86
N TYR B 493 -13.36 13.90 22.78
CA TYR B 493 -11.97 13.49 22.75
C TYR B 493 -11.08 14.51 22.05
N ILE B 494 -9.79 14.49 22.32
CA ILE B 494 -8.80 15.39 21.73
C ILE B 494 -7.57 14.59 21.37
N THR B 495 -6.79 15.07 20.40
CA THR B 495 -5.60 14.37 19.93
C THR B 495 -4.39 15.28 19.72
N GLY B 496 -3.18 14.80 20.00
CA GLY B 496 -1.95 15.60 19.88
C GLY B 496 -0.67 14.85 20.25
N GLU B 497 0.48 15.53 20.27
CA GLU B 497 1.78 14.85 20.42
C GLU B 497 2.07 14.38 21.86
N THR B 498 1.54 15.05 22.88
CA THR B 498 1.77 14.74 24.30
C THR B 498 0.53 15.03 25.15
N LYS B 499 0.40 14.37 26.30
CA LYS B 499 -0.72 14.61 27.23
C LYS B 499 -0.78 16.04 27.74
N ASP B 500 0.37 16.68 27.94
CA ASP B 500 0.41 18.07 28.41
C ASP B 500 0.11 19.08 27.31
N GLN B 501 0.48 18.80 26.05
CA GLN B 501 0.05 19.61 24.92
C GLN B 501 -1.47 19.62 24.78
N VAL B 502 -2.12 18.46 24.87
CA VAL B 502 -3.57 18.39 24.72
C VAL B 502 -4.30 18.87 25.98
N ALA B 503 -3.85 18.53 27.18
CA ALA B 503 -4.54 18.94 28.40
C ALA B 503 -4.54 20.46 28.62
N ASN B 504 -3.43 21.13 28.28
CA ASN B 504 -3.30 22.59 28.35
C ASN B 504 -3.59 23.28 27.00
N SER B 505 -4.32 22.62 26.09
CA SER B 505 -4.69 23.21 24.79
C SER B 505 -5.84 24.21 24.90
N ALA B 506 -6.06 25.01 23.87
CA ALA B 506 -7.15 25.98 23.81
C ALA B 506 -8.52 25.32 23.65
N PHE B 507 -8.58 24.22 22.89
CA PHE B 507 -9.84 23.56 22.53
C PHE B 507 -10.68 23.05 23.72
N VAL B 508 -10.03 22.68 24.82
CA VAL B 508 -10.68 22.06 25.98
C VAL B 508 -11.22 23.06 27.00
N GLU B 509 -10.97 24.37 26.85
CA GLU B 509 -11.16 25.32 27.94
C GLU B 509 -12.59 25.33 28.51
N ARG B 510 -13.64 25.44 27.67
CA ARG B 510 -15.01 25.42 28.18
C ARG B 510 -15.47 24.02 28.53
N LEU B 511 -14.92 22.97 27.94
CA LEU B 511 -15.21 21.61 28.38
C LEU B 511 -14.80 21.43 29.83
N ARG B 512 -13.61 21.96 30.16
CA ARG B 512 -13.02 21.92 31.50
C ARG B 512 -13.80 22.80 32.49
N LYS B 513 -14.31 23.93 32.01
CA LYS B 513 -15.17 24.83 32.80
C LYS B 513 -16.55 24.24 33.08
N HIS B 514 -17.19 23.61 32.10
CA HIS B 514 -18.47 22.91 32.28
C HIS B 514 -18.34 21.59 33.05
N GLY B 515 -17.14 21.16 33.42
CA GLY B 515 -16.92 19.89 34.10
C GLY B 515 -17.22 18.68 33.20
N LEU B 516 -16.99 18.82 31.90
CA LEU B 516 -17.16 17.75 30.92
C LEU B 516 -15.82 17.08 30.69
N GLU B 517 -15.79 15.75 30.73
CA GLU B 517 -14.57 14.99 30.60
C GLU B 517 -14.12 14.90 29.15
N VAL B 518 -12.82 15.02 28.89
CA VAL B 518 -12.22 14.88 27.56
C VAL B 518 -11.25 13.72 27.55
N ILE B 519 -11.41 12.80 26.61
CA ILE B 519 -10.47 11.70 26.40
C ILE B 519 -9.24 12.19 25.67
N TYR B 520 -8.04 11.93 26.18
CA TYR B 520 -6.79 12.32 25.54
C TYR B 520 -6.26 11.18 24.69
N MET B 521 -6.03 11.41 23.40
CA MET B 521 -5.51 10.40 22.49
C MET B 521 -4.17 10.82 21.88
N ILE B 522 -3.12 10.05 22.11
CA ILE B 522 -1.74 10.56 22.09
C ILE B 522 -0.86 9.85 21.06
N GLU B 523 -1.05 8.55 20.86
CA GLU B 523 -0.24 7.80 19.90
C GLU B 523 -0.70 8.09 18.47
N PRO B 524 0.19 8.11 17.46
CA PRO B 524 -0.24 8.35 16.08
C PRO B 524 -1.25 7.30 15.58
N ILE B 525 -1.26 6.10 16.16
CA ILE B 525 -2.24 5.05 15.84
C ILE B 525 -3.67 5.40 16.31
N ASP B 526 -3.84 6.22 17.35
CA ASP B 526 -5.19 6.64 17.77
C ASP B 526 -5.93 7.43 16.71
N GLU B 527 -5.20 8.15 15.85
CA GLU B 527 -5.77 8.96 14.80
C GLU B 527 -6.29 8.13 13.62
N TYR B 528 -5.84 6.87 13.50
CA TYR B 528 -6.45 5.87 12.63
C TYR B 528 -7.68 5.25 13.31
N CYS B 529 -7.53 4.81 14.57
CA CYS B 529 -8.59 4.22 15.35
C CYS B 529 -9.89 5.04 15.33
N VAL B 530 -9.86 6.34 15.65
CA VAL B 530 -11.09 7.16 15.74
C VAL B 530 -11.80 7.42 14.41
N GLN B 531 -11.16 7.13 13.26
CA GLN B 531 -11.90 7.14 12.00
C GLN B 531 -12.97 6.03 11.98
N GLN B 532 -12.60 4.84 12.49
CA GLN B 532 -13.44 3.66 12.57
C GLN B 532 -14.30 3.64 13.84
N LEU B 533 -13.75 4.05 14.98
CA LEU B 533 -14.46 4.10 16.25
C LEU B 533 -15.38 5.32 16.34
N LYS B 534 -16.42 5.35 15.51
CA LYS B 534 -17.36 6.48 15.44
C LYS B 534 -18.26 6.61 16.66
N GLU B 535 -18.55 5.52 17.34
CA GLU B 535 -19.57 5.48 18.38
C GLU B 535 -19.23 4.44 19.43
N PHE B 536 -19.65 4.67 20.67
CA PHE B 536 -19.56 3.68 21.73
C PHE B 536 -20.83 3.70 22.59
N GLU B 537 -21.48 2.57 22.80
CA GLU B 537 -22.75 2.47 23.56
C GLU B 537 -23.81 3.51 23.16
N GLY B 538 -23.95 3.80 21.88
CA GLY B 538 -24.89 4.79 21.34
C GLY B 538 -24.49 6.25 21.54
N LYS B 539 -23.30 6.52 22.11
CA LYS B 539 -22.75 7.86 22.29
C LYS B 539 -21.73 8.14 21.19
N THR B 540 -21.89 9.25 20.48
CA THR B 540 -21.00 9.59 19.36
C THR B 540 -19.69 10.16 19.88
N LEU B 541 -18.55 9.62 19.44
CA LEU B 541 -17.25 10.22 19.73
C LEU B 541 -17.05 11.44 18.83
N VAL B 542 -16.87 12.62 19.43
CA VAL B 542 -16.68 13.90 18.71
C VAL B 542 -15.36 14.53 19.07
N SER B 543 -14.53 14.87 18.07
CA SER B 543 -13.26 15.53 18.35
C SER B 543 -13.50 16.97 18.76
N VAL B 544 -12.92 17.39 19.88
CA VAL B 544 -12.98 18.77 20.33
C VAL B 544 -12.09 19.69 19.49
N THR B 545 -11.34 19.20 18.50
CA THR B 545 -10.64 20.05 17.52
C THR B 545 -11.48 20.37 16.28
N LYS B 546 -12.68 19.79 16.12
CA LYS B 546 -13.51 19.97 14.93
C LYS B 546 -14.64 20.97 15.14
N GLU B 547 -15.10 21.55 14.05
CA GLU B 547 -16.15 22.57 14.05
C GLU B 547 -17.47 22.08 14.67
N GLY B 548 -18.36 23.02 14.96
CA GLY B 548 -19.71 22.70 15.43
C GLY B 548 -19.73 21.90 16.72
N LEU B 549 -18.93 22.27 17.72
CA LEU B 549 -18.88 21.54 18.99
C LEU B 549 -20.17 21.79 19.79
N GLU B 550 -21.09 20.84 19.73
CA GLU B 550 -22.32 20.88 20.51
C GLU B 550 -22.05 20.49 21.97
N LEU B 551 -21.62 21.48 22.76
CA LEU B 551 -21.63 21.40 24.21
C LEU B 551 -23.08 21.38 24.72
N PRO B 552 -23.39 20.67 25.81
CA PRO B 552 -24.59 20.95 26.58
C PRO B 552 -24.45 22.32 27.24
N GLU B 553 -25.35 23.23 26.90
CA GLU B 553 -25.38 24.62 27.38
C GLU B 553 -26.83 25.13 27.45
N ASP B 554 -27.08 26.13 28.29
CA ASP B 554 -28.44 26.62 28.59
C ASP B 554 -29.00 27.57 27.53
N GLU B 555 -30.32 27.75 27.46
CA GLU B 555 -30.96 28.62 26.47
C GLU B 555 -30.49 30.09 26.56
N GLU B 556 -30.20 30.55 27.78
CA GLU B 556 -29.58 31.85 28.03
C GLU B 556 -28.18 31.96 27.41
N GLU B 557 -27.40 30.87 27.47
CA GLU B 557 -26.08 30.81 26.83
C GLU B 557 -26.20 30.71 25.31
N LYS B 558 -27.19 29.97 24.79
CA LYS B 558 -27.47 29.91 23.35
C LYS B 558 -27.88 31.29 22.81
N LYS B 559 -28.69 32.03 23.56
CA LYS B 559 -29.08 33.41 23.21
C LYS B 559 -27.86 34.34 23.23
N LYS B 560 -27.06 34.32 24.30
CA LYS B 560 -25.82 35.12 24.37
C LYS B 560 -24.85 34.77 23.25
N GLN B 561 -24.71 33.51 22.87
CA GLN B 561 -23.85 33.12 21.75
C GLN B 561 -24.31 33.75 20.43
N GLU B 562 -25.61 33.76 20.14
CA GLU B 562 -26.13 34.41 18.93
C GLU B 562 -26.05 35.94 18.99
N GLU B 563 -26.21 36.54 20.17
CA GLU B 563 -25.95 37.97 20.37
C GLU B 563 -24.48 38.29 20.10
N LYS B 564 -23.54 37.46 20.56
CA LYS B 564 -22.11 37.65 20.31
C LYS B 564 -21.76 37.42 18.84
N LYS B 565 -22.27 36.38 18.18
CA LYS B 565 -22.16 36.22 16.72
C LYS B 565 -22.68 37.46 15.99
N THR B 566 -23.76 38.07 16.46
CA THR B 566 -24.29 39.31 15.89
C THR B 566 -23.33 40.48 16.09
N LYS B 567 -22.84 40.70 17.31
CA LYS B 567 -21.90 41.78 17.64
C LYS B 567 -20.61 41.72 16.82
N PHE B 568 -20.04 40.52 16.66
CA PHE B 568 -18.73 40.31 16.05
C PHE B 568 -18.77 39.97 14.54
N GLU B 569 -19.91 40.04 13.86
CA GLU B 569 -20.02 39.71 12.44
C GLU B 569 -19.13 40.60 11.52
N ASN B 570 -18.92 41.87 11.88
CA ASN B 570 -17.96 42.72 11.16
C ASN B 570 -16.51 42.22 11.31
N LEU B 571 -16.08 41.96 12.55
CA LEU B 571 -14.70 41.51 12.81
C LEU B 571 -14.42 40.22 12.05
N CYS B 572 -15.34 39.25 12.09
CA CYS B 572 -15.18 37.98 11.41
C CYS B 572 -14.98 38.17 9.90
N LYS B 573 -15.79 39.03 9.26
CA LYS B 573 -15.63 39.32 7.84
C LYS B 573 -14.31 40.02 7.53
N ILE B 574 -13.89 40.96 8.38
CA ILE B 574 -12.64 41.71 8.16
C ILE B 574 -11.42 40.81 8.31
N MET B 575 -11.39 39.96 9.33
CA MET B 575 -10.29 39.03 9.54
C MET B 575 -10.18 38.01 8.40
N LYS B 576 -11.31 37.50 7.87
CA LYS B 576 -11.27 36.60 6.72
C LYS B 576 -10.63 37.26 5.49
N ASP B 577 -10.82 38.57 5.30
CA ASP B 577 -10.21 39.30 4.19
C ASP B 577 -8.69 39.48 4.34
N ILE B 578 -8.18 39.52 5.57
CA ILE B 578 -6.74 39.60 5.85
C ILE B 578 -6.07 38.22 5.72
N LEU B 579 -6.76 37.17 6.16
CA LEU B 579 -6.33 35.76 6.20
C LEU B 579 -6.73 34.97 4.93
N GLU B 580 -7.06 35.64 3.83
CA GLU B 580 -7.74 35.00 2.72
C GLU B 580 -6.95 33.84 2.10
N LYS B 581 -7.65 32.73 1.79
CA LYS B 581 -7.12 31.40 1.41
C LYS B 581 -6.34 30.64 2.52
N LYS B 582 -6.01 31.27 3.65
CA LYS B 582 -5.40 30.60 4.82
C LYS B 582 -6.44 29.97 5.76
N VAL B 583 -7.70 30.38 5.67
CA VAL B 583 -8.86 29.80 6.38
C VAL B 583 -10.10 29.82 5.49
N GLU B 584 -11.02 28.89 5.70
CA GLU B 584 -12.31 28.87 5.01
C GLU B 584 -13.36 29.78 5.67
N LYS B 585 -13.21 30.03 6.97
CA LYS B 585 -14.12 30.85 7.76
C LYS B 585 -13.38 31.56 8.88
N VAL B 586 -14.02 32.59 9.41
CA VAL B 586 -13.74 33.11 10.76
C VAL B 586 -15.07 33.13 11.52
N VAL B 587 -15.13 32.54 12.72
CA VAL B 587 -16.40 32.33 13.45
C VAL B 587 -16.29 32.57 14.94
N VAL B 588 -17.31 33.16 15.56
CA VAL B 588 -17.37 33.29 17.03
C VAL B 588 -17.74 31.94 17.65
N SER B 589 -17.12 31.53 18.76
CA SER B 589 -17.29 30.16 19.27
C SER B 589 -17.41 30.00 20.80
N ASN B 590 -17.88 28.81 21.21
CA ASN B 590 -18.17 28.44 22.60
C ASN B 590 -17.17 27.46 23.24
N ARG B 591 -16.24 26.86 22.50
CA ARG B 591 -15.27 25.94 23.13
C ARG B 591 -14.17 26.65 23.96
N LEU B 592 -13.88 27.90 23.61
CA LEU B 592 -12.87 28.73 24.27
C LEU B 592 -13.39 29.47 25.51
N VAL B 593 -12.47 29.87 26.40
CA VAL B 593 -12.73 30.73 27.57
C VAL B 593 -11.61 31.75 27.77
N THR B 594 -10.35 31.31 27.79
CA THR B 594 -9.18 32.13 28.11
C THR B 594 -8.23 32.37 26.95
N SER B 595 -8.21 31.52 25.92
CA SER B 595 -7.46 31.81 24.69
C SER B 595 -8.24 32.74 23.77
N PRO B 596 -7.60 33.63 23.00
CA PRO B 596 -8.31 34.55 22.12
C PRO B 596 -8.89 33.84 20.88
N CYS B 597 -8.25 32.79 20.37
CA CYS B 597 -8.66 32.11 19.15
C CYS B 597 -7.98 30.75 19.00
N CYS B 598 -8.49 29.90 18.10
CA CYS B 598 -7.85 28.63 17.74
C CYS B 598 -8.22 28.21 16.32
N ILE B 599 -7.42 27.35 15.70
CA ILE B 599 -7.67 26.85 14.35
C ILE B 599 -8.33 25.48 14.45
N VAL B 600 -9.58 25.44 14.06
CA VAL B 600 -10.48 24.30 14.15
C VAL B 600 -10.70 23.75 12.75
N THR B 601 -10.63 22.44 12.57
CA THR B 601 -10.86 21.83 11.26
C THR B 601 -12.33 21.57 11.00
N SER B 602 -12.73 21.48 9.73
CA SER B 602 -14.09 21.06 9.37
C SER B 602 -14.43 19.64 9.81
N THR B 603 -15.71 19.28 9.73
CA THR B 603 -16.20 17.95 10.14
C THR B 603 -15.61 16.81 9.32
N TYR B 604 -15.44 16.95 8.00
CA TYR B 604 -15.07 15.85 7.10
C TYR B 604 -13.65 15.91 6.54
N GLY B 605 -12.80 16.82 7.05
CA GLY B 605 -11.37 16.86 6.78
C GLY B 605 -10.55 16.05 7.80
N TRP B 606 -9.24 15.94 7.54
CA TRP B 606 -8.26 15.57 8.56
C TRP B 606 -8.27 16.56 9.74
N THR B 607 -8.05 16.08 10.96
CA THR B 607 -7.70 16.93 12.11
C THR B 607 -6.28 17.50 11.93
N ALA B 608 -5.92 18.50 12.72
CA ALA B 608 -4.55 19.02 12.69
C ALA B 608 -3.50 17.93 12.96
N ASN B 609 -3.77 17.01 13.90
CA ASN B 609 -2.93 15.86 14.20
C ASN B 609 -2.89 14.84 13.05
N MET B 610 -4.03 14.54 12.43
CA MET B 610 -4.05 13.63 11.29
C MET B 610 -3.23 14.17 10.14
N GLU B 611 -3.33 15.46 9.83
CA GLU B 611 -2.54 16.03 8.75
C GLU B 611 -1.03 15.96 9.04
N ARG B 612 -0.63 16.14 10.30
CA ARG B 612 0.78 16.02 10.67
C ARG B 612 1.26 14.57 10.48
N ILE B 613 0.41 13.61 10.85
CA ILE B 613 0.74 12.19 10.70
C ILE B 613 0.82 11.80 9.23
N MET B 614 -0.19 12.11 8.41
CA MET B 614 -0.18 11.75 6.99
C MET B 614 0.98 12.41 6.23
N LYS B 615 1.30 13.67 6.51
CA LYS B 615 2.47 14.37 5.93
C LYS B 615 3.83 13.75 6.29
N ALA B 616 3.88 12.81 7.23
CA ALA B 616 5.08 12.09 7.64
C ALA B 616 5.13 10.62 7.19
N GLN B 617 4.09 10.08 6.53
CA GLN B 617 4.13 8.70 6.04
C GLN B 617 4.95 8.66 4.75
N ALA B 618 6.20 8.18 4.85
CA ALA B 618 7.19 8.30 3.78
C ALA B 618 6.80 7.62 2.47
N LEU B 619 6.06 6.52 2.54
CA LEU B 619 5.66 5.69 1.40
C LEU B 619 4.14 5.76 1.15
N ARG B 620 3.59 6.96 1.09
CA ARG B 620 2.20 7.22 0.68
C ARG B 620 2.19 8.32 -0.38
N ASP B 621 1.39 8.21 -1.43
CA ASP B 621 1.35 9.25 -2.46
C ASP B 621 0.64 10.51 -1.94
N ASN B 622 1.42 11.54 -1.64
CA ASN B 622 0.94 12.80 -1.06
C ASN B 622 -0.14 13.50 -1.89
N SER B 623 -0.09 13.43 -3.23
CA SER B 623 -1.15 14.01 -4.06
C SER B 623 -2.49 13.28 -3.84
N THR B 624 -2.43 11.95 -3.76
CA THR B 624 -3.60 11.06 -3.72
C THR B 624 -4.27 11.08 -2.34
N MET B 625 -3.49 11.13 -1.25
CA MET B 625 -4.04 11.28 0.10
C MET B 625 -4.34 12.74 0.48
N GLY B 626 -3.59 13.71 -0.05
CA GLY B 626 -3.73 15.14 0.28
C GLY B 626 -5.02 15.82 -0.18
N TYR B 627 -5.87 15.13 -0.94
CA TYR B 627 -7.16 15.63 -1.41
C TYR B 627 -8.13 16.04 -0.29
N MET B 628 -7.94 15.52 0.93
CA MET B 628 -8.77 15.83 2.12
C MET B 628 -8.00 16.53 3.24
N ALA B 629 -6.87 17.17 2.92
CA ALA B 629 -6.16 18.06 3.83
C ALA B 629 -7.08 19.17 4.38
N ALA B 630 -6.78 19.66 5.58
CA ALA B 630 -7.78 20.30 6.42
C ALA B 630 -8.33 21.64 5.87
N LYS B 631 -9.66 21.77 5.93
CA LYS B 631 -10.36 23.06 5.78
C LYS B 631 -10.31 23.80 7.12
N LYS B 632 -9.31 24.66 7.30
CA LYS B 632 -9.05 25.39 8.55
C LYS B 632 -10.09 26.47 8.77
N HIS B 633 -10.77 26.50 9.90
CA HIS B 633 -11.59 27.62 10.36
C HIS B 633 -10.86 28.32 11.50
N LEU B 634 -10.84 29.64 11.55
CA LEU B 634 -10.38 30.35 12.74
C LEU B 634 -11.58 30.59 13.65
N GLU B 635 -11.59 30.03 14.84
CA GLU B 635 -12.55 30.41 15.86
C GLU B 635 -12.06 31.60 16.67
N ILE B 636 -12.97 32.49 17.05
CA ILE B 636 -12.73 33.70 17.83
C ILE B 636 -13.44 33.63 19.17
N ASN B 637 -12.72 33.86 20.27
CA ASN B 637 -13.31 34.03 21.60
C ASN B 637 -13.84 35.46 21.75
N PRO B 638 -15.15 35.68 21.86
CA PRO B 638 -15.72 37.03 21.93
C PRO B 638 -15.47 37.73 23.27
N ASP B 639 -15.08 37.00 24.31
CA ASP B 639 -14.83 37.55 25.65
C ASP B 639 -13.38 37.98 25.88
N HIS B 640 -12.47 37.67 24.95
CA HIS B 640 -11.05 37.99 25.10
C HIS B 640 -10.79 39.47 24.85
N SER B 641 -10.00 40.12 25.72
CA SER B 641 -9.71 41.55 25.59
C SER B 641 -8.94 41.90 24.31
N ILE B 642 -8.12 40.98 23.77
CA ILE B 642 -7.50 41.13 22.45
C ILE B 642 -8.58 41.29 21.40
N ILE B 643 -9.57 40.40 21.38
CA ILE B 643 -10.61 40.34 20.35
C ILE B 643 -11.59 41.50 20.47
N GLU B 644 -12.03 41.84 21.68
CA GLU B 644 -12.90 42.99 21.88
C GLU B 644 -12.20 44.29 21.42
N THR B 645 -10.90 44.45 21.69
CA THR B 645 -10.15 45.62 21.22
C THR B 645 -9.95 45.57 19.72
N LEU B 646 -9.61 44.41 19.17
CA LEU B 646 -9.39 44.20 17.75
C LEU B 646 -10.66 44.46 16.93
N ARG B 647 -11.82 44.29 17.57
CA ARG B 647 -13.12 44.60 16.94
C ARG B 647 -13.26 46.07 16.70
N GLN B 648 -12.95 46.81 17.73
CA GLN B 648 -13.01 48.27 17.69
C GLN B 648 -12.06 48.83 16.63
N LYS B 649 -10.85 48.29 16.52
CA LYS B 649 -9.86 48.72 15.52
C LYS B 649 -10.24 48.34 14.10
N ALA B 650 -10.67 47.10 13.85
CA ALA B 650 -11.13 46.66 12.55
C ALA B 650 -12.37 47.43 12.07
N GLU B 651 -13.32 47.74 12.96
CA GLU B 651 -14.46 48.61 12.63
C GLU B 651 -14.01 50.04 12.24
N ALA B 652 -13.03 50.60 12.95
CA ALA B 652 -12.59 51.98 12.74
C ALA B 652 -11.85 52.20 11.41
N ASP B 653 -10.99 51.27 11.00
CA ASP B 653 -10.39 51.26 9.64
C ASP B 653 -9.99 49.84 9.21
N LYS B 654 -10.74 49.26 8.26
CA LYS B 654 -10.51 47.91 7.74
C LYS B 654 -9.08 47.68 7.27
N ASN B 655 -8.42 48.72 6.77
CA ASN B 655 -7.09 48.65 6.19
C ASN B 655 -5.95 48.98 7.17
N ASP B 656 -6.24 49.25 8.45
CA ASP B 656 -5.23 49.64 9.44
C ASP B 656 -4.06 48.63 9.47
N LYS B 657 -2.85 49.11 9.19
CA LYS B 657 -1.65 48.26 9.15
C LYS B 657 -1.41 47.53 10.47
N SER B 658 -1.81 48.11 11.61
CA SER B 658 -1.78 47.41 12.90
C SER B 658 -2.71 46.20 12.93
N VAL B 659 -3.95 46.34 12.47
CA VAL B 659 -4.89 45.22 12.34
C VAL B 659 -4.40 44.20 11.31
N LYS B 660 -3.84 44.61 10.17
CA LYS B 660 -3.29 43.66 9.17
C LYS B 660 -2.10 42.85 9.68
N ASP B 661 -1.28 43.41 10.57
CA ASP B 661 -0.12 42.71 11.15
C ASP B 661 -0.51 41.83 12.35
N LEU B 662 -1.39 42.31 13.22
CA LEU B 662 -1.82 41.58 14.41
C LEU B 662 -2.80 40.46 14.09
N VAL B 663 -3.67 40.60 13.08
CA VAL B 663 -4.56 39.51 12.66
C VAL B 663 -3.78 38.33 12.09
N ILE B 664 -2.74 38.58 11.29
CA ILE B 664 -1.90 37.48 10.78
C ILE B 664 -1.03 36.89 11.88
N LEU B 665 -0.59 37.69 12.86
CA LEU B 665 0.14 37.17 14.03
C LEU B 665 -0.75 36.36 14.99
N LEU B 666 -2.03 36.69 15.14
CA LEU B 666 -3.00 35.84 15.84
C LEU B 666 -3.22 34.55 15.08
N TYR B 667 -3.38 34.57 13.76
CA TYR B 667 -3.47 33.34 12.99
C TYR B 667 -2.22 32.47 13.12
N GLU B 668 -1.01 33.01 12.91
CA GLU B 668 0.20 32.22 13.02
C GLU B 668 0.45 31.71 14.44
N THR B 669 0.03 32.43 15.48
CA THR B 669 0.05 31.90 16.85
C THR B 669 -0.99 30.81 17.05
N ALA B 670 -2.18 30.95 16.47
CA ALA B 670 -3.25 29.97 16.57
C ALA B 670 -2.95 28.67 15.83
N LEU B 671 -2.22 28.68 14.71
CA LEU B 671 -1.75 27.44 14.08
C LEU B 671 -0.89 26.59 15.04
N LEU B 672 -0.03 27.24 15.82
CA LEU B 672 0.89 26.59 16.75
C LEU B 672 0.16 26.02 17.95
N SER B 673 -0.68 26.81 18.63
CA SER B 673 -1.47 26.32 19.76
C SER B 673 -2.46 25.21 19.35
N SER B 674 -2.87 25.19 18.08
CA SER B 674 -3.79 24.21 17.49
C SER B 674 -3.11 23.03 16.81
N GLY B 675 -1.79 22.91 16.87
CA GLY B 675 -1.08 21.67 16.51
C GLY B 675 -0.68 21.49 15.05
N PHE B 676 -0.91 22.49 14.20
CA PHE B 676 -0.37 22.53 12.84
C PHE B 676 1.12 22.93 12.85
N SER B 677 1.79 22.75 11.71
CA SER B 677 3.00 23.50 11.36
C SER B 677 2.64 24.74 10.52
N LEU B 678 3.53 25.73 10.51
CA LEU B 678 3.37 26.95 9.71
C LEU B 678 3.71 26.67 8.24
N GLU B 679 3.09 27.36 7.29
CA GLU B 679 3.45 27.21 5.88
C GLU B 679 4.88 27.69 5.57
N ASP B 680 5.39 28.63 6.38
CA ASP B 680 6.80 29.01 6.46
C ASP B 680 7.10 29.55 7.87
N PRO B 681 7.85 28.80 8.70
CA PRO B 681 8.31 29.29 9.99
C PRO B 681 9.23 30.52 9.93
N GLN B 682 10.00 30.74 8.86
CA GLN B 682 10.92 31.88 8.83
C GLN B 682 10.17 33.22 8.72
N THR B 683 9.16 33.30 7.85
CA THR B 683 8.29 34.48 7.77
C THR B 683 7.59 34.79 9.08
N HIS B 684 7.25 33.76 9.88
CA HIS B 684 6.75 33.99 11.23
C HIS B 684 7.84 34.49 12.18
N ALA B 685 8.97 33.80 12.25
CA ALA B 685 10.06 34.15 13.16
C ALA B 685 10.53 35.58 12.93
N ASN B 686 10.58 36.07 11.69
CA ASN B 686 10.88 37.46 11.39
C ASN B 686 9.91 38.47 12.03
N ARG B 687 8.64 38.13 12.27
CA ARG B 687 7.70 39.00 13.01
C ARG B 687 8.12 39.10 14.47
N ILE B 688 8.46 37.96 15.07
CA ILE B 688 8.89 37.90 16.46
C ILE B 688 10.19 38.66 16.65
N TYR B 689 11.18 38.46 15.78
CA TYR B 689 12.43 39.22 15.82
C TYR B 689 12.20 40.71 15.58
N ARG B 690 11.22 41.12 14.77
CA ARG B 690 10.84 42.54 14.68
C ARG B 690 10.22 43.06 15.97
N MET B 691 9.32 42.32 16.62
CA MET B 691 8.77 42.74 17.90
C MET B 691 9.83 42.80 19.00
N ILE B 692 10.77 41.86 19.02
CA ILE B 692 11.90 41.88 19.96
C ILE B 692 12.80 43.09 19.71
N LYS B 693 13.10 43.43 18.46
CA LYS B 693 13.84 44.65 18.13
C LYS B 693 13.13 45.89 18.65
N LEU B 694 11.84 46.03 18.36
CA LEU B 694 11.05 47.16 18.82
C LEU B 694 10.97 47.20 20.35
N GLY B 695 10.77 46.05 20.99
CA GLY B 695 10.66 45.92 22.45
C GLY B 695 11.93 46.26 23.21
N LEU B 696 13.09 46.09 22.58
CA LEU B 696 14.40 46.50 23.10
C LEU B 696 14.83 47.89 22.61
N GLY B 697 14.09 48.52 21.69
CA GLY B 697 14.41 49.85 21.15
C GLY B 697 15.59 49.83 20.18
N ILE B 698 15.60 48.90 19.23
CA ILE B 698 16.69 48.63 18.26
C ILE B 698 16.43 49.21 16.87
N VAL C 17 19.56 -64.05 -0.25
CA VAL C 17 19.05 -62.75 -0.70
C VAL C 17 17.94 -62.93 -1.74
N GLU C 18 16.92 -62.07 -1.71
CA GLU C 18 15.93 -61.94 -2.78
C GLU C 18 15.83 -60.49 -3.26
N THR C 19 15.66 -60.29 -4.57
CA THR C 19 15.52 -58.97 -5.20
C THR C 19 14.11 -58.79 -5.76
N PHE C 20 13.52 -57.63 -5.55
CA PHE C 20 12.14 -57.30 -5.92
C PHE C 20 12.12 -55.99 -6.69
N ALA C 21 11.23 -55.83 -7.66
CA ALA C 21 10.90 -54.49 -8.15
C ALA C 21 10.03 -53.78 -7.11
N PHE C 22 10.03 -52.44 -7.06
CA PHE C 22 8.97 -51.72 -6.37
C PHE C 22 7.62 -51.95 -7.07
N GLN C 23 6.52 -51.93 -6.32
CA GLN C 23 5.15 -51.86 -6.83
C GLN C 23 4.59 -50.46 -6.58
N ALA C 24 3.34 -50.18 -6.97
CA ALA C 24 2.59 -49.06 -6.43
C ALA C 24 1.14 -49.47 -6.14
N GLU C 25 0.57 -49.03 -5.02
CA GLU C 25 -0.84 -49.29 -4.73
C GLU C 25 -1.71 -48.29 -5.49
N ILE C 26 -2.12 -48.66 -6.69
CA ILE C 26 -2.80 -47.78 -7.64
C ILE C 26 -4.03 -47.09 -7.03
N ALA C 27 -4.82 -47.80 -6.22
CA ALA C 27 -5.98 -47.21 -5.56
C ALA C 27 -5.63 -46.03 -4.64
N GLN C 28 -4.52 -46.11 -3.91
CA GLN C 28 -4.03 -45.00 -3.07
C GLN C 28 -3.27 -43.97 -3.90
N LEU C 29 -2.45 -44.40 -4.85
CA LEU C 29 -1.65 -43.51 -5.69
C LEU C 29 -2.52 -42.53 -6.47
N MET C 30 -3.62 -43.01 -7.05
CA MET C 30 -4.60 -42.16 -7.71
C MET C 30 -5.26 -41.19 -6.71
N SER C 31 -5.62 -41.67 -5.53
CA SER C 31 -6.18 -40.85 -4.45
C SER C 31 -5.22 -39.74 -4.00
N LEU C 32 -3.91 -39.95 -4.00
CA LEU C 32 -2.93 -38.88 -3.75
C LEU C 32 -2.98 -37.81 -4.84
N ILE C 33 -2.97 -38.21 -6.11
CA ILE C 33 -2.93 -37.28 -7.24
C ILE C 33 -4.16 -36.38 -7.26
N ILE C 34 -5.30 -36.92 -6.84
CA ILE C 34 -6.56 -36.19 -6.70
C ILE C 34 -6.56 -35.32 -5.44
N ASN C 35 -6.39 -35.91 -4.25
CA ASN C 35 -6.64 -35.23 -2.97
C ASN C 35 -5.49 -34.36 -2.46
N THR C 36 -4.24 -34.61 -2.83
CA THR C 36 -3.09 -34.10 -2.07
C THR C 36 -2.09 -33.28 -2.87
N PHE C 37 -1.98 -33.45 -4.18
CA PHE C 37 -0.99 -32.72 -4.97
C PHE C 37 -1.39 -31.26 -5.18
N TYR C 38 -2.63 -31.02 -5.62
CA TYR C 38 -3.09 -29.73 -6.12
C TYR C 38 -3.95 -29.03 -5.07
N SER C 39 -3.60 -27.81 -4.69
CA SER C 39 -4.27 -27.14 -3.58
C SER C 39 -5.47 -26.32 -4.06
N ASN C 40 -5.44 -25.85 -5.31
CA ASN C 40 -6.58 -25.19 -5.95
C ASN C 40 -7.12 -26.03 -7.10
N LYS C 41 -8.41 -26.39 -7.06
CA LYS C 41 -9.06 -27.24 -8.06
C LYS C 41 -9.03 -26.64 -9.46
N GLU C 42 -9.00 -25.32 -9.60
CA GLU C 42 -9.11 -24.64 -10.89
C GLU C 42 -8.01 -24.97 -11.88
N ILE C 43 -6.85 -25.45 -11.41
CA ILE C 43 -5.71 -25.80 -12.25
C ILE C 43 -6.04 -26.93 -13.23
N PHE C 44 -7.08 -27.75 -13.01
CA PHE C 44 -7.42 -28.82 -13.96
C PHE C 44 -7.54 -28.29 -15.39
N LEU C 45 -8.04 -27.07 -15.54
CA LEU C 45 -8.22 -26.46 -16.83
C LEU C 45 -6.90 -26.03 -17.46
N ARG C 46 -5.91 -25.67 -16.65
CA ARG C 46 -4.60 -25.36 -17.20
C ARG C 46 -3.90 -26.67 -17.64
N GLU C 47 -4.12 -27.77 -16.91
CA GLU C 47 -3.54 -29.08 -17.23
C GLU C 47 -4.12 -29.64 -18.52
N LEU C 48 -5.44 -29.58 -18.69
CA LEU C 48 -6.04 -30.05 -19.93
C LEU C 48 -5.76 -29.12 -21.13
N ILE C 49 -5.59 -27.82 -20.91
CA ILE C 49 -5.10 -26.92 -21.97
C ILE C 49 -3.62 -27.16 -22.27
N SER C 50 -2.78 -27.45 -21.28
CA SER C 50 -1.37 -27.78 -21.50
C SER C 50 -1.22 -29.10 -22.24
N ASN C 51 -2.01 -30.12 -21.91
CA ASN C 51 -2.05 -31.38 -22.66
C ASN C 51 -2.46 -31.14 -24.11
N SER C 52 -3.45 -30.29 -24.37
CA SER C 52 -3.81 -29.93 -25.73
C SER C 52 -2.73 -29.11 -26.44
N SER C 53 -2.01 -28.24 -25.73
CA SER C 53 -0.89 -27.51 -26.32
C SER C 53 0.30 -28.43 -26.67
N ASP C 54 0.55 -29.47 -25.87
CA ASP C 54 1.48 -30.54 -26.20
C ASP C 54 1.00 -31.33 -27.42
N ALA C 55 -0.28 -31.72 -27.44
CA ALA C 55 -0.83 -32.51 -28.53
C ALA C 55 -0.80 -31.75 -29.86
N LEU C 56 -1.04 -30.44 -29.85
CA LEU C 56 -0.88 -29.59 -31.02
C LEU C 56 0.58 -29.46 -31.43
N ASP C 57 1.51 -29.25 -30.49
CA ASP C 57 2.93 -29.13 -30.82
C ASP C 57 3.48 -30.42 -31.44
N LYS C 58 3.05 -31.59 -30.97
CA LYS C 58 3.47 -32.86 -31.56
C LYS C 58 3.10 -32.95 -33.03
N ILE C 59 1.84 -32.67 -33.38
CA ILE C 59 1.42 -32.75 -34.78
C ILE C 59 1.99 -31.64 -35.64
N ARG C 60 2.19 -30.45 -35.04
CA ARG C 60 2.81 -29.28 -35.72
C ARG C 60 4.27 -29.53 -36.04
N TYR C 61 4.91 -30.31 -35.20
CA TYR C 61 6.23 -30.74 -35.39
C TYR C 61 6.33 -31.80 -36.41
N GLU C 62 5.63 -32.88 -36.27
CA GLU C 62 5.66 -34.01 -37.21
C GLU C 62 5.25 -33.60 -38.63
N SER C 63 4.36 -32.63 -38.79
CA SER C 63 3.97 -32.13 -40.11
C SER C 63 5.09 -31.37 -40.85
N LEU C 64 6.12 -30.85 -40.13
CA LEU C 64 7.19 -30.06 -40.75
C LEU C 64 7.99 -30.83 -41.81
N THR C 65 8.07 -32.16 -41.68
CA THR C 65 8.72 -33.05 -42.65
C THR C 65 7.73 -33.91 -43.44
N ASP C 66 6.43 -33.76 -43.21
CA ASP C 66 5.37 -34.50 -43.89
C ASP C 66 4.02 -33.76 -43.81
N PRO C 67 3.72 -32.85 -44.76
CA PRO C 67 2.47 -32.09 -44.76
C PRO C 67 1.21 -32.94 -44.73
N SER C 68 1.28 -34.19 -45.22
CA SER C 68 0.12 -35.10 -45.27
C SER C 68 -0.39 -35.53 -43.90
N LYS C 69 0.39 -35.35 -42.82
CA LYS C 69 -0.06 -35.56 -41.44
C LYS C 69 -1.25 -34.66 -41.07
N LEU C 70 -1.39 -33.50 -41.72
CA LEU C 70 -2.52 -32.60 -41.55
C LEU C 70 -3.68 -32.83 -42.54
N ASP C 71 -3.65 -33.89 -43.37
CA ASP C 71 -4.77 -34.19 -44.28
C ASP C 71 -6.10 -34.31 -43.53
N SER C 72 -6.04 -34.86 -42.32
CA SER C 72 -7.19 -35.06 -41.44
C SER C 72 -7.70 -33.78 -40.77
N GLY C 73 -7.03 -32.64 -40.98
CA GLY C 73 -7.41 -31.31 -40.48
C GLY C 73 -6.19 -30.39 -40.37
N LYS C 74 -6.31 -29.10 -40.75
CA LYS C 74 -5.17 -28.16 -40.82
C LYS C 74 -5.23 -27.00 -39.82
N GLU C 75 -6.40 -26.68 -39.28
CA GLU C 75 -6.53 -25.65 -38.25
C GLU C 75 -6.07 -26.20 -36.90
N LEU C 76 -4.86 -25.89 -36.44
CA LEU C 76 -4.35 -26.27 -35.12
C LEU C 76 -4.92 -25.35 -34.04
N HIS C 77 -5.87 -25.83 -33.23
CA HIS C 77 -6.61 -25.00 -32.29
C HIS C 77 -7.22 -25.78 -31.12
N ILE C 78 -7.65 -25.07 -30.08
CA ILE C 78 -8.32 -25.62 -28.89
C ILE C 78 -9.72 -25.01 -28.80
N ASN C 79 -10.74 -25.77 -28.39
CA ASN C 79 -12.05 -25.21 -28.08
C ASN C 79 -12.56 -25.73 -26.73
N LEU C 80 -13.14 -24.86 -25.91
CA LEU C 80 -13.79 -25.22 -24.64
C LEU C 80 -15.30 -25.11 -24.82
N ILE C 81 -16.07 -26.11 -24.40
CA ILE C 81 -17.51 -26.14 -24.57
C ILE C 81 -18.18 -26.54 -23.25
N PRO C 82 -18.54 -25.58 -22.38
CA PRO C 82 -19.33 -25.83 -21.19
C PRO C 82 -20.81 -26.05 -21.51
N ASN C 83 -21.23 -27.29 -21.52
CA ASN C 83 -22.62 -27.71 -21.71
C ASN C 83 -23.32 -27.78 -20.34
N LYS C 84 -24.07 -26.72 -19.97
CA LYS C 84 -24.69 -26.61 -18.65
C LYS C 84 -25.74 -27.68 -18.39
N GLN C 85 -26.60 -27.99 -19.36
CA GLN C 85 -27.70 -28.96 -19.16
C GLN C 85 -27.23 -30.41 -19.00
N ASP C 86 -26.10 -30.80 -19.61
CA ASP C 86 -25.45 -32.10 -19.38
C ASP C 86 -24.40 -32.07 -18.25
N ARG C 87 -24.33 -30.95 -17.54
CA ARG C 87 -23.41 -30.68 -16.41
C ARG C 87 -21.96 -31.04 -16.76
N THR C 88 -21.57 -30.75 -17.99
CA THR C 88 -20.36 -31.26 -18.63
C THR C 88 -19.53 -30.12 -19.20
N LEU C 89 -18.22 -30.14 -18.97
CA LEU C 89 -17.27 -29.28 -19.67
C LEU C 89 -16.50 -30.11 -20.67
N THR C 90 -16.50 -29.76 -21.94
CA THR C 90 -15.68 -30.42 -22.95
C THR C 90 -14.48 -29.54 -23.27
N ILE C 91 -13.30 -30.12 -23.42
CA ILE C 91 -12.09 -29.46 -23.92
C ILE C 91 -11.65 -30.24 -25.14
N VAL C 92 -11.55 -29.61 -26.31
CA VAL C 92 -11.20 -30.31 -27.57
C VAL C 92 -10.05 -29.65 -28.27
N ASP C 93 -9.29 -30.43 -29.00
CA ASP C 93 -8.19 -29.93 -29.82
C ASP C 93 -8.08 -30.71 -31.12
N THR C 94 -7.38 -30.11 -32.07
CA THR C 94 -6.91 -30.75 -33.30
C THR C 94 -5.43 -31.06 -33.19
N GLY C 95 -4.99 -31.63 -32.07
CA GLY C 95 -3.63 -32.14 -31.87
C GLY C 95 -3.41 -33.54 -32.43
N ILE C 96 -2.30 -34.18 -32.09
CA ILE C 96 -1.93 -35.48 -32.68
C ILE C 96 -2.89 -36.65 -32.35
N GLY C 97 -3.69 -36.56 -31.28
CA GLY C 97 -4.53 -37.67 -30.83
C GLY C 97 -3.73 -38.88 -30.33
N MET C 98 -4.39 -39.98 -29.99
CA MET C 98 -3.74 -41.18 -29.48
C MET C 98 -4.23 -42.43 -30.19
N THR C 99 -3.31 -43.33 -30.51
CA THR C 99 -3.64 -44.68 -30.96
C THR C 99 -4.22 -45.49 -29.79
N LYS C 100 -4.77 -46.69 -30.03
CA LYS C 100 -5.24 -47.54 -28.92
C LYS C 100 -4.10 -47.88 -27.95
N ALA C 101 -2.92 -48.14 -28.47
CA ALA C 101 -1.73 -48.37 -27.65
C ALA C 101 -1.38 -47.13 -26.82
N ASP C 102 -1.34 -45.94 -27.43
CA ASP C 102 -1.04 -44.70 -26.71
C ASP C 102 -2.08 -44.36 -25.65
N LEU C 103 -3.36 -44.74 -25.81
CA LEU C 103 -4.34 -44.58 -24.74
C LEU C 103 -4.01 -45.46 -23.54
N ILE C 104 -3.88 -46.76 -23.77
CA ILE C 104 -3.70 -47.76 -22.71
C ILE C 104 -2.35 -47.60 -22.00
N ASN C 105 -1.33 -47.13 -22.71
CA ASN C 105 -0.12 -46.61 -22.10
C ASN C 105 -0.39 -45.29 -21.35
N ASN C 106 -0.55 -44.17 -22.07
CA ASN C 106 -0.27 -42.85 -21.52
C ASN C 106 -1.38 -42.29 -20.63
N LEU C 107 -2.62 -42.73 -20.81
CA LEU C 107 -3.71 -42.43 -19.89
C LEU C 107 -3.98 -43.57 -18.90
N GLY C 108 -3.59 -44.79 -19.24
CA GLY C 108 -3.76 -45.94 -18.35
C GLY C 108 -2.69 -46.04 -17.27
N THR C 109 -1.52 -45.43 -17.49
CA THR C 109 -0.34 -45.60 -16.64
C THR C 109 0.01 -44.29 -15.96
N ILE C 110 -0.08 -44.26 -14.64
CA ILE C 110 0.29 -43.11 -13.81
C ILE C 110 1.82 -42.89 -13.86
N ALA C 111 2.26 -41.64 -13.92
CA ALA C 111 3.65 -41.21 -14.11
C ALA C 111 4.31 -41.59 -15.46
N LYS C 112 3.62 -42.27 -16.37
CA LYS C 112 4.02 -42.37 -17.79
C LYS C 112 3.58 -41.12 -18.53
N SER C 113 4.48 -40.53 -19.32
CA SER C 113 4.15 -39.34 -20.11
C SER C 113 4.63 -39.39 -21.56
N GLY C 114 3.70 -39.47 -22.51
CA GLY C 114 4.03 -39.49 -23.93
C GLY C 114 4.81 -38.25 -24.37
N THR C 115 4.60 -37.10 -23.72
CA THR C 115 5.32 -35.86 -24.02
C THR C 115 6.82 -36.01 -23.76
N LYS C 116 7.24 -36.54 -22.61
CA LYS C 116 8.65 -36.80 -22.31
C LYS C 116 9.24 -37.81 -23.29
N ALA C 117 8.56 -38.93 -23.49
CA ALA C 117 9.01 -39.99 -24.39
C ALA C 117 9.21 -39.49 -25.83
N PHE C 118 8.38 -38.54 -26.29
CA PHE C 118 8.54 -37.87 -27.57
C PHE C 118 9.80 -37.01 -27.61
N MET C 119 10.01 -36.12 -26.63
CA MET C 119 11.18 -35.23 -26.64
C MET C 119 12.52 -35.96 -26.54
N GLU C 120 12.60 -37.06 -25.76
CA GLU C 120 13.84 -37.86 -25.70
C GLU C 120 14.26 -38.42 -27.08
N ALA C 121 13.34 -38.55 -28.04
CA ALA C 121 13.64 -39.07 -29.37
C ALA C 121 14.20 -38.01 -30.34
N LEU C 122 14.07 -36.71 -30.04
CA LEU C 122 14.42 -35.63 -30.96
C LEU C 122 15.92 -35.29 -31.01
N GLN C 123 16.38 -34.86 -32.18
CA GLN C 123 17.66 -34.17 -32.37
C GLN C 123 17.63 -32.74 -31.80
N ALA C 124 18.81 -32.20 -31.45
CA ALA C 124 18.95 -30.89 -30.80
C ALA C 124 18.41 -29.72 -31.64
N GLY C 125 18.43 -29.85 -32.97
CA GLY C 125 17.92 -28.85 -33.91
C GLY C 125 16.39 -28.73 -33.99
N ALA C 126 15.63 -29.51 -33.22
CA ALA C 126 14.18 -29.40 -33.16
C ALA C 126 13.74 -28.09 -32.46
N ASP C 127 12.78 -27.38 -33.05
CA ASP C 127 12.27 -26.08 -32.55
C ASP C 127 11.28 -26.22 -31.38
N ILE C 128 10.70 -27.40 -31.22
CA ILE C 128 9.68 -27.74 -30.22
C ILE C 128 10.21 -27.74 -28.78
N SER C 129 9.35 -27.35 -27.84
CA SER C 129 9.55 -27.52 -26.39
C SER C 129 8.18 -27.57 -25.71
N MET C 130 7.82 -28.72 -25.13
CA MET C 130 6.46 -29.00 -24.65
C MET C 130 6.32 -28.83 -23.14
N ILE C 131 5.09 -28.68 -22.66
CA ILE C 131 4.81 -28.38 -21.25
C ILE C 131 4.94 -29.63 -20.38
N GLY C 132 4.35 -30.75 -20.81
CA GLY C 132 4.24 -31.95 -20.00
C GLY C 132 5.58 -32.67 -19.79
N GLN C 133 5.72 -33.31 -18.63
CA GLN C 133 6.83 -34.22 -18.32
C GLN C 133 6.57 -35.16 -17.13
N PHE C 134 5.73 -34.80 -16.16
CA PHE C 134 5.51 -35.62 -14.96
C PHE C 134 4.65 -36.87 -15.17
N GLY C 135 3.83 -36.95 -16.22
CA GLY C 135 2.91 -38.09 -16.40
C GLY C 135 1.78 -38.15 -15.37
N VAL C 136 1.44 -37.01 -14.77
CA VAL C 136 0.40 -36.92 -13.74
C VAL C 136 -0.72 -35.96 -14.14
N GLY C 137 -0.45 -34.94 -14.96
CA GLY C 137 -1.34 -33.79 -15.12
C GLY C 137 -2.75 -34.12 -15.57
N PHE C 138 -2.94 -35.10 -16.45
CA PHE C 138 -4.29 -35.47 -16.90
C PHE C 138 -5.19 -35.86 -15.72
N TYR C 139 -4.67 -36.66 -14.79
CA TYR C 139 -5.46 -37.12 -13.62
C TYR C 139 -6.06 -35.99 -12.76
N SER C 140 -5.49 -34.78 -12.84
CA SER C 140 -6.07 -33.62 -12.17
C SER C 140 -7.48 -33.28 -12.67
N ALA C 141 -7.93 -33.80 -13.82
CA ALA C 141 -9.31 -33.67 -14.25
C ALA C 141 -10.31 -34.14 -13.19
N TYR C 142 -9.94 -35.15 -12.40
CA TYR C 142 -10.77 -35.68 -11.32
C TYR C 142 -10.84 -34.80 -10.07
N LEU C 143 -10.16 -33.65 -10.06
CA LEU C 143 -10.45 -32.60 -9.09
C LEU C 143 -11.92 -32.16 -9.24
N VAL C 144 -12.37 -31.94 -10.47
CA VAL C 144 -13.73 -31.45 -10.79
C VAL C 144 -14.68 -32.48 -11.39
N ALA C 145 -14.18 -33.48 -12.13
CA ALA C 145 -14.99 -34.48 -12.80
C ALA C 145 -15.44 -35.62 -11.89
N GLU C 146 -16.69 -36.07 -11.98
CA GLU C 146 -17.11 -37.39 -11.48
C GLU C 146 -16.51 -38.50 -12.33
N LYS C 147 -16.50 -38.28 -13.65
CA LYS C 147 -16.09 -39.22 -14.69
C LYS C 147 -15.52 -38.42 -15.84
N VAL C 148 -14.52 -38.96 -16.51
CA VAL C 148 -13.90 -38.35 -17.68
C VAL C 148 -13.96 -39.31 -18.84
N THR C 149 -14.39 -38.81 -20.00
CA THR C 149 -14.33 -39.52 -21.27
C THR C 149 -13.34 -38.80 -22.17
N VAL C 150 -12.35 -39.50 -22.70
CA VAL C 150 -11.42 -38.97 -23.69
C VAL C 150 -11.72 -39.63 -25.00
N ILE C 151 -12.37 -38.91 -25.91
CA ILE C 151 -12.49 -39.32 -27.30
C ILE C 151 -11.21 -38.94 -28.02
N THR C 152 -10.67 -39.77 -28.88
CA THR C 152 -9.42 -39.43 -29.57
C THR C 152 -9.30 -40.10 -30.93
N LYS C 153 -8.56 -39.46 -31.84
CA LYS C 153 -8.31 -39.94 -33.20
C LYS C 153 -6.91 -39.52 -33.62
N HIS C 154 -5.99 -40.46 -33.65
CA HIS C 154 -4.69 -40.32 -34.31
C HIS C 154 -4.85 -40.54 -35.81
N ASN C 155 -3.82 -40.30 -36.62
CA ASN C 155 -3.89 -40.64 -38.04
C ASN C 155 -3.80 -42.15 -38.29
N ASP C 156 -2.95 -42.86 -37.54
CA ASP C 156 -2.56 -44.24 -37.82
C ASP C 156 -3.41 -45.29 -37.09
N ASP C 157 -4.56 -44.90 -36.55
CA ASP C 157 -5.50 -45.78 -35.86
C ASP C 157 -6.94 -45.27 -35.97
N GLU C 158 -7.90 -46.07 -35.53
CA GLU C 158 -9.32 -45.71 -35.51
C GLU C 158 -9.64 -44.60 -34.47
N GLN C 159 -10.86 -44.08 -34.45
CA GLN C 159 -11.38 -43.27 -33.35
C GLN C 159 -11.77 -44.14 -32.16
N TYR C 160 -11.30 -43.81 -30.96
CA TYR C 160 -11.60 -44.51 -29.70
C TYR C 160 -12.13 -43.58 -28.66
N ALA C 161 -12.95 -44.11 -27.76
CA ALA C 161 -13.32 -43.48 -26.50
C ALA C 161 -12.66 -44.25 -25.36
N TRP C 162 -11.88 -43.56 -24.55
CA TRP C 162 -11.39 -44.00 -23.25
C TRP C 162 -12.31 -43.39 -22.22
N GLU C 163 -12.75 -44.09 -21.18
CA GLU C 163 -13.54 -43.48 -20.11
C GLU C 163 -13.30 -44.12 -18.74
N SER C 164 -13.31 -43.28 -17.69
CA SER C 164 -13.12 -43.74 -16.31
C SER C 164 -13.64 -42.75 -15.27
N SER C 165 -14.06 -43.27 -14.11
CA SER C 165 -14.32 -42.50 -12.89
C SER C 165 -13.11 -42.45 -11.93
N ALA C 166 -11.91 -42.80 -12.40
CA ALA C 166 -10.68 -43.02 -11.63
C ALA C 166 -10.72 -44.15 -10.60
N GLY C 167 -11.77 -44.98 -10.62
CA GLY C 167 -12.00 -46.07 -9.67
C GLY C 167 -11.15 -47.31 -9.91
N GLY C 168 -9.83 -47.15 -9.99
CA GLY C 168 -8.87 -48.26 -10.16
C GLY C 168 -8.84 -48.89 -11.57
N SER C 169 -9.82 -48.59 -12.43
CA SER C 169 -9.92 -49.10 -13.80
C SER C 169 -10.45 -48.06 -14.79
N PHE C 170 -10.21 -48.29 -16.08
CA PHE C 170 -10.70 -47.49 -17.21
C PHE C 170 -11.11 -48.42 -18.34
N THR C 171 -11.98 -47.97 -19.24
CA THR C 171 -12.41 -48.77 -20.40
C THR C 171 -12.09 -48.06 -21.69
N VAL C 172 -11.64 -48.81 -22.69
CA VAL C 172 -11.37 -48.32 -24.05
C VAL C 172 -12.27 -49.05 -25.02
N ARG C 173 -13.00 -48.30 -25.85
CA ARG C 173 -13.90 -48.83 -26.87
C ARG C 173 -13.69 -48.13 -28.19
N THR C 174 -13.87 -48.84 -29.30
CA THR C 174 -13.96 -48.21 -30.61
C THR C 174 -15.20 -47.32 -30.64
N ASP C 175 -15.06 -46.08 -31.10
CA ASP C 175 -16.12 -45.08 -31.02
C ASP C 175 -16.84 -44.91 -32.36
N THR C 176 -18.13 -45.23 -32.37
CA THR C 176 -19.03 -45.15 -33.53
C THR C 176 -19.65 -43.76 -33.75
N GLY C 177 -19.40 -42.80 -32.85
CA GLY C 177 -19.97 -41.45 -32.89
C GLY C 177 -19.39 -40.52 -33.95
N GLU C 178 -19.44 -39.22 -33.67
CA GLU C 178 -19.04 -38.13 -34.56
C GLU C 178 -17.56 -38.24 -34.99
N PRO C 179 -17.25 -38.32 -36.29
CA PRO C 179 -15.88 -38.48 -36.75
C PRO C 179 -15.08 -37.19 -36.55
N MET C 180 -13.97 -37.25 -35.82
CA MET C 180 -13.11 -36.09 -35.55
C MET C 180 -12.06 -35.83 -36.63
N GLY C 181 -11.80 -36.79 -37.51
CA GLY C 181 -10.74 -36.70 -38.51
C GLY C 181 -9.35 -36.92 -37.90
N ARG C 182 -8.88 -36.00 -37.02
CA ARG C 182 -7.61 -36.12 -36.25
C ARG C 182 -7.69 -35.21 -35.10
N GLY C 183 -7.39 -35.52 -33.80
CA GLY C 183 -7.50 -34.68 -32.60
C GLY C 183 -7.96 -35.44 -31.36
N THR C 184 -8.38 -34.71 -30.33
CA THR C 184 -8.84 -35.26 -29.05
C THR C 184 -9.99 -34.42 -28.50
N LYS C 185 -10.89 -35.02 -27.75
CA LYS C 185 -12.05 -34.38 -27.12
C LYS C 185 -12.19 -34.97 -25.73
N VAL C 186 -11.65 -34.27 -24.74
CA VAL C 186 -11.78 -34.59 -23.32
C VAL C 186 -13.10 -34.04 -22.83
N ILE C 187 -13.99 -34.91 -22.38
CA ILE C 187 -15.31 -34.58 -21.85
C ILE C 187 -15.25 -34.80 -20.35
N LEU C 188 -15.52 -33.77 -19.55
CA LEU C 188 -15.50 -33.83 -18.10
C LEU C 188 -16.93 -33.79 -17.56
N HIS C 189 -17.42 -34.91 -17.05
CA HIS C 189 -18.75 -34.92 -16.45
C HIS C 189 -18.64 -34.39 -15.02
N LEU C 190 -18.90 -33.10 -14.80
CA LEU C 190 -18.55 -32.46 -13.55
C LEU C 190 -19.37 -32.95 -12.36
N LYS C 191 -18.79 -32.85 -11.17
CA LYS C 191 -19.46 -33.02 -9.89
C LYS C 191 -20.49 -31.90 -9.67
N GLU C 192 -21.61 -32.23 -9.02
CA GLU C 192 -22.71 -31.30 -8.75
C GLU C 192 -22.27 -30.05 -7.97
N ASP C 193 -21.24 -30.17 -7.14
CA ASP C 193 -20.64 -29.07 -6.37
C ASP C 193 -19.52 -28.33 -7.13
N GLN C 194 -19.19 -28.73 -8.37
CA GLN C 194 -18.13 -28.15 -9.21
C GLN C 194 -18.68 -27.53 -10.51
N THR C 195 -19.96 -27.19 -10.54
CA THR C 195 -20.63 -26.57 -11.68
C THR C 195 -20.20 -25.13 -11.97
N GLU C 196 -19.48 -24.45 -11.06
CA GLU C 196 -18.94 -23.12 -11.36
C GLU C 196 -17.98 -23.10 -12.55
N TYR C 197 -17.27 -24.20 -12.81
CA TYR C 197 -16.40 -24.34 -13.98
C TYR C 197 -17.19 -24.57 -15.30
N LEU C 198 -18.51 -24.45 -15.26
CA LEU C 198 -19.38 -24.28 -16.44
C LEU C 198 -19.72 -22.81 -16.72
N GLU C 199 -19.44 -21.89 -15.81
CA GLU C 199 -19.73 -20.47 -15.99
C GLU C 199 -18.65 -19.82 -16.87
N GLU C 200 -19.05 -19.28 -18.02
CA GLU C 200 -18.12 -18.63 -18.96
C GLU C 200 -17.26 -17.52 -18.34
N ARG C 201 -17.73 -16.80 -17.33
CA ARG C 201 -16.92 -15.84 -16.55
C ARG C 201 -15.76 -16.52 -15.83
N ARG C 202 -16.06 -17.64 -15.15
CA ARG C 202 -15.05 -18.40 -14.42
C ARG C 202 -14.04 -19.01 -15.38
N ILE C 203 -14.54 -19.61 -16.45
CA ILE C 203 -13.65 -20.19 -17.47
C ILE C 203 -12.74 -19.11 -18.05
N LYS C 204 -13.26 -17.94 -18.41
CA LYS C 204 -12.43 -16.81 -18.91
C LYS C 204 -11.34 -16.48 -17.91
N GLU C 205 -11.70 -16.33 -16.64
CA GLU C 205 -10.75 -15.99 -15.57
C GLU C 205 -9.61 -17.00 -15.48
N ILE C 206 -9.94 -18.30 -15.39
CA ILE C 206 -8.96 -19.36 -15.21
C ILE C 206 -8.04 -19.47 -16.43
N VAL C 207 -8.59 -19.41 -17.64
CA VAL C 207 -7.77 -19.51 -18.86
C VAL C 207 -6.88 -18.29 -19.00
N LYS C 208 -7.42 -17.09 -18.77
CA LYS C 208 -6.69 -15.84 -18.89
C LYS C 208 -5.54 -15.75 -17.88
N LYS C 209 -5.81 -16.15 -16.64
CA LYS C 209 -4.81 -16.25 -15.57
C LYS C 209 -3.73 -17.27 -15.91
N HIS C 210 -4.08 -18.54 -16.01
CA HIS C 210 -3.08 -19.62 -16.05
C HIS C 210 -2.39 -19.80 -17.39
N SER C 211 -2.99 -19.37 -18.51
CA SER C 211 -2.64 -19.96 -19.81
C SER C 211 -2.78 -19.02 -21.01
N GLN C 212 -2.95 -17.72 -20.82
CA GLN C 212 -3.18 -16.80 -21.94
C GLN C 212 -2.03 -16.71 -22.96
N PHE C 213 -0.87 -17.30 -22.70
CA PHE C 213 0.28 -17.28 -23.62
C PHE C 213 0.53 -18.61 -24.33
N ILE C 214 -0.37 -19.59 -24.19
CA ILE C 214 -0.34 -20.82 -24.99
C ILE C 214 -0.33 -20.48 -26.49
N GLY C 215 0.59 -21.06 -27.26
CA GLY C 215 0.83 -20.68 -28.67
C GLY C 215 -0.28 -21.00 -29.68
N TYR C 216 -1.48 -21.37 -29.25
CA TYR C 216 -2.58 -21.83 -30.11
C TYR C 216 -3.92 -21.26 -29.64
N PRO C 217 -4.85 -20.90 -30.55
CA PRO C 217 -6.07 -20.19 -30.17
C PRO C 217 -7.01 -21.05 -29.33
N ILE C 218 -7.36 -20.58 -28.13
CA ILE C 218 -8.29 -21.21 -27.17
C ILE C 218 -9.67 -20.58 -27.29
N THR C 219 -10.62 -21.24 -27.94
CA THR C 219 -11.93 -20.65 -28.27
C THR C 219 -13.00 -21.11 -27.29
N LEU C 220 -13.76 -20.21 -26.65
CA LEU C 220 -14.78 -20.59 -25.66
C LEU C 220 -16.21 -20.44 -26.21
N PHE C 221 -16.94 -21.54 -26.32
CA PHE C 221 -18.28 -21.56 -26.89
C PHE C 221 -19.28 -21.23 -25.78
N VAL C 222 -19.84 -20.02 -25.80
CA VAL C 222 -20.58 -19.44 -24.66
C VAL C 222 -22.05 -19.89 -24.62
N GLU C 223 -22.93 -19.23 -25.38
CA GLU C 223 -24.39 -19.31 -25.19
C GLU C 223 -25.15 -18.80 -26.42
N LYS C 224 -26.44 -19.12 -26.52
CA LYS C 224 -27.37 -18.53 -27.49
C LYS C 224 -27.49 -17.00 -27.32
N GLU C 225 -27.59 -16.28 -28.43
CA GLU C 225 -27.91 -14.84 -28.45
C GLU C 225 -29.35 -14.58 -27.96
N ARG C 226 -29.54 -13.63 -27.03
CA ARG C 226 -30.85 -13.29 -26.49
C ARG C 226 -31.65 -14.52 -26.05
N LYS C 281 -30.92 -14.43 -34.17
CA LYS C 281 -30.16 -14.89 -33.00
C LYS C 281 -29.08 -15.90 -33.40
N GLU C 282 -27.82 -15.63 -33.06
CA GLU C 282 -26.75 -16.64 -33.14
C GLU C 282 -27.01 -17.77 -32.13
N LYS C 283 -27.10 -19.01 -32.61
CA LYS C 283 -27.58 -20.13 -31.79
C LYS C 283 -26.63 -20.51 -30.65
N TYR C 284 -25.33 -20.24 -30.82
CA TYR C 284 -24.30 -20.54 -29.83
C TYR C 284 -23.01 -19.74 -30.09
N ILE C 285 -22.96 -18.52 -29.54
CA ILE C 285 -21.88 -17.54 -29.72
C ILE C 285 -20.56 -18.10 -29.20
N ASP C 286 -19.50 -18.13 -30.00
CA ASP C 286 -18.17 -18.51 -29.52
C ASP C 286 -17.25 -17.30 -29.41
N GLN C 287 -16.69 -17.10 -28.22
CA GLN C 287 -15.60 -16.17 -27.98
C GLN C 287 -14.36 -16.72 -28.68
N GLU C 288 -13.85 -15.99 -29.68
CA GLU C 288 -12.94 -16.55 -30.69
C GLU C 288 -11.61 -17.02 -30.13
N GLU C 289 -11.02 -16.28 -29.20
CA GLU C 289 -9.69 -16.53 -28.65
C GLU C 289 -9.61 -15.93 -27.24
N LEU C 290 -9.50 -16.76 -26.21
CA LEU C 290 -9.22 -16.28 -24.86
C LEU C 290 -7.79 -15.76 -24.74
N ASN C 291 -6.86 -16.35 -25.48
CA ASN C 291 -5.51 -15.84 -25.71
C ASN C 291 -5.43 -14.95 -26.96
N LYS C 292 -6.20 -13.85 -27.00
CA LYS C 292 -6.14 -12.87 -28.11
C LYS C 292 -4.91 -11.95 -27.99
N THR C 293 -3.73 -12.55 -27.92
CA THR C 293 -2.44 -11.90 -27.61
C THR C 293 -1.27 -12.70 -28.19
N LYS C 294 -0.02 -12.34 -27.88
CA LYS C 294 1.18 -13.15 -28.16
C LYS C 294 2.19 -13.00 -27.03
N PRO C 295 2.98 -14.03 -26.70
CA PRO C 295 4.11 -13.91 -25.80
C PRO C 295 5.27 -13.24 -26.54
N ILE C 296 5.22 -11.92 -26.74
CA ILE C 296 6.21 -11.22 -27.56
C ILE C 296 7.63 -11.36 -27.02
N TRP C 297 7.81 -11.63 -25.73
CA TRP C 297 9.13 -11.78 -25.12
C TRP C 297 9.97 -12.90 -25.73
N THR C 298 9.34 -13.87 -26.39
CA THR C 298 9.99 -14.98 -27.11
C THR C 298 10.69 -14.54 -28.39
N ARG C 299 10.36 -13.36 -28.92
CA ARG C 299 10.92 -12.79 -30.14
C ARG C 299 12.21 -12.06 -29.85
N ASN C 300 12.98 -11.74 -30.88
CA ASN C 300 14.27 -11.07 -30.71
C ASN C 300 14.06 -9.59 -30.29
N PRO C 301 14.67 -9.10 -29.18
CA PRO C 301 14.49 -7.72 -28.74
C PRO C 301 14.88 -6.64 -29.76
N ASP C 302 15.72 -6.95 -30.75
CA ASP C 302 16.07 -6.01 -31.82
C ASP C 302 14.96 -5.83 -32.86
N ASP C 303 14.08 -6.81 -33.02
CA ASP C 303 13.00 -6.78 -34.01
C ASP C 303 11.72 -6.13 -33.49
N ILE C 304 11.43 -6.28 -32.20
CA ILE C 304 10.22 -5.73 -31.59
C ILE C 304 10.29 -4.20 -31.55
N THR C 305 9.25 -3.51 -32.05
CA THR C 305 9.15 -2.04 -31.99
C THR C 305 8.41 -1.57 -30.74
N ASN C 306 8.60 -0.32 -30.30
CA ASN C 306 7.96 0.16 -29.07
C ASN C 306 6.41 0.13 -29.10
N GLU C 307 5.80 0.16 -30.29
CA GLU C 307 4.35 -0.02 -30.43
C GLU C 307 3.92 -1.43 -30.05
N GLU C 308 4.70 -2.45 -30.42
CA GLU C 308 4.42 -3.85 -30.11
C GLU C 308 4.55 -4.12 -28.61
N TYR C 309 5.60 -3.59 -27.98
CA TYR C 309 5.75 -3.63 -26.53
C TYR C 309 4.56 -2.96 -25.82
N GLY C 310 4.01 -1.88 -26.38
CA GLY C 310 2.88 -1.15 -25.80
C GLY C 310 1.55 -1.89 -25.89
N GLU C 311 1.22 -2.49 -27.04
CA GLU C 311 0.02 -3.33 -27.18
C GLU C 311 0.08 -4.58 -26.29
N PHE C 312 1.27 -5.13 -26.09
CA PHE C 312 1.50 -6.20 -25.13
C PHE C 312 1.36 -5.73 -23.69
N TYR C 313 1.95 -4.60 -23.29
CA TYR C 313 1.84 -4.08 -21.93
C TYR C 313 0.37 -3.90 -21.51
N LYS C 314 -0.47 -3.39 -22.40
CA LYS C 314 -1.92 -3.26 -22.17
C LYS C 314 -2.62 -4.62 -22.07
N SER C 315 -2.30 -5.55 -22.97
CA SER C 315 -2.83 -6.92 -22.91
C SER C 315 -2.43 -7.66 -21.63
N LEU C 316 -1.19 -7.48 -21.16
CA LEU C 316 -0.65 -8.10 -19.95
C LEU C 316 -1.36 -7.60 -18.69
N THR C 317 -1.60 -6.30 -18.60
CA THR C 317 -1.96 -5.63 -17.33
C THR C 317 -3.40 -5.15 -17.23
N ASN C 318 -4.16 -5.18 -18.34
CA ASN C 318 -5.48 -4.53 -18.49
C ASN C 318 -5.46 -3.00 -18.34
N ASP C 319 -4.27 -2.38 -18.33
CA ASP C 319 -4.11 -0.93 -18.36
C ASP C 319 -4.56 -0.35 -19.71
N TRP C 320 -5.06 0.89 -19.70
CA TRP C 320 -5.42 1.64 -20.90
C TRP C 320 -4.26 2.53 -21.39
N GLU C 321 -3.33 2.85 -20.49
CA GLU C 321 -2.16 3.68 -20.73
C GLU C 321 -0.97 2.89 -21.32
N ASP C 322 -0.04 3.57 -21.97
CA ASP C 322 1.20 2.96 -22.49
C ASP C 322 2.20 2.60 -21.37
N HIS C 323 3.30 1.92 -21.67
CA HIS C 323 4.47 1.82 -20.77
C HIS C 323 5.38 3.04 -20.90
N LEU C 324 6.15 3.35 -19.85
CA LEU C 324 7.14 4.45 -19.87
C LEU C 324 8.48 4.04 -20.48
N ALA C 325 8.99 2.90 -20.03
CA ALA C 325 10.22 2.31 -20.55
C ALA C 325 10.15 0.79 -20.39
N VAL C 326 10.88 0.05 -21.22
CA VAL C 326 10.88 -1.42 -21.23
C VAL C 326 12.29 -1.97 -21.40
N LYS C 327 12.62 -2.97 -20.60
CA LYS C 327 13.84 -3.77 -20.72
C LYS C 327 13.44 -5.16 -21.19
N HIS C 328 14.05 -5.62 -22.27
CA HIS C 328 13.85 -6.97 -22.79
C HIS C 328 15.22 -7.61 -23.00
N PHE C 329 15.43 -8.78 -22.42
CA PHE C 329 16.73 -9.43 -22.35
C PHE C 329 16.61 -10.92 -22.11
N SER C 330 17.72 -11.63 -22.24
CA SER C 330 17.85 -13.03 -21.87
C SER C 330 19.12 -13.28 -21.06
N VAL C 331 19.04 -14.24 -20.15
CA VAL C 331 20.15 -14.77 -19.36
C VAL C 331 20.48 -16.14 -19.94
N GLU C 332 21.76 -16.39 -20.25
CA GLU C 332 22.20 -17.66 -20.83
C GLU C 332 23.21 -18.34 -19.90
N GLY C 333 22.88 -19.54 -19.41
CA GLY C 333 23.73 -20.24 -18.46
C GLY C 333 23.08 -21.49 -17.86
N GLN C 334 23.39 -21.76 -16.59
CA GLN C 334 22.72 -22.81 -15.81
C GLN C 334 21.21 -22.54 -15.69
N LEU C 335 20.82 -21.30 -15.39
CA LEU C 335 19.51 -20.79 -15.80
C LEU C 335 19.55 -20.37 -17.26
N GLU C 336 18.50 -20.66 -18.02
CA GLU C 336 18.17 -19.91 -19.22
C GLU C 336 16.80 -19.30 -19.05
N PHE C 337 16.70 -17.99 -19.16
CA PHE C 337 15.42 -17.29 -19.09
C PHE C 337 15.40 -16.01 -19.91
N ARG C 338 14.21 -15.52 -20.20
CA ARG C 338 13.92 -14.27 -20.90
C ARG C 338 13.01 -13.44 -20.04
N ALA C 339 13.06 -12.12 -20.13
CA ALA C 339 12.11 -11.29 -19.41
C ALA C 339 11.74 -10.00 -20.13
N LEU C 340 10.52 -9.52 -19.87
CA LEU C 340 10.08 -8.16 -20.11
C LEU C 340 9.86 -7.48 -18.79
N LEU C 341 10.50 -6.34 -18.58
CA LEU C 341 10.29 -5.51 -17.41
C LEU C 341 9.83 -4.14 -17.89
N PHE C 342 8.65 -3.69 -17.47
CA PHE C 342 8.03 -2.44 -17.84
C PHE C 342 7.93 -1.48 -16.65
N VAL C 343 8.41 -0.26 -16.84
CA VAL C 343 8.03 0.85 -15.98
C VAL C 343 6.65 1.33 -16.44
N PRO C 344 5.60 1.32 -15.61
CA PRO C 344 4.32 1.88 -15.98
C PRO C 344 4.36 3.41 -16.05
N ARG C 345 3.55 4.05 -16.90
CA ARG C 345 3.46 5.55 -16.97
C ARG C 345 3.12 6.28 -15.68
N ARG C 346 2.47 5.57 -14.79
CA ARG C 346 2.04 6.13 -13.50
C ARG C 346 2.26 5.14 -12.37
N ALA C 347 2.53 5.65 -11.18
CA ALA C 347 2.53 4.82 -9.99
C ALA C 347 1.10 4.38 -9.68
N PRO C 348 0.83 3.08 -9.43
CA PRO C 348 -0.44 2.64 -8.88
C PRO C 348 -0.82 3.41 -7.61
N PHE C 349 -2.09 3.77 -7.45
CA PHE C 349 -2.53 4.62 -6.32
C PHE C 349 -2.26 3.98 -4.95
N ASP C 350 -2.11 2.66 -4.92
CA ASP C 350 -1.92 1.77 -3.79
C ASP C 350 -0.53 1.11 -3.77
N LEU C 351 0.43 1.58 -4.58
CA LEU C 351 1.71 0.92 -4.86
C LEU C 351 2.47 0.38 -3.63
N PHE C 352 2.47 1.16 -2.54
CA PHE C 352 3.05 0.77 -1.25
C PHE C 352 2.00 0.33 -0.22
N GLU C 353 0.73 0.71 -0.39
CA GLU C 353 -0.35 0.38 0.55
C GLU C 353 -0.85 -1.06 0.41
N ASN C 354 -0.84 -1.61 -0.80
CA ASN C 354 -1.38 -2.94 -1.09
C ASN C 354 -0.44 -4.06 -0.64
N ARG C 355 -0.47 -4.39 0.66
CA ARG C 355 0.32 -5.46 1.28
C ARG C 355 -0.01 -6.87 0.75
N LYS C 356 -1.13 -7.04 0.01
CA LYS C 356 -1.51 -8.32 -0.59
C LYS C 356 -0.90 -8.52 -1.98
N LYS C 357 -0.97 -7.54 -2.88
CA LYS C 357 -0.26 -7.54 -4.18
C LYS C 357 1.16 -7.00 -4.02
N LYS C 358 2.03 -7.79 -3.38
CA LYS C 358 3.38 -7.39 -2.95
C LYS C 358 4.29 -7.01 -4.11
N ASN C 359 4.23 -7.77 -5.20
CA ASN C 359 5.11 -7.65 -6.37
C ASN C 359 4.32 -7.86 -7.68
N ASN C 360 4.83 -7.32 -8.79
CA ASN C 360 4.11 -7.28 -10.07
C ASN C 360 4.85 -8.00 -11.23
N ILE C 361 5.69 -8.98 -10.89
CA ILE C 361 6.36 -9.87 -11.85
C ILE C 361 5.62 -11.21 -11.89
N LYS C 362 5.34 -11.73 -13.08
CA LYS C 362 4.80 -13.08 -13.29
C LYS C 362 5.89 -14.01 -13.82
N LEU C 363 6.00 -15.21 -13.25
CA LEU C 363 6.93 -16.23 -13.70
C LEU C 363 6.17 -17.29 -14.48
N TYR C 364 6.65 -17.56 -15.69
CA TYR C 364 6.15 -18.57 -16.60
C TYR C 364 7.23 -19.60 -16.85
N VAL C 365 6.85 -20.85 -17.10
CA VAL C 365 7.77 -21.86 -17.65
C VAL C 365 7.15 -22.38 -18.92
N ARG C 366 7.87 -22.32 -20.06
CA ARG C 366 7.33 -22.72 -21.36
C ARG C 366 5.96 -22.06 -21.65
N ARG C 367 5.87 -20.77 -21.35
CA ARG C 367 4.63 -19.97 -21.55
C ARG C 367 3.38 -20.30 -20.68
N VAL C 368 3.52 -21.23 -19.75
CA VAL C 368 2.46 -21.53 -18.76
C VAL C 368 2.76 -20.90 -17.41
N PHE C 369 1.76 -20.30 -16.76
CA PHE C 369 1.95 -19.52 -15.55
C PHE C 369 2.29 -20.37 -14.32
N ILE C 370 3.35 -20.01 -13.59
CA ILE C 370 3.79 -20.70 -12.38
C ILE C 370 3.38 -19.94 -11.12
N MET C 371 3.83 -18.69 -10.95
CA MET C 371 3.51 -17.86 -9.79
C MET C 371 3.82 -16.38 -10.04
N ASP C 372 3.33 -15.49 -9.18
CA ASP C 372 3.45 -14.04 -9.35
C ASP C 372 3.89 -13.32 -8.08
N ASN C 373 3.12 -13.42 -7.02
CA ASN C 373 3.22 -12.62 -5.79
C ASN C 373 4.37 -13.06 -4.85
N CYS C 374 5.46 -13.51 -5.44
CA CYS C 374 6.67 -13.99 -4.79
C CYS C 374 7.61 -12.82 -4.46
N GLU C 375 7.73 -12.49 -3.18
CA GLU C 375 8.61 -11.43 -2.68
C GLU C 375 10.11 -11.70 -2.91
N GLU C 376 10.46 -12.91 -3.34
CA GLU C 376 11.83 -13.31 -3.64
C GLU C 376 12.26 -12.91 -5.07
N LEU C 377 11.32 -12.70 -6.01
CA LEU C 377 11.67 -12.43 -7.42
C LEU C 377 12.37 -11.09 -7.64
N ILE C 378 11.93 -10.01 -7.00
CA ILE C 378 12.61 -8.70 -7.00
C ILE C 378 12.42 -8.04 -5.63
N PRO C 379 13.36 -7.19 -5.18
CA PRO C 379 13.25 -6.50 -3.91
C PRO C 379 12.06 -5.54 -3.90
N GLU C 380 11.50 -5.28 -2.72
CA GLU C 380 10.27 -4.49 -2.54
C GLU C 380 10.35 -3.10 -3.21
N TYR C 381 11.52 -2.48 -3.25
CA TYR C 381 11.65 -1.18 -3.88
C TYR C 381 11.39 -1.21 -5.40
N LEU C 382 11.53 -2.35 -6.09
CA LEU C 382 11.17 -2.49 -7.51
C LEU C 382 9.74 -2.99 -7.74
N ASN C 383 8.90 -3.10 -6.73
CA ASN C 383 7.57 -3.71 -6.89
C ASN C 383 6.63 -3.00 -7.88
N PHE C 384 6.94 -1.78 -8.31
CA PHE C 384 6.22 -1.04 -9.33
C PHE C 384 6.38 -1.61 -10.73
N ILE C 385 7.45 -2.36 -11.02
CA ILE C 385 7.71 -2.90 -12.35
C ILE C 385 6.68 -3.97 -12.68
N ARG C 386 5.93 -3.77 -13.77
CA ARG C 386 5.07 -4.80 -14.36
C ARG C 386 5.96 -5.65 -15.25
N GLY C 387 5.91 -6.96 -15.18
CA GLY C 387 6.83 -7.75 -15.97
C GLY C 387 6.55 -9.23 -16.00
N VAL C 388 7.24 -9.90 -16.92
CA VAL C 388 7.13 -11.33 -17.20
C VAL C 388 8.53 -11.92 -17.24
N VAL C 389 8.71 -13.05 -16.58
CA VAL C 389 9.89 -13.92 -16.66
C VAL C 389 9.43 -15.23 -17.29
N ASP C 390 10.17 -15.75 -18.25
CA ASP C 390 9.85 -17.03 -18.88
C ASP C 390 11.10 -17.87 -19.07
N SER C 391 10.99 -19.17 -18.79
CA SER C 391 12.14 -20.07 -18.73
C SER C 391 11.84 -21.43 -19.33
N GLU C 392 12.84 -22.09 -19.89
CA GLU C 392 12.65 -23.38 -20.57
C GLU C 392 12.76 -24.60 -19.65
N ASP C 393 13.51 -24.58 -18.55
CA ASP C 393 13.94 -25.82 -17.88
C ASP C 393 14.03 -25.75 -16.34
N LEU C 394 13.32 -24.81 -15.71
CA LEU C 394 13.27 -24.69 -14.24
C LEU C 394 12.60 -25.91 -13.57
N PRO C 395 12.91 -26.20 -12.29
CA PRO C 395 12.30 -27.28 -11.54
C PRO C 395 10.97 -26.85 -10.93
N LEU C 396 9.91 -27.56 -11.28
CA LEU C 396 8.57 -27.28 -10.81
C LEU C 396 8.17 -28.24 -9.70
N ASN C 397 7.49 -27.72 -8.70
CA ASN C 397 6.85 -28.54 -7.69
C ASN C 397 5.82 -29.48 -8.36
N ILE C 398 5.51 -30.61 -7.76
CA ILE C 398 4.53 -31.57 -8.33
C ILE C 398 3.19 -30.93 -8.67
N SER C 399 2.75 -29.94 -7.89
CA SER C 399 1.52 -29.17 -8.12
C SER C 399 1.61 -28.23 -9.34
N ARG C 400 2.82 -27.89 -9.76
CA ARG C 400 3.22 -26.84 -10.72
C ARG C 400 2.77 -25.42 -10.31
N GLU C 401 2.07 -25.29 -9.18
CA GLU C 401 1.68 -24.04 -8.53
C GLU C 401 2.86 -23.23 -7.96
N MET C 402 4.08 -23.78 -7.91
CA MET C 402 5.27 -23.08 -7.45
C MET C 402 6.57 -23.68 -7.98
N LEU C 403 7.63 -22.89 -7.95
CA LEU C 403 9.00 -23.30 -8.23
C LEU C 403 9.58 -24.13 -7.05
N GLN C 404 10.44 -25.10 -7.36
CA GLN C 404 11.00 -26.01 -6.37
C GLN C 404 12.25 -25.45 -5.65
N GLN C 405 13.38 -25.35 -6.36
CA GLN C 405 14.67 -24.93 -5.84
C GLN C 405 14.73 -23.41 -5.57
N SER C 406 14.49 -22.97 -4.34
CA SER C 406 14.42 -21.53 -4.03
C SER C 406 15.71 -20.75 -4.30
N LYS C 407 16.89 -21.39 -4.33
CA LYS C 407 18.13 -20.72 -4.76
C LYS C 407 18.08 -20.16 -6.19
N ILE C 408 17.15 -20.62 -7.02
CA ILE C 408 16.93 -20.05 -8.37
C ILE C 408 16.33 -18.65 -8.28
N LEU C 409 15.45 -18.39 -7.32
CA LEU C 409 14.83 -17.07 -7.17
C LEU C 409 15.90 -16.01 -6.87
N LYS C 410 16.92 -16.35 -6.09
CA LYS C 410 18.08 -15.48 -5.88
C LYS C 410 18.79 -15.14 -7.19
N VAL C 411 19.07 -16.11 -8.06
CA VAL C 411 19.78 -15.84 -9.31
C VAL C 411 18.91 -15.12 -10.34
N ILE C 412 17.60 -15.34 -10.33
CA ILE C 412 16.66 -14.50 -11.06
C ILE C 412 16.73 -13.07 -10.52
N ARG C 413 16.50 -12.86 -9.22
CA ARG C 413 16.52 -11.56 -8.54
C ARG C 413 17.77 -10.75 -8.83
N LYS C 414 18.96 -11.35 -8.76
CA LYS C 414 20.21 -10.67 -9.12
C LYS C 414 20.20 -10.14 -10.55
N ASN C 415 19.70 -10.91 -11.52
CA ASN C 415 19.62 -10.47 -12.91
C ASN C 415 18.50 -9.47 -13.16
N LEU C 416 17.29 -9.68 -12.61
CA LEU C 416 16.20 -8.72 -12.77
C LEU C 416 16.61 -7.36 -12.23
N VAL C 417 17.21 -7.31 -11.03
CA VAL C 417 17.68 -6.05 -10.43
C VAL C 417 18.80 -5.43 -11.26
N LYS C 418 19.84 -6.19 -11.64
CA LYS C 418 20.93 -5.68 -12.48
C LYS C 418 20.41 -5.02 -13.75
N LYS C 419 19.47 -5.65 -14.43
CA LYS C 419 18.90 -5.15 -15.70
C LYS C 419 17.89 -4.03 -15.49
N CYS C 420 17.20 -3.94 -14.36
CA CYS C 420 16.43 -2.73 -14.02
C CYS C 420 17.29 -1.50 -13.83
N LEU C 421 18.44 -1.63 -13.17
CA LEU C 421 19.31 -0.48 -12.99
C LEU C 421 19.99 -0.08 -14.31
N GLU C 422 20.18 -1.00 -15.25
CA GLU C 422 20.50 -0.63 -16.65
C GLU C 422 19.34 0.10 -17.34
N LEU C 423 18.10 -0.32 -17.10
CA LEU C 423 16.91 0.33 -17.66
C LEU C 423 16.82 1.77 -17.18
N PHE C 424 16.92 2.02 -15.88
CA PHE C 424 16.90 3.37 -15.34
C PHE C 424 18.12 4.18 -15.77
N THR C 425 19.30 3.56 -15.88
CA THR C 425 20.50 4.26 -16.35
C THR C 425 20.38 4.69 -17.82
N GLU C 426 19.78 3.89 -18.69
CA GLU C 426 19.47 4.29 -20.07
C GLU C 426 18.26 5.22 -20.17
N LEU C 427 17.30 5.14 -19.26
CA LEU C 427 16.20 6.10 -19.16
C LEU C 427 16.70 7.48 -18.74
N ALA C 428 17.72 7.56 -17.89
CA ALA C 428 18.33 8.81 -17.44
C ALA C 428 19.11 9.58 -18.51
N GLU C 429 19.37 8.99 -19.67
CA GLU C 429 19.86 9.72 -20.85
C GLU C 429 18.75 10.46 -21.62
N ASP C 430 17.49 10.08 -21.40
CA ASP C 430 16.30 10.64 -22.03
C ASP C 430 15.55 11.54 -21.04
N LYS C 431 16.17 12.66 -20.66
CA LYS C 431 15.81 13.50 -19.51
C LYS C 431 14.32 13.80 -19.41
N GLU C 432 13.68 14.10 -20.53
CA GLU C 432 12.29 14.47 -20.61
C GLU C 432 11.37 13.33 -20.13
N ASN C 433 11.69 12.08 -20.47
CA ASN C 433 11.01 10.93 -19.90
C ASN C 433 11.51 10.63 -18.48
N TYR C 434 12.79 10.87 -18.17
CA TYR C 434 13.30 10.64 -16.83
C TYR C 434 12.54 11.47 -15.79
N LYS C 435 12.11 12.69 -16.12
CA LYS C 435 11.28 13.50 -15.23
C LYS C 435 9.92 12.85 -14.99
N LYS C 436 9.26 12.33 -16.03
CA LYS C 436 7.99 11.59 -15.90
C LYS C 436 8.11 10.34 -15.04
N PHE C 437 9.28 9.70 -15.05
CA PHE C 437 9.63 8.58 -14.19
C PHE C 437 9.83 9.05 -12.74
N TYR C 438 10.78 9.94 -12.53
CA TYR C 438 11.21 10.31 -11.20
C TYR C 438 10.11 10.99 -10.37
N GLU C 439 9.22 11.74 -11.01
CA GLU C 439 8.04 12.34 -10.35
C GLU C 439 7.15 11.35 -9.60
N GLN C 440 7.32 10.05 -9.84
CA GLN C 440 6.39 8.99 -9.43
C GLN C 440 7.10 7.83 -8.72
N PHE C 441 8.36 7.58 -9.10
CA PHE C 441 9.17 6.47 -8.61
C PHE C 441 10.44 6.92 -7.88
N SER C 442 10.59 8.22 -7.57
CA SER C 442 11.62 8.71 -6.65
C SER C 442 11.53 8.00 -5.30
N LYS C 443 10.32 7.76 -4.77
CA LYS C 443 10.13 6.98 -3.54
C LYS C 443 10.77 5.60 -3.64
N ASN C 444 10.64 4.93 -4.79
CA ASN C 444 11.23 3.63 -5.02
C ASN C 444 12.76 3.69 -5.10
N ILE C 445 13.34 4.68 -5.79
CA ILE C 445 14.82 4.80 -5.83
C ILE C 445 15.37 5.08 -4.43
N LYS C 446 14.73 5.97 -3.68
CA LYS C 446 15.14 6.34 -2.32
C LYS C 446 14.96 5.20 -1.33
N LEU C 447 13.87 4.45 -1.45
CA LEU C 447 13.67 3.19 -0.71
C LEU C 447 14.72 2.15 -1.08
N GLY C 448 15.19 2.14 -2.33
CA GLY C 448 16.32 1.34 -2.77
C GLY C 448 17.60 1.74 -2.07
N ILE C 449 17.91 3.03 -1.95
CA ILE C 449 19.06 3.51 -1.17
C ILE C 449 18.98 3.02 0.28
N HIS C 450 17.77 2.97 0.86
CA HIS C 450 17.56 2.46 2.21
C HIS C 450 17.79 0.95 2.30
N GLU C 451 17.04 0.13 1.56
CA GLU C 451 17.03 -1.33 1.72
C GLU C 451 18.17 -2.09 1.00
N ASP C 452 18.74 -1.56 -0.08
CA ASP C 452 19.66 -2.29 -0.97
C ASP C 452 21.08 -1.73 -0.91
N SER C 453 21.92 -2.34 -0.08
CA SER C 453 23.30 -1.91 0.13
C SER C 453 24.27 -2.25 -1.00
N GLN C 454 23.93 -3.18 -1.89
CA GLN C 454 24.78 -3.57 -3.01
C GLN C 454 24.65 -2.55 -4.15
N ASN C 455 23.43 -2.18 -4.51
CA ASN C 455 23.17 -1.26 -5.62
C ASN C 455 23.18 0.22 -5.23
N ARG C 456 23.33 0.55 -3.96
CA ARG C 456 23.34 1.92 -3.45
C ARG C 456 24.23 2.86 -4.23
N LYS C 457 25.37 2.41 -4.74
CA LYS C 457 26.24 3.22 -5.60
C LYS C 457 25.50 3.64 -6.86
N LYS C 458 25.03 2.68 -7.67
CA LYS C 458 24.26 2.95 -8.90
C LYS C 458 23.00 3.76 -8.62
N LEU C 459 22.20 3.36 -7.65
CA LEU C 459 20.99 4.09 -7.25
C LEU C 459 21.25 5.55 -6.88
N SER C 460 22.40 5.90 -6.29
CA SER C 460 22.67 7.29 -5.93
C SER C 460 22.74 8.21 -7.16
N GLU C 461 23.22 7.70 -8.30
CA GLU C 461 23.28 8.44 -9.56
C GLU C 461 21.89 8.56 -10.24
N LEU C 462 20.89 7.83 -9.77
CA LEU C 462 19.50 7.99 -10.22
C LEU C 462 18.75 9.07 -9.43
N LEU C 463 19.27 9.52 -8.28
CA LEU C 463 18.65 10.57 -7.49
C LEU C 463 18.66 11.91 -8.22
N ARG C 464 17.57 12.63 -8.09
CA ARG C 464 17.41 14.02 -8.53
C ARG C 464 16.81 14.81 -7.37
N TYR C 465 17.29 16.03 -7.16
CA TYR C 465 16.90 16.90 -6.06
C TYR C 465 16.83 18.35 -6.50
N TYR C 466 15.98 19.17 -5.88
CA TYR C 466 16.09 20.61 -6.02
C TYR C 466 17.34 21.10 -5.29
N THR C 467 17.94 22.22 -5.70
CA THR C 467 19.06 22.82 -4.97
C THR C 467 18.97 24.34 -4.98
N SER C 468 19.69 25.03 -4.09
CA SER C 468 19.72 26.49 -4.06
C SER C 468 20.24 27.13 -5.34
N ALA C 469 21.06 26.43 -6.13
CA ALA C 469 21.56 26.89 -7.42
C ALA C 469 20.80 26.30 -8.62
N SER C 470 19.63 25.70 -8.39
CA SER C 470 18.73 25.19 -9.44
C SER C 470 17.39 25.96 -9.49
N GLY C 471 17.02 26.44 -10.67
CA GLY C 471 15.83 27.26 -10.91
C GLY C 471 14.51 26.49 -10.89
N ASP C 472 14.10 26.01 -9.70
CA ASP C 472 12.89 25.21 -9.49
C ASP C 472 12.84 23.99 -10.42
N GLU C 473 13.96 23.30 -10.47
CA GLU C 473 14.28 22.15 -11.33
C GLU C 473 15.14 21.16 -10.55
N MET C 474 15.11 19.88 -10.91
CA MET C 474 15.80 18.83 -10.16
C MET C 474 17.10 18.41 -10.87
N VAL C 475 18.18 18.28 -10.10
CA VAL C 475 19.54 17.98 -10.59
C VAL C 475 20.10 16.77 -9.86
N SER C 476 21.02 16.04 -10.47
CA SER C 476 21.70 14.93 -9.82
C SER C 476 22.87 15.38 -8.95
N LEU C 477 23.32 14.49 -8.07
CA LEU C 477 24.55 14.70 -7.28
C LEU C 477 25.79 14.88 -8.18
N LYS C 478 25.78 14.36 -9.41
CA LYS C 478 26.85 14.56 -10.40
C LYS C 478 26.82 15.96 -11.02
N ASP C 479 25.64 16.55 -11.19
CA ASP C 479 25.52 17.96 -11.58
C ASP C 479 26.02 18.86 -10.45
N TYR C 480 25.69 18.55 -9.20
CA TYR C 480 26.24 19.25 -8.03
C TYR C 480 27.77 19.17 -8.01
N CYS C 481 28.36 17.99 -8.14
CA CYS C 481 29.81 17.82 -8.28
C CYS C 481 30.43 18.60 -9.46
N THR C 482 29.68 18.88 -10.52
CA THR C 482 30.17 19.68 -11.65
C THR C 482 30.27 21.17 -11.27
N ARG C 483 29.37 21.65 -10.41
CA ARG C 483 29.31 23.06 -9.99
C ARG C 483 30.07 23.40 -8.71
N MET C 484 30.40 22.43 -7.85
CA MET C 484 31.10 22.68 -6.57
C MET C 484 32.32 23.59 -6.72
N LYS C 485 32.51 24.52 -5.78
CA LYS C 485 33.75 25.29 -5.67
C LYS C 485 34.86 24.35 -5.20
N GLU C 486 36.06 24.50 -5.76
CA GLU C 486 37.23 23.66 -5.46
C GLU C 486 37.65 23.65 -3.98
N ASN C 487 37.27 24.67 -3.21
CA ASN C 487 37.50 24.72 -1.77
C ASN C 487 36.54 23.83 -0.96
N GLN C 488 35.47 23.29 -1.55
CA GLN C 488 34.59 22.32 -0.87
C GLN C 488 35.21 20.92 -0.81
N LYS C 489 34.83 20.16 0.22
CA LYS C 489 35.07 18.71 0.33
C LYS C 489 33.80 17.94 0.71
N HIS C 490 32.65 18.60 0.61
CA HIS C 490 31.35 18.12 1.08
C HIS C 490 30.24 18.54 0.13
N ILE C 491 29.16 17.77 0.13
CA ILE C 491 27.90 18.12 -0.52
C ILE C 491 26.96 18.51 0.61
N TYR C 492 26.61 19.80 0.68
CA TYR C 492 25.76 20.32 1.75
C TYR C 492 24.31 20.05 1.42
N TYR C 493 23.55 19.47 2.33
CA TYR C 493 22.12 19.26 2.12
C TYR C 493 21.31 19.75 3.30
N ILE C 494 20.03 20.02 3.08
CA ILE C 494 19.09 20.39 4.12
C ILE C 494 17.83 19.56 3.95
N THR C 495 17.12 19.33 5.04
CA THR C 495 15.84 18.63 5.00
C THR C 495 14.77 19.33 5.82
N GLY C 496 13.50 19.14 5.44
CA GLY C 496 12.34 19.79 6.06
C GLY C 496 11.02 19.45 5.36
N GLU C 497 9.93 20.09 5.75
CA GLU C 497 8.59 19.64 5.35
C GLU C 497 8.12 20.13 3.97
N THR C 498 8.62 21.27 3.47
CA THR C 498 8.28 21.84 2.15
C THR C 498 9.51 22.51 1.54
N LYS C 499 9.54 22.73 0.21
CA LYS C 499 10.65 23.47 -0.41
C LYS C 499 10.76 24.90 0.11
N ASP C 500 9.66 25.59 0.40
CA ASP C 500 9.73 26.95 0.92
C ASP C 500 10.21 26.99 2.37
N GLN C 501 9.81 26.03 3.21
CA GLN C 501 10.31 25.92 4.58
C GLN C 501 11.82 25.74 4.60
N VAL C 502 12.40 24.86 3.77
CA VAL C 502 13.86 24.69 3.73
C VAL C 502 14.57 25.82 3.01
N ALA C 503 14.03 26.36 1.92
CA ALA C 503 14.70 27.42 1.18
C ALA C 503 14.74 28.74 1.94
N ASN C 504 13.73 29.06 2.76
CA ASN C 504 13.78 30.25 3.62
C ASN C 504 14.56 30.00 4.93
N SER C 505 14.84 28.74 5.29
CA SER C 505 15.31 28.36 6.63
C SER C 505 16.61 29.04 7.05
N ALA C 506 16.75 29.29 8.34
CA ALA C 506 17.89 30.01 8.92
C ALA C 506 19.24 29.35 8.61
N PHE C 507 19.31 28.03 8.52
CA PHE C 507 20.57 27.32 8.40
C PHE C 507 21.34 27.60 7.10
N VAL C 508 20.68 27.96 6.00
CA VAL C 508 21.37 28.18 4.72
C VAL C 508 21.91 29.59 4.55
N GLU C 509 21.71 30.50 5.50
CA GLU C 509 21.99 31.92 5.30
C GLU C 509 23.43 32.21 4.87
N ARG C 510 24.38 31.53 5.53
CA ARG C 510 25.81 31.65 5.23
C ARG C 510 26.20 30.96 3.93
N LEU C 511 25.55 29.86 3.60
CA LEU C 511 25.84 29.10 2.38
C LEU C 511 25.52 29.95 1.16
N ARG C 512 24.40 30.68 1.25
CA ARG C 512 23.92 31.63 0.22
C ARG C 512 24.82 32.88 0.08
N LYS C 513 25.44 33.31 1.17
CA LYS C 513 26.42 34.41 1.23
C LYS C 513 27.76 34.00 0.61
N HIS C 514 28.27 32.80 0.93
CA HIS C 514 29.48 32.26 0.34
C HIS C 514 29.29 31.76 -1.10
N GLY C 515 28.05 31.68 -1.61
CA GLY C 515 27.74 31.19 -2.96
C GLY C 515 27.84 29.66 -3.08
N LEU C 516 27.54 28.93 -2.02
CA LEU C 516 27.66 27.47 -1.94
C LEU C 516 26.31 26.79 -2.18
N GLU C 517 26.29 25.76 -3.02
CA GLU C 517 25.06 25.08 -3.39
C GLU C 517 24.54 24.19 -2.25
N VAL C 518 23.23 24.24 -1.96
CA VAL C 518 22.57 23.42 -0.94
C VAL C 518 21.53 22.52 -1.58
N ILE C 519 21.58 21.22 -1.34
CA ILE C 519 20.58 20.28 -1.83
C ILE C 519 19.35 20.26 -0.92
N TYR C 520 18.14 20.40 -1.47
CA TYR C 520 16.91 20.37 -0.69
C TYR C 520 16.31 18.98 -0.76
N MET C 521 16.15 18.32 0.38
CA MET C 521 15.52 17.00 0.46
C MET C 521 14.28 17.07 1.35
N ILE C 522 13.10 16.88 0.79
CA ILE C 522 11.84 17.43 1.32
C ILE C 522 10.67 16.42 1.39
N GLU C 523 10.90 15.17 1.03
CA GLU C 523 9.98 14.08 1.34
C GLU C 523 10.36 13.41 2.67
N PRO C 524 9.43 12.79 3.41
CA PRO C 524 9.82 12.02 4.59
C PRO C 524 10.75 10.84 4.26
N ILE C 525 10.71 10.31 3.03
CA ILE C 525 11.62 9.22 2.61
C ILE C 525 13.07 9.70 2.43
N ASP C 526 13.30 10.99 2.21
CA ASP C 526 14.65 11.51 2.04
C ASP C 526 15.49 11.35 3.30
N GLU C 527 14.84 11.42 4.47
CA GLU C 527 15.50 11.32 5.76
C GLU C 527 15.98 9.89 6.09
N TYR C 528 15.35 8.88 5.50
CA TYR C 528 15.84 7.49 5.52
C TYR C 528 16.98 7.30 4.52
N CYS C 529 16.83 7.82 3.31
CA CYS C 529 17.85 7.75 2.27
C CYS C 529 19.22 8.27 2.75
N VAL C 530 19.28 9.47 3.32
CA VAL C 530 20.56 10.10 3.70
C VAL C 530 21.28 9.42 4.86
N GLN C 531 20.61 8.59 5.66
CA GLN C 531 21.29 7.78 6.67
C GLN C 531 22.25 6.79 6.01
N GLN C 532 21.84 6.21 4.88
CA GLN C 532 22.67 5.26 4.15
C GLN C 532 23.62 5.95 3.18
N LEU C 533 23.16 7.00 2.51
CA LEU C 533 23.95 7.74 1.53
C LEU C 533 24.97 8.69 2.18
N LYS C 534 25.97 8.15 2.86
CA LYS C 534 26.98 8.94 3.59
C LYS C 534 27.96 9.70 2.68
N GLU C 535 28.18 9.24 1.46
CA GLU C 535 29.17 9.79 0.54
C GLU C 535 28.71 9.65 -0.91
N PHE C 536 29.13 10.57 -1.79
CA PHE C 536 29.02 10.43 -3.24
C PHE C 536 30.31 10.91 -3.90
N GLU C 537 30.90 10.17 -4.83
CA GLU C 537 32.18 10.54 -5.50
C GLU C 537 33.34 10.97 -4.58
N GLY C 538 33.41 10.44 -3.35
CA GLY C 538 34.41 10.83 -2.36
C GLY C 538 34.12 12.17 -1.67
N LYS C 539 32.94 12.76 -1.86
CA LYS C 539 32.47 13.97 -1.21
C LYS C 539 31.47 13.56 -0.12
N THR C 540 31.68 14.04 1.10
CA THR C 540 30.81 13.70 2.23
C THR C 540 29.48 14.42 2.11
N LEU C 541 28.37 13.69 2.13
CA LEU C 541 27.03 14.28 2.15
C LEU C 541 26.72 14.76 3.58
N VAL C 542 26.80 16.06 3.85
CA VAL C 542 26.76 16.65 5.20
C VAL C 542 25.53 17.52 5.43
N SER C 543 24.74 17.25 6.47
CA SER C 543 23.54 18.05 6.72
C SER C 543 23.91 19.42 7.24
N VAL C 544 23.23 20.47 6.80
CA VAL C 544 23.36 21.81 7.37
C VAL C 544 22.58 21.97 8.68
N THR C 545 21.81 20.99 9.14
CA THR C 545 21.04 21.07 10.40
C THR C 545 21.74 20.42 11.61
N LYS C 546 23.00 20.00 11.46
CA LYS C 546 23.80 19.33 12.51
C LYS C 546 24.97 20.20 12.97
N GLU C 547 25.43 19.99 14.20
CA GLU C 547 26.46 20.78 14.88
C GLU C 547 27.76 20.98 14.07
N GLY C 548 28.45 22.09 14.31
CA GLY C 548 29.81 22.33 13.81
C GLY C 548 29.95 22.25 12.29
N LEU C 549 29.15 23.01 11.53
CA LEU C 549 29.18 22.97 10.06
C LEU C 549 30.52 23.48 9.51
N GLU C 550 31.25 22.64 8.78
CA GLU C 550 32.52 23.02 8.17
C GLU C 550 32.27 23.79 6.86
N LEU C 551 32.26 25.12 6.96
CA LEU C 551 32.30 25.99 5.79
C LEU C 551 33.76 26.19 5.31
N PRO C 552 33.99 26.45 4.01
CA PRO C 552 35.31 26.71 3.45
C PRO C 552 35.76 28.16 3.74
N GLU C 553 35.82 28.52 5.02
CA GLU C 553 36.28 29.83 5.50
C GLU C 553 37.73 30.14 5.10
N ASP C 554 38.11 31.41 5.11
CA ASP C 554 39.50 31.87 5.06
C ASP C 554 40.01 32.35 6.43
N GLU C 555 41.31 32.51 6.59
CA GLU C 555 41.98 32.76 7.89
C GLU C 555 41.50 34.05 8.56
N GLU C 556 41.16 35.08 7.79
CA GLU C 556 40.56 36.32 8.27
C GLU C 556 39.23 36.07 8.99
N GLU C 557 38.37 35.26 8.37
CA GLU C 557 37.10 34.88 8.97
C GLU C 557 37.30 33.91 10.13
N LYS C 558 38.24 32.96 10.04
CA LYS C 558 38.54 32.03 11.13
C LYS C 558 38.99 32.78 12.38
N LYS C 559 39.85 33.79 12.24
CA LYS C 559 40.25 34.68 13.34
C LYS C 559 39.05 35.45 13.90
N LYS C 560 38.20 36.04 13.05
CA LYS C 560 36.96 36.69 13.50
C LYS C 560 36.05 35.73 14.26
N GLN C 561 35.94 34.46 13.87
CA GLN C 561 35.18 33.47 14.63
C GLN C 561 35.82 33.15 15.99
N GLU C 562 37.14 33.07 16.11
CA GLU C 562 37.80 32.93 17.42
C GLU C 562 37.60 34.16 18.32
N GLU C 563 37.65 35.36 17.77
CA GLU C 563 37.36 36.59 18.50
C GLU C 563 35.89 36.67 18.93
N LYS C 564 34.96 36.30 18.05
CA LYS C 564 33.53 36.32 18.34
C LYS C 564 33.16 35.25 19.36
N LYS C 565 33.70 34.03 19.28
CA LYS C 565 33.61 33.05 20.37
C LYS C 565 34.18 33.58 21.68
N THR C 566 35.24 34.38 21.63
CA THR C 566 35.81 34.99 22.85
C THR C 566 34.87 36.03 23.45
N LYS C 567 34.39 37.01 22.67
CA LYS C 567 33.59 38.14 23.20
C LYS C 567 32.19 37.77 23.68
N PHE C 568 31.66 36.63 23.23
CA PHE C 568 30.35 36.12 23.62
C PHE C 568 30.36 34.98 24.64
N GLU C 569 31.50 34.43 25.06
CA GLU C 569 31.49 33.22 25.90
C GLU C 569 30.78 33.40 27.25
N ASN C 570 30.81 34.62 27.80
CA ASN C 570 30.04 34.98 28.98
C ASN C 570 28.52 34.83 28.73
N LEU C 571 28.02 35.38 27.61
CA LEU C 571 26.61 35.26 27.23
C LEU C 571 26.22 33.81 26.99
N CYS C 572 27.10 33.02 26.36
CA CYS C 572 26.83 31.60 26.09
C CYS C 572 26.62 30.83 27.40
N LYS C 573 27.41 31.10 28.44
CA LYS C 573 27.19 30.51 29.78
C LYS C 573 25.87 30.97 30.39
N ILE C 574 25.58 32.27 30.32
CA ILE C 574 24.36 32.86 30.88
C ILE C 574 23.10 32.28 30.23
N MET C 575 23.10 32.13 28.90
CA MET C 575 22.00 31.53 28.17
C MET C 575 21.88 30.03 28.43
N LYS C 576 22.99 29.29 28.55
CA LYS C 576 22.95 27.87 28.90
C LYS C 576 22.34 27.65 30.28
N ASP C 577 22.64 28.50 31.26
CA ASP C 577 22.00 28.46 32.59
C ASP C 577 20.48 28.66 32.51
N ILE C 578 19.99 29.59 31.68
CA ILE C 578 18.57 29.87 31.53
C ILE C 578 17.83 28.73 30.83
N LEU C 579 18.46 28.10 29.84
CA LEU C 579 17.88 27.08 28.95
C LEU C 579 18.18 25.64 29.38
N GLU C 580 18.71 25.41 30.58
CA GLU C 580 19.32 24.12 30.90
C GLU C 580 18.34 22.94 30.79
N LYS C 581 18.84 21.79 30.30
CA LYS C 581 18.10 20.59 29.86
C LYS C 581 17.19 20.77 28.64
N LYS C 582 16.74 22.00 28.32
CA LYS C 582 16.04 22.32 27.06
C LYS C 582 17.00 22.38 25.88
N VAL C 583 18.28 22.61 26.14
CA VAL C 583 19.41 22.48 25.19
C VAL C 583 20.57 21.74 25.84
N GLU C 584 21.41 21.07 25.06
CA GLU C 584 22.68 20.53 25.57
C GLU C 584 23.74 21.62 25.73
N LYS C 585 23.78 22.59 24.82
CA LYS C 585 24.68 23.75 24.92
C LYS C 585 24.24 24.91 24.05
N VAL C 586 24.92 26.03 24.21
CA VAL C 586 24.71 27.28 23.50
C VAL C 586 26.04 27.75 22.94
N VAL C 587 26.15 28.09 21.65
CA VAL C 587 27.43 28.34 20.95
C VAL C 587 27.35 29.47 19.92
N VAL C 588 28.47 30.14 19.62
CA VAL C 588 28.52 31.16 18.55
C VAL C 588 28.56 30.52 17.16
N SER C 589 27.83 31.11 16.21
CA SER C 589 27.49 30.48 14.93
C SER C 589 28.33 30.95 13.75
N ASN C 590 28.88 30.01 12.99
CA ASN C 590 29.49 30.25 11.69
C ASN C 590 28.52 29.99 10.51
N ARG C 591 27.27 29.79 10.83
CA ARG C 591 26.27 29.47 9.87
C ARG C 591 25.10 30.43 9.61
N LEU C 592 24.80 31.46 10.44
CA LEU C 592 23.76 32.49 10.30
C LEU C 592 24.28 33.84 9.79
N VAL C 593 23.39 34.66 9.20
CA VAL C 593 23.63 36.05 8.80
C VAL C 593 22.59 37.01 9.40
N THR C 594 21.31 36.70 9.24
CA THR C 594 20.18 37.60 9.54
C THR C 594 19.20 37.02 10.54
N SER C 595 19.18 35.71 10.77
CA SER C 595 18.52 35.17 11.96
C SER C 595 19.39 35.36 13.21
N PRO C 596 18.84 35.67 14.39
CA PRO C 596 19.63 35.79 15.60
C PRO C 596 20.11 34.44 16.13
N CYS C 597 19.32 33.37 16.00
CA CYS C 597 19.71 32.07 16.54
C CYS C 597 18.92 30.92 15.91
N CYS C 598 19.45 29.71 15.98
CA CYS C 598 18.76 28.50 15.51
C CYS C 598 19.14 27.26 16.31
N ILE C 599 18.22 26.32 16.49
CA ILE C 599 18.50 25.03 17.10
C ILE C 599 19.03 24.07 16.03
N VAL C 600 20.27 23.63 16.16
CA VAL C 600 20.82 22.48 15.44
C VAL C 600 20.84 21.26 16.36
N THR C 601 21.32 20.10 15.92
CA THR C 601 21.50 18.94 16.83
C THR C 601 22.91 18.38 16.82
N SER C 602 23.25 17.64 17.88
CA SER C 602 24.41 16.75 17.88
C SER C 602 24.39 15.78 16.69
N THR C 603 25.56 15.39 16.20
CA THR C 603 25.67 14.58 14.97
C THR C 603 25.10 13.18 15.11
N TYR C 604 25.26 12.53 16.27
CA TYR C 604 24.90 11.14 16.46
C TYR C 604 23.47 10.99 16.99
N GLY C 605 22.49 11.21 16.12
CA GLY C 605 21.07 11.01 16.40
C GLY C 605 20.17 11.60 15.32
N TRP C 606 18.86 11.48 15.54
CA TRP C 606 17.83 12.00 14.66
C TRP C 606 17.86 13.53 14.55
N THR C 607 17.88 14.05 13.33
CA THR C 607 17.73 15.49 13.03
C THR C 607 16.37 16.02 13.49
N ALA C 608 16.19 17.34 13.50
CA ALA C 608 14.89 17.96 13.74
C ALA C 608 13.78 17.39 12.84
N ASN C 609 14.08 17.13 11.55
CA ASN C 609 13.15 16.52 10.61
C ASN C 609 12.90 15.04 10.93
N MET C 610 13.96 14.27 11.21
CA MET C 610 13.81 12.86 11.51
C MET C 610 12.98 12.63 12.77
N GLU C 611 13.18 13.43 13.81
CA GLU C 611 12.45 13.29 15.06
C GLU C 611 10.95 13.48 14.86
N ARG C 612 10.53 14.49 14.09
CA ARG C 612 9.12 14.72 13.77
C ARG C 612 8.50 13.59 12.94
N ILE C 613 9.30 12.95 12.09
CA ILE C 613 8.88 11.81 11.28
C ILE C 613 8.73 10.57 12.16
N MET C 614 9.73 10.26 13.00
CA MET C 614 9.67 9.10 13.89
C MET C 614 8.55 9.23 14.92
N LYS C 615 8.30 10.42 15.47
CA LYS C 615 7.14 10.70 16.33
C LYS C 615 5.77 10.60 15.63
N ALA C 616 5.74 10.31 14.34
CA ALA C 616 4.53 10.08 13.55
C ALA C 616 4.42 8.67 12.95
N GLN C 617 5.42 7.79 13.14
CA GLN C 617 5.31 6.39 12.69
C GLN C 617 4.48 5.58 13.69
N ALA C 618 3.23 5.31 13.34
CA ALA C 618 2.21 4.82 14.27
C ALA C 618 2.56 3.52 15.00
N LEU C 619 3.28 2.61 14.34
CA LEU C 619 3.61 1.28 14.85
C LEU C 619 5.06 1.16 15.39
N ARG C 620 5.77 2.28 15.48
CA ARG C 620 7.13 2.26 15.98
C ARG C 620 7.18 2.27 17.54
N ASP C 621 8.07 1.47 18.14
CA ASP C 621 8.24 1.44 19.60
C ASP C 621 8.79 2.76 20.15
N ASN C 622 8.18 3.32 21.20
CA ASN C 622 8.64 4.57 21.81
C ASN C 622 10.02 4.47 22.48
N SER C 623 10.46 3.26 22.87
CA SER C 623 11.69 3.08 23.67
C SER C 623 12.97 3.54 22.96
N THR C 624 13.03 3.49 21.63
CA THR C 624 14.18 4.00 20.85
C THR C 624 14.18 5.53 20.75
N MET C 625 13.00 6.15 20.72
CA MET C 625 12.83 7.61 20.65
C MET C 625 13.45 8.31 21.87
N GLY C 626 13.44 7.64 23.02
CA GLY C 626 14.04 8.11 24.28
C GLY C 626 15.56 8.23 24.30
N TYR C 627 16.29 7.70 23.30
CA TYR C 627 17.74 7.86 23.19
C TYR C 627 18.26 8.19 21.78
N MET C 628 17.51 7.89 20.72
CA MET C 628 17.85 8.30 19.35
C MET C 628 17.55 9.78 19.06
N ALA C 629 16.62 10.40 19.78
CA ALA C 629 16.37 11.84 19.67
C ALA C 629 17.61 12.64 20.06
N ALA C 630 18.22 13.35 19.11
CA ALA C 630 19.50 14.02 19.28
C ALA C 630 19.41 15.23 20.22
N LYS C 631 20.58 15.64 20.74
CA LYS C 631 20.71 16.74 21.68
C LYS C 631 20.67 18.09 20.97
N LYS C 632 19.69 18.93 21.33
CA LYS C 632 19.49 20.27 20.74
C LYS C 632 20.64 21.20 21.14
N HIS C 633 21.35 21.79 20.20
CA HIS C 633 22.32 22.86 20.47
C HIS C 633 21.75 24.18 19.96
N LEU C 634 21.72 25.22 20.78
CA LEU C 634 21.38 26.56 20.28
C LEU C 634 22.62 27.20 19.66
N GLU C 635 22.55 27.64 18.41
CA GLU C 635 23.55 28.53 17.85
C GLU C 635 23.10 30.00 17.95
N ILE C 636 24.04 30.91 18.22
CA ILE C 636 23.86 32.36 18.33
C ILE C 636 24.60 33.05 17.17
N ASN C 637 23.92 33.91 16.42
CA ASN C 637 24.55 34.82 15.47
C ASN C 637 25.28 35.96 16.21
N PRO C 638 26.60 36.12 16.06
CA PRO C 638 27.35 37.11 16.82
C PRO C 638 27.12 38.57 16.38
N ASP C 639 26.45 38.82 15.26
CA ASP C 639 26.30 40.16 14.67
C ASP C 639 24.84 40.62 14.58
N HIS C 640 23.88 39.83 15.07
CA HIS C 640 22.48 40.23 15.13
C HIS C 640 22.26 41.27 16.22
N SER C 641 21.55 42.36 15.94
CA SER C 641 21.36 43.45 16.89
C SER C 641 20.59 43.05 18.15
N ILE C 642 19.70 42.04 18.08
CA ILE C 642 19.06 41.45 19.26
C ILE C 642 20.10 40.80 20.16
N ILE C 643 21.09 40.12 19.58
CA ILE C 643 22.12 39.38 20.30
C ILE C 643 23.18 40.30 20.87
N GLU C 644 23.65 41.30 20.14
CA GLU C 644 24.56 42.28 20.74
C GLU C 644 23.87 43.05 21.87
N THR C 645 22.59 43.41 21.72
CA THR C 645 21.83 44.01 22.82
C THR C 645 21.67 43.05 23.99
N LEU C 646 21.36 41.79 23.72
CA LEU C 646 21.28 40.75 24.76
C LEU C 646 22.62 40.52 25.46
N ARG C 647 23.72 40.81 24.76
CA ARG C 647 25.05 40.75 25.36
C ARG C 647 25.18 41.92 26.35
N GLN C 648 24.87 43.14 25.88
CA GLN C 648 24.90 44.33 26.75
C GLN C 648 23.99 44.21 27.97
N LYS C 649 22.81 43.56 27.83
CA LYS C 649 21.94 43.20 28.96
C LYS C 649 22.60 42.17 29.89
N ALA C 650 23.13 41.08 29.34
CA ALA C 650 23.68 39.98 30.13
C ALA C 650 24.97 40.36 30.88
N GLU C 651 25.80 41.23 30.30
CA GLU C 651 26.97 41.80 30.99
C GLU C 651 26.60 42.81 32.09
N ALA C 652 25.40 43.39 32.06
CA ALA C 652 24.89 44.24 33.14
C ALA C 652 24.34 43.41 34.31
N ASP C 653 23.50 42.41 34.03
CA ASP C 653 22.88 41.55 35.06
C ASP C 653 22.56 40.14 34.54
N LYS C 654 23.25 39.14 35.09
CA LYS C 654 23.07 37.71 34.79
C LYS C 654 21.65 37.18 35.05
N ASN C 655 20.96 37.77 36.04
CA ASN C 655 19.71 37.25 36.60
C ASN C 655 18.48 38.11 36.25
N ASP C 656 18.62 39.04 35.32
CA ASP C 656 17.57 40.00 34.95
C ASP C 656 16.31 39.28 34.42
N LYS C 657 15.14 39.56 35.00
CA LYS C 657 13.87 38.95 34.57
C LYS C 657 13.54 39.21 33.09
N SER C 658 13.99 40.33 32.54
CA SER C 658 13.84 40.64 31.11
C SER C 658 14.78 39.78 30.25
N VAL C 659 16.00 39.48 30.71
CA VAL C 659 16.91 38.54 30.03
C VAL C 659 16.36 37.12 30.09
N LYS C 660 15.84 36.70 31.25
CA LYS C 660 15.30 35.36 31.42
C LYS C 660 14.14 35.09 30.46
N ASP C 661 13.16 36.00 30.38
CA ASP C 661 12.01 35.81 29.48
C ASP C 661 12.35 36.01 27.99
N LEU C 662 13.29 36.90 27.67
CA LEU C 662 13.78 37.07 26.30
C LEU C 662 14.55 35.85 25.81
N VAL C 663 15.43 35.27 26.62
CA VAL C 663 16.24 34.13 26.19
C VAL C 663 15.39 32.89 25.96
N ILE C 664 14.39 32.64 26.80
CA ILE C 664 13.47 31.51 26.55
C ILE C 664 12.53 31.79 25.35
N LEU C 665 12.21 33.06 25.05
CA LEU C 665 11.47 33.43 23.83
C LEU C 665 12.29 33.21 22.56
N LEU C 666 13.58 33.54 22.57
CA LEU C 666 14.49 33.26 21.47
C LEU C 666 14.67 31.75 21.28
N TYR C 667 14.76 30.97 22.36
CA TYR C 667 14.77 29.51 22.25
C TYR C 667 13.48 28.97 21.62
N GLU C 668 12.30 29.38 22.07
CA GLU C 668 11.05 28.88 21.47
C GLU C 668 10.92 29.30 20.00
N THR C 669 11.28 30.54 19.66
CA THR C 669 11.28 31.00 18.26
C THR C 669 12.27 30.19 17.42
N ALA C 670 13.44 29.86 17.98
CA ALA C 670 14.41 29.00 17.31
C ALA C 670 13.91 27.55 17.16
N LEU C 671 13.17 26.97 18.11
CA LEU C 671 12.59 25.64 17.95
C LEU C 671 11.64 25.59 16.74
N LEU C 672 10.75 26.57 16.63
CA LEU C 672 9.82 26.67 15.52
C LEU C 672 10.54 26.91 14.20
N SER C 673 11.48 27.85 14.14
CA SER C 673 12.23 28.15 12.93
C SER C 673 13.08 26.95 12.47
N SER C 674 13.64 26.19 13.41
CA SER C 674 14.41 24.96 13.15
C SER C 674 13.56 23.71 12.87
N GLY C 675 12.25 23.78 13.00
CA GLY C 675 11.34 22.71 12.57
C GLY C 675 11.04 21.64 13.61
N PHE C 676 11.42 21.85 14.86
CA PHE C 676 10.90 21.09 15.99
C PHE C 676 9.45 21.51 16.31
N SER C 677 8.73 20.72 17.09
CA SER C 677 7.57 21.24 17.84
C SER C 677 8.00 21.67 19.25
N LEU C 678 7.22 22.55 19.88
CA LEU C 678 7.41 22.96 21.26
C LEU C 678 6.90 21.88 22.21
N GLU C 679 7.49 21.72 23.40
CA GLU C 679 6.99 20.79 24.42
C GLU C 679 5.59 21.21 24.94
N ASP C 680 5.34 22.51 24.97
CA ASP C 680 4.01 23.09 25.16
C ASP C 680 3.87 24.38 24.32
N PRO C 681 3.14 24.36 23.20
CA PRO C 681 2.81 25.55 22.44
C PRO C 681 2.01 26.61 23.19
N GLN C 682 1.14 26.24 24.14
CA GLN C 682 0.28 27.22 24.82
C GLN C 682 1.09 28.22 25.66
N THR C 683 2.12 27.75 26.36
CA THR C 683 3.03 28.62 27.12
C THR C 683 3.87 29.54 26.23
N HIS C 684 4.09 29.18 24.96
CA HIS C 684 4.65 30.10 23.96
C HIS C 684 3.61 31.10 23.44
N ALA C 685 2.43 30.63 23.04
CA ALA C 685 1.36 31.51 22.60
C ALA C 685 1.03 32.58 23.66
N ASN C 686 1.00 32.24 24.95
CA ASN C 686 0.82 33.21 26.02
C ASN C 686 1.91 34.30 26.11
N ARG C 687 3.01 34.18 25.37
CA ARG C 687 4.00 35.24 25.28
C ARG C 687 3.59 36.19 24.12
N ILE C 688 3.23 35.63 22.97
CA ILE C 688 2.81 36.43 21.81
C ILE C 688 1.50 37.16 22.12
N TYR C 689 0.53 36.52 22.77
CA TYR C 689 -0.68 37.22 23.21
C TYR C 689 -0.41 38.35 24.22
N ARG C 690 0.70 38.33 24.95
CA ARG C 690 1.10 39.46 25.79
C ARG C 690 1.79 40.58 25.00
N MET C 691 2.61 40.25 24.00
CA MET C 691 3.14 41.23 23.04
C MET C 691 2.01 41.89 22.23
N ILE C 692 0.98 41.13 21.85
CA ILE C 692 -0.21 41.62 21.15
C ILE C 692 -1.08 42.48 22.06
N LYS C 693 -1.25 42.16 23.35
CA LYS C 693 -1.93 43.08 24.27
C LYS C 693 -1.25 44.45 24.29
N LEU C 694 0.08 44.51 24.27
CA LEU C 694 0.76 45.80 24.11
C LEU C 694 0.56 46.40 22.71
N GLY C 695 0.68 45.61 21.65
CA GLY C 695 0.47 46.05 20.26
C GLY C 695 -0.89 46.69 20.01
N LEU C 696 -1.94 46.17 20.64
CA LEU C 696 -3.30 46.76 20.64
C LEU C 696 -3.46 47.91 21.65
N GLY C 697 -2.65 47.97 22.70
CA GLY C 697 -2.74 48.98 23.75
C GLY C 697 -3.77 48.63 24.82
N ILE C 698 -3.70 47.41 25.35
CA ILE C 698 -4.53 46.86 26.44
C ILE C 698 -3.77 46.96 27.77
N MET D 1 22.18 -46.70 -29.30
CA MET D 1 20.92 -46.56 -30.03
C MET D 1 20.29 -45.18 -29.84
N GLN D 2 20.37 -44.62 -28.64
CA GLN D 2 19.82 -43.31 -28.26
C GLN D 2 20.53 -42.80 -26.99
N PRO D 3 20.86 -41.51 -26.88
CA PRO D 3 21.38 -40.91 -25.65
C PRO D 3 20.51 -41.21 -24.42
N ALA D 4 21.15 -41.56 -23.30
CA ALA D 4 20.49 -41.66 -22.01
C ALA D 4 20.09 -40.27 -21.50
N SER D 5 18.95 -40.18 -20.80
CA SER D 5 18.52 -38.95 -20.14
C SER D 5 19.49 -38.59 -19.01
N ALA D 6 19.95 -37.34 -18.98
CA ALA D 6 21.03 -36.88 -18.13
C ALA D 6 20.69 -35.55 -17.42
N LYS D 7 21.06 -35.45 -16.15
CA LYS D 7 20.94 -34.25 -15.32
C LYS D 7 22.35 -33.75 -14.96
N TRP D 8 22.62 -32.44 -14.98
CA TRP D 8 24.01 -31.95 -14.80
C TRP D 8 24.13 -30.65 -13.96
N TYR D 9 25.31 -30.45 -13.35
CA TYR D 9 25.59 -29.26 -12.52
C TYR D 9 27.12 -29.12 -12.30
N ASP D 10 27.56 -28.01 -11.68
CA ASP D 10 28.97 -27.82 -11.37
C ASP D 10 29.25 -27.23 -9.97
N ARG D 11 30.54 -27.23 -9.62
CA ARG D 11 31.18 -26.58 -8.48
C ARG D 11 32.49 -25.93 -8.97
N ARG D 12 33.21 -25.20 -8.12
CA ARG D 12 34.43 -24.47 -8.52
C ARG D 12 35.46 -25.34 -9.25
N ASP D 13 35.62 -26.57 -8.79
CA ASP D 13 36.59 -27.55 -9.35
C ASP D 13 36.00 -28.59 -10.32
N TYR D 14 34.72 -28.95 -10.22
CA TYR D 14 34.16 -30.12 -10.91
C TYR D 14 32.86 -29.82 -11.66
N VAL D 15 32.64 -30.51 -12.77
CA VAL D 15 31.35 -30.59 -13.49
C VAL D 15 30.78 -32.00 -13.31
N PHE D 16 29.54 -32.12 -12.86
CA PHE D 16 28.89 -33.37 -12.52
C PHE D 16 27.76 -33.70 -13.50
N ILE D 17 27.69 -34.95 -13.97
CA ILE D 17 26.65 -35.44 -14.89
C ILE D 17 26.08 -36.75 -14.36
N GLU D 18 24.78 -36.81 -14.09
CA GLU D 18 24.10 -38.03 -13.66
C GLU D 18 23.22 -38.58 -14.80
N PHE D 19 23.57 -39.75 -15.32
CA PHE D 19 22.81 -40.47 -16.34
C PHE D 19 21.79 -41.37 -15.63
N CYS D 20 20.50 -41.09 -15.85
CA CYS D 20 19.40 -41.65 -15.05
C CYS D 20 18.97 -43.06 -15.50
N VAL D 21 19.93 -43.98 -15.63
CA VAL D 21 19.70 -45.35 -16.10
C VAL D 21 19.57 -46.32 -14.92
N GLU D 22 18.33 -46.50 -14.45
CA GLU D 22 17.99 -47.41 -13.36
C GLU D 22 18.28 -48.89 -13.72
N ASP D 23 18.83 -49.62 -12.75
CA ASP D 23 19.37 -50.98 -12.84
C ASP D 23 20.31 -51.22 -14.04
N SER D 24 21.05 -50.18 -14.43
CA SER D 24 22.01 -50.17 -15.54
C SER D 24 23.02 -51.32 -15.52
N LYS D 25 23.43 -51.77 -16.71
CA LYS D 25 24.41 -52.85 -16.94
C LYS D 25 25.46 -52.41 -17.96
N ASP D 26 26.62 -53.06 -17.94
CA ASP D 26 27.72 -52.87 -18.90
C ASP D 26 28.14 -51.40 -19.12
N VAL D 27 28.10 -50.61 -18.03
CA VAL D 27 28.42 -49.18 -18.01
C VAL D 27 29.89 -48.95 -18.35
N ASN D 28 30.15 -48.12 -19.37
CA ASN D 28 31.47 -47.69 -19.79
C ASN D 28 31.51 -46.17 -19.92
N VAL D 29 32.59 -45.55 -19.43
CA VAL D 29 32.85 -44.11 -19.54
C VAL D 29 34.28 -43.88 -20.00
N ASN D 30 34.48 -42.99 -20.97
CA ASN D 30 35.78 -42.54 -21.45
C ASN D 30 35.93 -41.03 -21.24
N PHE D 31 36.98 -40.64 -20.51
CA PHE D 31 37.35 -39.23 -20.28
C PHE D 31 38.55 -38.86 -21.16
N GLU D 32 38.46 -37.75 -21.89
CA GLU D 32 39.52 -37.16 -22.71
C GLU D 32 39.50 -35.63 -22.54
N LYS D 33 40.60 -34.93 -22.82
CA LYS D 33 40.78 -33.51 -22.46
C LYS D 33 39.61 -32.60 -22.86
N SER D 34 39.02 -32.81 -24.03
CA SER D 34 37.94 -32.01 -24.61
C SER D 34 36.60 -32.76 -24.78
N LYS D 35 36.49 -34.02 -24.34
CA LYS D 35 35.30 -34.85 -24.61
C LYS D 35 35.03 -35.89 -23.52
N LEU D 36 33.75 -36.13 -23.25
CA LEU D 36 33.24 -37.29 -22.50
C LEU D 36 32.45 -38.21 -23.43
N THR D 37 32.67 -39.51 -23.34
CA THR D 37 31.80 -40.52 -23.98
C THR D 37 31.29 -41.52 -22.95
N PHE D 38 29.99 -41.79 -22.97
CA PHE D 38 29.28 -42.67 -22.03
C PHE D 38 28.45 -43.67 -22.82
N SER D 39 28.43 -44.94 -22.39
CA SER D 39 27.53 -45.96 -22.95
C SER D 39 27.18 -47.03 -21.90
N CYS D 40 26.01 -47.66 -22.04
CA CYS D 40 25.51 -48.70 -21.13
C CYS D 40 24.31 -49.46 -21.73
N LEU D 41 23.88 -50.55 -21.09
CA LEU D 41 22.59 -51.19 -21.34
C LEU D 41 21.58 -50.82 -20.24
N GLY D 42 20.36 -50.45 -20.63
CA GLY D 42 19.28 -50.10 -19.71
C GLY D 42 18.73 -51.29 -18.92
N GLY D 43 18.47 -51.11 -17.62
CA GLY D 43 18.12 -52.21 -16.72
C GLY D 43 16.75 -52.86 -16.97
N SER D 44 15.79 -52.12 -17.52
CA SER D 44 14.44 -52.61 -17.81
C SER D 44 14.38 -53.56 -19.02
N ASP D 45 15.30 -53.45 -19.99
CA ASP D 45 15.11 -54.01 -21.34
C ASP D 45 16.40 -54.28 -22.15
N ASN D 46 17.58 -53.99 -21.60
CA ASN D 46 18.89 -54.02 -22.29
C ASN D 46 19.01 -53.13 -23.54
N PHE D 47 18.21 -52.07 -23.66
CA PHE D 47 18.39 -51.03 -24.69
C PHE D 47 19.77 -50.35 -24.53
N LYS D 48 20.59 -50.29 -25.59
CA LYS D 48 21.94 -49.71 -25.52
C LYS D 48 21.91 -48.18 -25.65
N HIS D 49 22.33 -47.48 -24.60
CA HIS D 49 22.54 -46.03 -24.65
C HIS D 49 23.95 -45.65 -25.11
N LEU D 50 24.06 -44.48 -25.72
CA LEU D 50 25.32 -43.85 -26.11
C LEU D 50 25.17 -42.33 -26.07
N ASN D 51 25.93 -41.66 -25.21
CA ASN D 51 26.03 -40.21 -25.15
C ASN D 51 27.47 -39.79 -25.49
N GLU D 52 27.63 -38.93 -26.50
CA GLU D 52 28.89 -38.24 -26.78
C GLU D 52 28.75 -36.75 -26.46
N ILE D 53 29.66 -36.22 -25.66
CA ILE D 53 29.59 -34.87 -25.09
C ILE D 53 30.92 -34.17 -25.36
N ASP D 54 30.98 -33.41 -26.44
CA ASP D 54 32.11 -32.53 -26.79
C ASP D 54 32.06 -31.28 -25.89
N LEU D 55 32.93 -31.22 -24.88
CA LEU D 55 32.74 -30.41 -23.67
C LEU D 55 32.98 -28.90 -23.88
N PHE D 56 32.23 -28.07 -23.15
CA PHE D 56 32.31 -26.59 -23.18
C PHE D 56 33.72 -26.04 -22.91
N HIS D 57 34.46 -26.65 -21.98
CA HIS D 57 35.85 -26.31 -21.67
C HIS D 57 36.65 -27.59 -21.36
N CYS D 58 37.98 -27.50 -21.34
CA CYS D 58 38.83 -28.65 -21.03
C CYS D 58 38.57 -29.26 -19.64
N ILE D 59 38.91 -30.53 -19.49
CA ILE D 59 38.83 -31.33 -18.26
C ILE D 59 40.12 -32.14 -18.05
N ASP D 60 40.33 -32.64 -16.84
CA ASP D 60 41.45 -33.54 -16.51
C ASP D 60 41.00 -35.00 -16.32
N PRO D 61 41.25 -35.91 -17.29
CA PRO D 61 41.01 -37.35 -17.14
C PRO D 61 41.71 -38.00 -15.93
N ASN D 62 42.81 -37.43 -15.44
CA ASN D 62 43.59 -38.00 -14.33
C ASN D 62 42.94 -37.76 -12.95
N ASP D 63 41.94 -36.87 -12.87
CA ASP D 63 41.18 -36.59 -11.64
C ASP D 63 39.64 -36.69 -11.83
N SER D 64 39.18 -36.95 -13.05
CA SER D 64 37.78 -37.29 -13.36
C SER D 64 37.47 -38.76 -13.01
N LYS D 65 36.22 -39.05 -12.64
CA LYS D 65 35.77 -40.37 -12.14
C LYS D 65 34.31 -40.66 -12.49
N HIS D 66 33.90 -41.93 -12.46
CA HIS D 66 32.49 -42.31 -12.53
C HIS D 66 32.13 -43.42 -11.53
N LYS D 67 30.85 -43.48 -11.14
CA LYS D 67 30.28 -44.46 -10.23
C LYS D 67 28.93 -44.96 -10.74
N ARG D 68 28.66 -46.27 -10.63
CA ARG D 68 27.39 -46.91 -10.98
C ARG D 68 26.62 -47.31 -9.72
N THR D 69 25.32 -47.08 -9.70
CA THR D 69 24.39 -47.50 -8.64
C THR D 69 23.17 -48.18 -9.27
N ASP D 70 22.36 -48.88 -8.48
CA ASP D 70 21.09 -49.45 -8.99
C ASP D 70 20.09 -48.37 -9.48
N ARG D 71 20.33 -47.08 -9.23
CA ARG D 71 19.47 -45.96 -9.71
C ARG D 71 20.05 -45.17 -10.88
N SER D 72 21.35 -44.91 -10.89
CA SER D 72 21.98 -44.00 -11.84
C SER D 72 23.50 -44.17 -11.94
N ILE D 73 24.09 -43.58 -12.98
CA ILE D 73 25.54 -43.44 -13.14
C ILE D 73 25.89 -41.97 -12.93
N LEU D 74 26.83 -41.67 -12.04
CA LEU D 74 27.34 -40.31 -11.84
C LEU D 74 28.75 -40.22 -12.42
N CYS D 75 29.01 -39.23 -13.27
CA CYS D 75 30.35 -38.81 -13.69
C CYS D 75 30.72 -37.49 -13.02
N CYS D 76 31.91 -37.43 -12.45
CA CYS D 76 32.53 -36.21 -11.93
C CYS D 76 33.69 -35.87 -12.86
N LEU D 77 33.67 -34.69 -13.49
CA LEU D 77 34.70 -34.24 -14.42
C LEU D 77 35.49 -33.13 -13.74
N ARG D 78 36.82 -33.27 -13.71
CA ARG D 78 37.66 -32.26 -13.13
C ARG D 78 37.87 -31.12 -14.14
N LYS D 79 37.48 -29.90 -13.78
CA LYS D 79 37.68 -28.76 -14.69
C LYS D 79 39.18 -28.56 -14.98
N GLY D 80 39.52 -28.31 -16.24
CA GLY D 80 40.88 -27.97 -16.66
C GLY D 80 41.39 -26.66 -16.05
N GLU D 81 40.49 -25.73 -15.74
CA GLU D 81 40.76 -24.56 -14.90
C GLU D 81 39.69 -24.42 -13.81
N SER D 82 40.07 -24.58 -12.54
CA SER D 82 39.18 -24.29 -11.42
C SER D 82 38.74 -22.82 -11.43
N GLY D 83 37.49 -22.55 -11.06
CA GLY D 83 36.90 -21.22 -11.15
C GLY D 83 36.36 -20.84 -12.53
N GLN D 84 36.53 -21.67 -13.57
CA GLN D 84 35.78 -21.52 -14.82
C GLN D 84 34.30 -21.79 -14.55
N SER D 85 33.43 -20.81 -14.81
CA SER D 85 31.99 -21.04 -14.85
C SER D 85 31.60 -21.75 -16.15
N TRP D 86 30.70 -22.73 -16.07
CA TRP D 86 30.20 -23.42 -17.25
C TRP D 86 28.75 -22.97 -17.49
N PRO D 87 28.45 -22.22 -18.56
CA PRO D 87 27.10 -21.81 -18.90
C PRO D 87 26.31 -22.93 -19.60
N ARG D 88 27.01 -23.94 -20.14
CA ARG D 88 26.46 -25.10 -20.85
C ARG D 88 27.46 -26.26 -20.77
N LEU D 89 27.01 -27.49 -20.99
CA LEU D 89 27.90 -28.65 -20.88
C LEU D 89 28.80 -28.86 -22.11
N THR D 90 28.40 -28.35 -23.28
CA THR D 90 29.04 -28.64 -24.57
C THR D 90 29.62 -27.40 -25.22
N LYS D 91 30.67 -27.58 -26.05
CA LYS D 91 31.27 -26.46 -26.79
C LYS D 91 30.26 -25.74 -27.70
N GLU D 92 29.29 -26.47 -28.25
CA GLU D 92 28.23 -25.94 -29.10
C GLU D 92 27.03 -25.40 -28.31
N ARG D 93 26.25 -24.53 -28.94
CA ARG D 93 25.01 -24.03 -28.34
C ARG D 93 23.81 -24.96 -28.67
N ALA D 94 24.08 -26.26 -28.75
CA ALA D 94 23.08 -27.29 -29.07
C ALA D 94 22.09 -27.52 -27.90
N LYS D 95 20.78 -27.45 -28.19
CA LYS D 95 19.69 -27.74 -27.24
C LYS D 95 19.42 -29.25 -27.14
N LEU D 96 20.34 -29.98 -26.51
CA LEU D 96 20.26 -31.44 -26.34
C LEU D 96 19.04 -31.85 -25.47
N ASN D 97 17.99 -32.37 -26.10
CA ASN D 97 16.67 -32.55 -25.45
C ASN D 97 16.67 -33.51 -24.24
N TRP D 98 17.58 -34.48 -24.22
CA TRP D 98 17.80 -35.43 -23.13
C TRP D 98 18.58 -34.86 -21.93
N LEU D 99 19.14 -33.65 -22.05
CA LEU D 99 20.02 -33.03 -21.05
C LEU D 99 19.35 -31.82 -20.39
N SER D 100 19.41 -31.73 -19.06
CA SER D 100 18.96 -30.53 -18.32
C SER D 100 19.74 -30.36 -17.01
N VAL D 101 19.69 -29.15 -16.43
CA VAL D 101 20.39 -28.86 -15.16
C VAL D 101 19.72 -29.55 -13.98
N ASP D 102 20.51 -30.14 -13.08
CA ASP D 102 20.05 -30.88 -11.91
C ASP D 102 19.76 -29.95 -10.71
N PHE D 103 18.66 -29.21 -10.73
CA PHE D 103 18.35 -28.25 -9.67
C PHE D 103 18.08 -28.83 -8.26
N ASN D 104 18.24 -30.14 -8.06
CA ASN D 104 18.38 -30.72 -6.72
C ASN D 104 19.75 -30.40 -6.05
N ASN D 105 20.78 -30.03 -6.82
CA ASN D 105 22.15 -29.84 -6.31
C ASN D 105 22.94 -28.73 -7.04
N TRP D 106 22.40 -28.13 -8.11
CA TRP D 106 22.87 -26.83 -8.60
C TRP D 106 22.86 -25.76 -7.49
N LYS D 107 23.91 -24.94 -7.48
CA LYS D 107 24.11 -23.75 -6.63
C LYS D 107 24.97 -22.75 -7.40
N ASP D 108 24.73 -21.46 -7.25
CA ASP D 108 25.58 -20.41 -7.82
C ASP D 108 26.84 -20.22 -6.95
N TRP D 109 27.78 -21.15 -7.07
CA TRP D 109 29.01 -21.21 -6.27
C TRP D 109 30.02 -20.09 -6.59
N GLU D 110 29.90 -19.41 -7.73
CA GLU D 110 30.97 -18.61 -8.35
C GLU D 110 31.60 -17.55 -7.46
PG ANP E . 3.37 -41.10 5.39
O1G ANP E . 4.08 -40.94 4.10
O2G ANP E . 4.35 -40.72 6.55
O3G ANP E . 2.14 -40.15 5.49
PB ANP E . 3.75 -43.79 5.80
O1B ANP E . 3.07 -45.06 5.97
O2B ANP E . 4.53 -43.42 7.04
N3B ANP E . 2.64 -42.61 5.53
PA ANP E . 6.07 -44.63 4.61
O1A ANP E . 7.03 -43.87 5.41
O2A ANP E . 6.48 -44.75 3.18
O3A ANP E . 4.70 -43.94 4.62
O5' ANP E . 5.94 -46.05 5.23
C5' ANP E . 5.07 -47.10 4.75
C4' ANP E . 4.95 -48.08 5.87
O4' ANP E . 6.24 -48.60 6.22
C3' ANP E . 4.50 -47.54 7.23
O3' ANP E . 3.13 -47.23 7.18
C2' ANP E . 4.86 -48.71 8.14
O2' ANP E . 3.96 -49.80 7.96
C1' ANP E . 6.23 -49.06 7.56
N9 ANP E . 7.39 -48.51 8.29
C8 ANP E . 8.27 -47.52 7.89
N7 ANP E . 9.21 -47.25 8.74
C5 ANP E . 8.95 -48.09 9.80
C6 ANP E . 9.59 -48.30 11.07
N6 ANP E . 10.68 -47.63 11.43
N1 ANP E . 9.08 -49.24 11.95
C2 ANP E . 7.95 -49.94 11.58
N3 ANP E . 7.26 -49.81 10.40
C4 ANP E . 7.81 -48.87 9.54
PG ANP F . 2.40 -33.29 -17.12
O1G ANP F . 1.77 -34.00 -15.99
O2G ANP F . 1.40 -32.24 -17.68
O3G ANP F . 3.70 -32.54 -16.70
PB ANP F . 1.78 -35.00 -19.17
O1B ANP F . 2.32 -35.95 -20.14
O2B ANP F . 1.09 -33.81 -19.83
N3B ANP F . 2.99 -34.40 -18.25
PA ANP F . -0.72 -36.11 -18.73
O1A ANP F . -1.48 -34.89 -18.97
O2A ANP F . -1.26 -36.97 -17.63
O3A ANP F . 0.73 -35.76 -18.32
O5' ANP F . -0.68 -36.94 -20.04
C5' ANP F . 0.05 -38.17 -20.23
C4' ANP F . 0.16 -38.34 -21.71
O4' ANP F . -1.16 -38.41 -22.28
C3' ANP F . 0.77 -37.20 -22.51
O3' ANP F . 2.18 -37.16 -22.36
C2' ANP F . 0.33 -37.59 -23.92
O2' ANP F . 1.07 -38.72 -24.38
C1' ANP F . -1.12 -38.02 -23.65
N9 ANP F . -2.16 -37.00 -23.91
C8 ANP F . -2.99 -36.36 -23.02
N7 ANP F . -3.83 -35.51 -23.54
C5 ANP F . -3.54 -35.57 -24.88
C6 ANP F . -4.11 -34.88 -26.03
N6 ANP F . -5.07 -33.96 -25.91
N1 ANP F . -3.61 -35.16 -27.29
C2 ANP F . -2.60 -36.09 -27.41
N3 ANP F . -1.98 -36.78 -26.40
C4 ANP F . -2.50 -36.49 -25.14
#